data_2VRK
#
_entry.id   2VRK
#
_cell.length_a   158.000
_cell.length_b   158.000
_cell.length_c   380.000
_cell.angle_alpha   90.00
_cell.angle_beta   90.00
_cell.angle_gamma   120.00
#
_symmetry.space_group_name_H-M   'P 65 2 2'
#
loop_
_entity.id
_entity.type
_entity.pdbx_description
1 polymer ALPHA-L-ARABINOFURANOSIDASE
2 non-polymer 'PHOSPHATE ION'
3 water water
#
_entity_poly.entity_id   1
_entity_poly.type   'polypeptide(L)'
_entity_poly.pdbx_seq_one_letter_code
;(MSE)NVASRVVVNADRVKGTINRNIYGHFSEHLGRCIYEGLWVGEDSPIPNTNGIRNDVLEALKQ(MSE)KIPVLRWPG
GCFADEYHWKDGVGPREKRKR(MSE)VNTHWGGVIENNHFGTHEF(MSE)(MSE)LCELLGCEPYISGNVGSGTVQE
(MSE)SEWVEYITFDGESP(MSE)ANWRRENGREKPWRIKYWGVGNENWGCGGN(MSE)RAEYYADLYRQFQTYLRNYGD
NKLHKIACGANTADYHWTEVL(MSE)KQAAPF(MSE)HGLSLHYYTVPGPWEKKGPATGFTTDEWWVTLKKALF(MSE)D
RLVTKHSAI(MSE)DVYDPDKRIDLIVDEWGTWYDVEPGTNPGFLYQQNSIRDALVAGATLHIFHRHCDRVR(MSE)ANI
AQLVNVLQSVILTEGER(MSE)LLTPTYHVFN(MSE)FKVHQDAELLDTWESVERTGPEGELPKVSVSASRAADGKIHIS
LCNLDFETGASVDIELRGLNGGVSATGTTLTSGRIDGHNTFDEPERVKPAPFRDFKLEGGHLNASLPP(MSE)SVTVLEL
TAG
;
_entity_poly.pdbx_strand_id   A,B,C
#
loop_
_chem_comp.id
_chem_comp.type
_chem_comp.name
_chem_comp.formula
PO4 non-polymer 'PHOSPHATE ION' 'O4 P -3'
#
# COMPACT_ATOMS: atom_id res chain seq x y z
N ALA A 4 -43.29 -41.60 4.14
CA ALA A 4 -43.22 -40.31 4.82
C ALA A 4 -41.82 -40.03 5.35
N SER A 5 -41.42 -38.76 5.34
CA SER A 5 -40.20 -38.35 6.01
C SER A 5 -40.40 -38.48 7.52
N ARG A 6 -39.33 -38.81 8.22
CA ARG A 6 -39.43 -38.97 9.65
C ARG A 6 -38.49 -38.03 10.38
N VAL A 7 -38.97 -37.42 11.46
CA VAL A 7 -38.17 -36.47 12.22
C VAL A 7 -38.37 -36.70 13.70
N VAL A 8 -37.28 -36.78 14.45
CA VAL A 8 -37.38 -36.85 15.89
C VAL A 8 -36.82 -35.55 16.47
N VAL A 9 -37.63 -34.84 17.24
CA VAL A 9 -37.18 -33.65 17.92
C VAL A 9 -36.93 -33.91 19.40
N ASN A 10 -35.69 -33.71 19.82
CA ASN A 10 -35.34 -33.84 21.22
C ASN A 10 -35.32 -32.48 21.89
N ALA A 11 -36.48 -32.10 22.42
CA ALA A 11 -36.71 -30.77 22.99
C ALA A 11 -35.91 -30.52 24.26
N ASP A 12 -35.44 -31.59 24.90
CA ASP A 12 -34.63 -31.45 26.09
C ASP A 12 -33.14 -31.36 25.76
N ARG A 13 -32.81 -31.37 24.46
CA ARG A 13 -31.42 -31.38 24.03
C ARG A 13 -31.08 -30.16 23.14
N VAL A 14 -30.38 -29.20 23.71
CA VAL A 14 -30.03 -27.96 23.00
C VAL A 14 -28.67 -28.06 22.30
N LYS A 15 -28.63 -27.67 21.03
CA LYS A 15 -27.42 -27.80 20.22
C LYS A 15 -26.64 -26.50 20.09
N GLY A 16 -27.24 -25.40 20.53
CA GLY A 16 -26.61 -24.10 20.43
C GLY A 16 -27.65 -23.01 20.22
N THR A 17 -27.18 -21.79 20.00
CA THR A 17 -28.08 -20.65 19.82
C THR A 17 -27.98 -20.13 18.40
N ILE A 18 -29.13 -19.94 17.77
CA ILE A 18 -29.20 -19.36 16.44
C ILE A 18 -29.07 -17.85 16.57
N ASN A 19 -27.88 -17.31 16.26
CA ASN A 19 -27.69 -15.88 16.37
C ASN A 19 -28.70 -15.13 15.52
N ARG A 20 -29.39 -14.15 16.09
CA ARG A 20 -30.39 -13.42 15.31
C ARG A 20 -29.81 -12.79 14.03
N ASN A 21 -28.50 -12.50 14.02
CA ASN A 21 -27.87 -11.88 12.85
C ASN A 21 -27.79 -12.78 11.62
N ILE A 22 -28.07 -14.06 11.81
CA ILE A 22 -28.24 -14.97 10.67
C ILE A 22 -29.35 -14.46 9.75
N TYR A 23 -30.24 -13.64 10.29
CA TYR A 23 -31.40 -13.09 9.57
C TYR A 23 -31.10 -11.70 9.01
N GLY A 24 -29.82 -11.41 8.83
CA GLY A 24 -29.36 -10.12 8.36
C GLY A 24 -29.62 -9.77 6.90
N HIS A 25 -29.45 -8.50 6.60
CA HIS A 25 -29.71 -7.97 5.28
C HIS A 25 -28.58 -7.05 4.83
N PHE A 26 -28.65 -6.63 3.57
CA PHE A 26 -27.54 -5.98 2.90
C PHE A 26 -28.07 -5.02 1.85
N SER A 27 -27.67 -3.75 1.92
CA SER A 27 -28.13 -2.78 0.94
C SER A 27 -26.97 -1.93 0.43
N GLU A 28 -26.69 -2.08 -0.85
CA GLU A 28 -25.64 -1.33 -1.53
C GLU A 28 -26.26 -0.13 -2.24
N HIS A 29 -25.48 0.94 -2.42
CA HIS A 29 -25.83 2.01 -3.37
C HIS A 29 -25.75 1.49 -4.79
N LEU A 30 -26.81 0.83 -5.21
CA LEU A 30 -26.90 0.21 -6.51
C LEU A 30 -28.37 0.22 -6.97
N GLY A 31 -28.59 0.47 -8.25
CA GLY A 31 -29.95 0.53 -8.76
C GLY A 31 -30.86 1.33 -7.84
N ARG A 32 -31.99 0.72 -7.43
CA ARG A 32 -32.95 1.43 -6.60
C ARG A 32 -33.03 0.85 -5.20
N CYS A 33 -31.90 0.33 -4.71
CA CYS A 33 -31.90 -0.21 -3.37
C CYS A 33 -31.96 0.91 -2.33
N ILE A 34 -31.03 1.86 -2.41
CA ILE A 34 -31.02 2.97 -1.46
C ILE A 34 -31.99 4.08 -1.92
N TYR A 35 -31.75 4.61 -3.12
CA TYR A 35 -32.62 5.64 -3.69
C TYR A 35 -33.91 5.04 -4.28
N GLU A 36 -35.02 5.59 -3.81
CA GLU A 36 -36.39 5.12 -4.04
C GLU A 36 -36.78 3.96 -3.14
N GLY A 37 -35.92 2.95 -3.07
CA GLY A 37 -36.23 1.78 -2.28
C GLY A 37 -36.36 2.08 -0.79
N LEU A 38 -35.55 3.00 -0.30
CA LEU A 38 -35.60 3.38 1.11
C LEU A 38 -35.69 4.89 1.23
N TRP A 39 -34.69 5.56 0.68
CA TRP A 39 -34.57 7.00 0.77
C TRP A 39 -35.38 7.67 -0.33
N VAL A 40 -36.42 8.40 0.06
CA VAL A 40 -37.24 9.16 -0.89
C VAL A 40 -36.99 10.66 -0.73
N GLY A 41 -36.40 11.07 0.39
CA GLY A 41 -36.13 12.47 0.63
C GLY A 41 -37.24 13.10 1.45
N GLU A 42 -36.90 14.08 2.27
CA GLU A 42 -37.82 14.62 3.27
C GLU A 42 -39.08 15.21 2.64
N ASP A 43 -38.94 15.75 1.43
CA ASP A 43 -40.04 16.45 0.79
C ASP A 43 -40.79 15.63 -0.25
N SER A 44 -40.54 14.31 -0.27
CA SER A 44 -41.23 13.43 -1.20
C SER A 44 -42.71 13.31 -0.83
N PRO A 45 -43.58 13.19 -1.85
CA PRO A 45 -45.02 12.96 -1.63
C PRO A 45 -45.27 11.54 -1.10
N ILE A 46 -44.28 10.67 -1.25
CA ILE A 46 -44.36 9.35 -0.63
C ILE A 46 -44.25 9.50 0.89
N PRO A 47 -45.27 9.05 1.63
CA PRO A 47 -45.19 9.26 3.08
C PRO A 47 -43.89 8.71 3.65
N ASN A 48 -43.22 9.51 4.47
CA ASN A 48 -41.89 9.14 4.98
C ASN A 48 -41.60 9.70 6.35
N THR A 49 -40.65 9.05 7.03
CA THR A 49 -40.12 9.51 8.29
C THR A 49 -38.71 10.04 8.02
N ASN A 50 -38.55 11.36 8.05
CA ASN A 50 -37.25 11.99 7.85
C ASN A 50 -36.55 11.59 6.53
N GLY A 51 -37.33 11.39 5.47
CA GLY A 51 -36.79 11.02 4.17
C GLY A 51 -36.82 9.53 3.83
N ILE A 52 -37.17 8.70 4.80
CA ILE A 52 -37.26 7.26 4.61
C ILE A 52 -38.73 6.80 4.52
N ARG A 53 -39.10 6.15 3.42
CA ARG A 53 -40.52 5.83 3.19
C ARG A 53 -41.11 4.95 4.30
N ASN A 54 -42.32 5.28 4.75
CA ASN A 54 -42.95 4.59 5.88
C ASN A 54 -43.38 3.14 5.59
N ASP A 55 -43.87 2.89 4.38
CA ASP A 55 -44.33 1.54 4.06
C ASP A 55 -43.20 0.51 4.23
N VAL A 56 -42.04 0.79 3.65
CA VAL A 56 -40.88 -0.09 3.82
C VAL A 56 -40.43 -0.19 5.28
N LEU A 57 -40.34 0.96 5.94
CA LEU A 57 -39.96 1.00 7.35
C LEU A 57 -40.84 0.07 8.19
N GLU A 58 -42.14 0.23 8.08
CA GLU A 58 -43.05 -0.60 8.86
C GLU A 58 -42.90 -2.09 8.55
N ALA A 59 -42.78 -2.43 7.27
CA ALA A 59 -42.61 -3.84 6.87
C ALA A 59 -41.31 -4.44 7.42
N LEU A 60 -40.23 -3.68 7.35
CA LEU A 60 -38.97 -4.17 7.87
C LEU A 60 -38.97 -4.32 9.40
N LYS A 61 -39.64 -3.42 10.10
CA LYS A 61 -39.76 -3.54 11.56
C LYS A 61 -40.57 -4.77 11.96
N GLN A 62 -41.65 -5.05 11.22
CA GLN A 62 -42.44 -6.23 11.51
C GLN A 62 -41.61 -7.50 11.32
N MSE A 63 -40.77 -7.50 10.30
CA MSE A 63 -39.89 -8.63 9.98
C MSE A 63 -38.74 -8.80 10.99
O MSE A 63 -38.11 -9.86 11.03
CB MSE A 63 -39.30 -8.41 8.57
CG MSE A 63 -38.46 -9.55 8.00
SE MSE A 63 -37.64 -8.91 6.33
CE MSE A 63 -36.35 -7.65 7.17
N LYS A 64 -38.50 -7.78 11.79
CA LYS A 64 -37.42 -7.78 12.78
C LYS A 64 -36.02 -7.94 12.19
N ILE A 65 -35.73 -7.10 11.20
CA ILE A 65 -34.38 -7.01 10.67
C ILE A 65 -33.39 -6.79 11.82
N PRO A 66 -32.41 -7.71 11.96
CA PRO A 66 -31.46 -7.67 13.08
C PRO A 66 -30.18 -6.85 12.80
N VAL A 67 -29.77 -6.83 11.53
CA VAL A 67 -28.55 -6.15 11.14
C VAL A 67 -28.65 -5.77 9.67
N LEU A 68 -28.02 -4.66 9.31
CA LEU A 68 -28.04 -4.17 7.95
C LEU A 68 -26.63 -3.73 7.51
N ARG A 69 -26.15 -4.35 6.45
CA ARG A 69 -24.82 -4.07 5.90
C ARG A 69 -24.90 -2.98 4.84
N TRP A 70 -23.96 -2.02 4.88
CA TRP A 70 -23.97 -0.85 4.00
C TRP A 70 -22.54 -0.28 4.00
N PRO A 71 -22.09 0.36 2.90
CA PRO A 71 -22.81 0.78 1.70
C PRO A 71 -22.60 -0.13 0.52
N GLY A 72 -22.07 -1.32 0.78
CA GLY A 72 -22.08 -2.24 -0.32
C GLY A 72 -21.21 -3.46 -0.23
N GLY A 73 -21.24 -4.18 -1.34
CA GLY A 73 -20.19 -4.96 -1.87
C GLY A 73 -19.35 -3.98 -2.69
N CYS A 74 -19.41 -4.07 -4.01
CA CYS A 74 -18.44 -3.35 -4.86
C CYS A 74 -18.38 -1.85 -4.58
N PHE A 75 -19.52 -1.23 -4.37
CA PHE A 75 -19.55 0.19 -4.05
C PHE A 75 -18.69 0.55 -2.83
N ALA A 76 -18.68 -0.32 -1.84
CA ALA A 76 -17.96 -0.05 -0.60
C ALA A 76 -16.46 0.22 -0.79
N ASP A 77 -15.82 -0.39 -1.79
CA ASP A 77 -14.39 -0.14 -1.99
C ASP A 77 -14.15 0.89 -3.07
N GLU A 78 -15.21 1.62 -3.40
CA GLU A 78 -15.13 2.81 -4.23
C GLU A 78 -15.52 4.04 -3.44
N TYR A 79 -16.23 3.82 -2.32
CA TYR A 79 -16.85 4.90 -1.54
C TYR A 79 -15.83 5.64 -0.72
N HIS A 80 -15.97 6.96 -0.71
CA HIS A 80 -15.23 7.79 0.23
C HIS A 80 -16.21 8.47 1.18
N TRP A 81 -16.25 7.95 2.40
CA TRP A 81 -17.32 8.29 3.33
C TRP A 81 -17.53 9.79 3.56
N LYS A 82 -16.48 10.60 3.43
CA LYS A 82 -16.62 12.02 3.70
C LYS A 82 -17.55 12.69 2.68
N ASP A 83 -17.71 12.05 1.52
CA ASP A 83 -18.58 12.58 0.48
C ASP A 83 -20.05 12.58 0.97
N GLY A 84 -20.34 11.75 1.97
CA GLY A 84 -21.71 11.58 2.43
C GLY A 84 -22.05 12.22 3.77
N VAL A 85 -21.19 13.12 4.26
CA VAL A 85 -21.53 13.88 5.48
C VAL A 85 -21.48 15.38 5.20
N GLY A 86 -22.09 16.17 6.06
CA GLY A 86 -22.15 17.62 5.88
C GLY A 86 -23.52 18.05 5.39
N PRO A 87 -23.73 19.37 5.22
CA PRO A 87 -25.01 19.91 4.74
C PRO A 87 -25.48 19.16 3.51
N ARG A 88 -26.66 18.56 3.60
CA ARG A 88 -27.11 17.60 2.59
C ARG A 88 -27.10 18.20 1.20
N GLU A 89 -27.58 19.43 1.09
CA GLU A 89 -27.75 20.08 -0.20
C GLU A 89 -26.42 20.44 -0.87
N LYS A 90 -25.32 20.37 -0.11
CA LYS A 90 -24.01 20.74 -0.64
C LYS A 90 -23.09 19.54 -0.85
N ARG A 91 -23.59 18.32 -0.63
CA ARG A 91 -22.74 17.14 -0.82
C ARG A 91 -22.42 16.88 -2.30
N LYS A 92 -21.30 16.22 -2.55
CA LYS A 92 -20.88 15.89 -3.91
C LYS A 92 -21.90 15.02 -4.65
N ARG A 93 -21.97 15.24 -5.95
CA ARG A 93 -22.96 14.64 -6.81
C ARG A 93 -22.29 14.02 -8.04
N MSE A 94 -22.69 12.82 -8.39
CA MSE A 94 -22.26 12.20 -9.66
C MSE A 94 -23.48 11.80 -10.47
O MSE A 94 -24.37 11.11 -9.96
CB MSE A 94 -21.36 10.98 -9.43
CG MSE A 94 -20.93 10.33 -10.76
SE MSE A 94 -19.70 8.77 -10.67
CE MSE A 94 -18.17 9.50 -11.64
N VAL A 95 -23.54 12.23 -11.72
CA VAL A 95 -24.66 11.90 -12.59
C VAL A 95 -24.17 11.28 -13.89
N ASN A 96 -24.77 10.16 -14.28
CA ASN A 96 -24.45 9.52 -15.55
C ASN A 96 -25.55 9.68 -16.61
N THR A 97 -25.24 10.43 -17.65
CA THR A 97 -26.15 10.72 -18.76
C THR A 97 -26.28 9.56 -19.74
N HIS A 98 -25.91 8.36 -19.29
CA HIS A 98 -25.97 7.16 -20.13
C HIS A 98 -27.01 6.20 -19.58
N TRP A 99 -27.28 5.15 -20.35
CA TRP A 99 -28.13 4.05 -19.90
C TRP A 99 -27.59 3.55 -18.56
N GLY A 100 -26.29 3.72 -18.35
CA GLY A 100 -25.65 3.38 -17.09
C GLY A 100 -26.54 3.59 -15.88
N GLY A 101 -27.10 4.80 -15.78
CA GLY A 101 -28.06 5.13 -14.73
C GLY A 101 -27.45 5.42 -13.36
N VAL A 102 -26.24 5.97 -13.36
CA VAL A 102 -25.55 6.26 -12.11
C VAL A 102 -25.84 7.68 -11.61
N ILE A 103 -26.91 7.84 -10.83
CA ILE A 103 -27.20 9.13 -10.19
C ILE A 103 -26.97 9.07 -8.68
N GLU A 104 -25.82 9.59 -8.24
CA GLU A 104 -25.45 9.53 -6.83
C GLU A 104 -25.28 10.94 -6.25
N ASN A 105 -26.29 11.39 -5.50
CA ASN A 105 -26.22 12.69 -4.86
C ASN A 105 -25.68 12.68 -3.43
N ASN A 106 -25.33 11.50 -2.93
CA ASN A 106 -24.80 11.34 -1.58
C ASN A 106 -25.72 11.85 -0.46
N HIS A 107 -27.01 12.01 -0.77
CA HIS A 107 -27.98 12.41 0.25
C HIS A 107 -28.16 11.32 1.30
N PHE A 108 -27.91 10.07 0.93
CA PHE A 108 -27.91 9.02 1.94
C PHE A 108 -26.47 8.75 2.31
N GLY A 109 -26.09 9.22 3.50
CA GLY A 109 -24.72 9.07 3.98
C GLY A 109 -24.70 8.48 5.37
N THR A 110 -23.58 8.65 6.05
CA THR A 110 -23.40 8.08 7.38
C THR A 110 -24.51 8.43 8.38
N HIS A 111 -24.89 9.70 8.45
CA HIS A 111 -25.91 10.11 9.42
C HIS A 111 -27.28 9.51 9.07
N GLU A 112 -27.60 9.48 7.78
CA GLU A 112 -28.89 8.92 7.36
C GLU A 112 -28.93 7.41 7.60
N PHE A 113 -27.80 6.73 7.41
CA PHE A 113 -27.70 5.30 7.68
C PHE A 113 -27.82 4.95 9.16
N MSE A 114 -27.10 5.64 10.04
CA MSE A 114 -27.24 5.37 11.47
C MSE A 114 -28.68 5.65 11.90
O MSE A 114 -29.23 4.94 12.75
CB MSE A 114 -26.29 6.23 12.30
CG MSE A 114 -24.82 6.03 11.97
SE MSE A 114 -24.29 4.11 12.10
CE MSE A 114 -23.92 4.00 14.01
N MSE A 115 -29.27 6.69 11.33
CA MSE A 115 -30.67 7.02 11.61
C MSE A 115 -31.57 5.89 11.15
O MSE A 115 -32.45 5.46 11.90
CB MSE A 115 -31.11 8.33 10.92
CG MSE A 115 -32.55 8.78 11.27
SE MSE A 115 -33.15 10.25 10.13
CE MSE A 115 -33.26 9.34 8.39
N LEU A 116 -31.38 5.43 9.92
CA LEU A 116 -32.14 4.29 9.42
C LEU A 116 -32.07 3.10 10.39
N CYS A 117 -30.87 2.70 10.80
CA CYS A 117 -30.75 1.57 11.71
C CYS A 117 -31.50 1.79 13.03
N GLU A 118 -31.48 3.02 13.53
CA GLU A 118 -32.17 3.34 14.78
C GLU A 118 -33.68 3.24 14.58
N LEU A 119 -34.16 3.72 13.43
CA LEU A 119 -35.58 3.59 13.07
C LEU A 119 -36.02 2.13 12.99
N LEU A 120 -35.19 1.28 12.39
CA LEU A 120 -35.50 -0.14 12.21
C LEU A 120 -35.34 -0.96 13.48
N GLY A 121 -34.52 -0.47 14.39
CA GLY A 121 -34.15 -1.28 15.55
C GLY A 121 -33.09 -2.34 15.24
N CYS A 122 -32.27 -2.11 14.22
CA CYS A 122 -31.23 -3.08 13.84
C CYS A 122 -29.81 -2.55 14.12
N GLU A 123 -28.83 -3.45 14.07
CA GLU A 123 -27.43 -3.09 14.22
C GLU A 123 -26.90 -2.60 12.89
N PRO A 124 -26.08 -1.53 12.94
CA PRO A 124 -25.37 -1.08 11.74
C PRO A 124 -24.18 -2.01 11.47
N TYR A 125 -23.91 -2.25 10.19
CA TYR A 125 -22.73 -3.00 9.80
C TYR A 125 -22.16 -2.25 8.62
N ILE A 126 -21.05 -1.55 8.87
CA ILE A 126 -20.43 -0.71 7.86
C ILE A 126 -19.25 -1.41 7.21
N SER A 127 -19.14 -1.24 5.90
CA SER A 127 -18.05 -1.84 5.15
C SER A 127 -17.13 -0.72 4.68
N GLY A 128 -15.91 -0.70 5.21
CA GLY A 128 -14.95 0.34 4.87
C GLY A 128 -14.17 0.05 3.60
N ASN A 129 -13.59 1.11 3.03
CA ASN A 129 -12.94 1.02 1.74
C ASN A 129 -11.45 0.68 1.81
N VAL A 130 -11.09 -0.56 1.46
CA VAL A 130 -9.68 -0.96 1.39
C VAL A 130 -9.10 -0.75 -0.02
N GLY A 131 -9.85 -1.20 -1.04
CA GLY A 131 -9.38 -1.21 -2.41
C GLY A 131 -8.92 0.13 -2.94
N SER A 132 -9.67 1.18 -2.65
CA SER A 132 -9.25 2.50 -3.12
C SER A 132 -9.18 3.55 -2.01
N GLY A 133 -9.27 3.12 -0.76
CA GLY A 133 -9.16 4.04 0.35
C GLY A 133 -7.79 4.00 1.02
N THR A 134 -7.62 4.77 2.08
CA THR A 134 -6.35 4.81 2.80
C THR A 134 -6.61 4.45 4.26
N VAL A 135 -5.55 4.11 4.96
CA VAL A 135 -5.66 3.70 6.36
C VAL A 135 -6.22 4.83 7.21
N GLN A 136 -5.71 6.05 6.99
CA GLN A 136 -6.19 7.21 7.73
C GLN A 136 -7.68 7.46 7.49
N GLU A 137 -8.10 7.37 6.23
CA GLU A 137 -9.49 7.54 5.86
C GLU A 137 -10.39 6.60 6.63
N MSE A 138 -10.01 5.32 6.72
CA MSE A 138 -10.89 4.37 7.41
C MSE A 138 -10.88 4.60 8.90
O MSE A 138 -11.92 4.52 9.58
CB MSE A 138 -10.53 2.92 7.12
CG MSE A 138 -11.65 1.97 7.58
SE MSE A 138 -11.32 0.07 7.20
CE MSE A 138 -11.22 0.22 5.25
N SER A 139 -9.68 4.85 9.44
CA SER A 139 -9.53 5.13 10.84
C SER A 139 -10.35 6.36 11.29
N GLU A 140 -10.39 7.38 10.43
CA GLU A 140 -11.14 8.60 10.73
C GLU A 140 -12.65 8.35 10.69
N TRP A 141 -13.10 7.45 9.84
CA TRP A 141 -14.52 7.09 9.79
C TRP A 141 -14.95 6.53 11.15
N VAL A 142 -14.20 5.55 11.65
CA VAL A 142 -14.49 4.99 12.95
C VAL A 142 -14.43 6.05 14.06
N GLU A 143 -13.42 6.93 14.01
CA GLU A 143 -13.31 8.00 15.00
C GLU A 143 -14.50 8.98 14.94
N TYR A 144 -14.83 9.41 13.73
CA TYR A 144 -15.98 10.26 13.47
C TYR A 144 -17.24 9.67 14.08
N ILE A 145 -17.45 8.36 13.89
CA ILE A 145 -18.66 7.73 14.39
C ILE A 145 -18.67 7.52 15.91
N THR A 146 -17.55 7.14 16.48
CA THR A 146 -17.55 6.59 17.84
C THR A 146 -16.80 7.37 18.92
N PHE A 147 -16.03 8.38 18.55
CA PHE A 147 -15.20 9.11 19.53
C PHE A 147 -16.03 10.11 20.36
N ASP A 148 -15.90 10.06 21.68
CA ASP A 148 -16.65 10.97 22.54
C ASP A 148 -15.87 12.19 23.02
N GLY A 149 -14.61 12.31 22.63
CA GLY A 149 -13.81 13.44 23.07
C GLY A 149 -13.81 14.55 22.03
N GLU A 150 -12.76 15.36 22.06
CA GLU A 150 -12.62 16.43 21.10
C GLU A 150 -11.57 16.10 20.07
N SER A 151 -11.92 16.28 18.80
CA SER A 151 -11.00 16.07 17.70
C SER A 151 -11.67 16.59 16.44
N PRO A 152 -10.87 16.86 15.40
CA PRO A 152 -11.44 17.29 14.12
C PRO A 152 -12.61 16.40 13.68
N MSE A 153 -12.46 15.08 13.79
CA MSE A 153 -13.50 14.16 13.32
C MSE A 153 -14.73 14.18 14.23
O MSE A 153 -15.85 14.28 13.74
CB MSE A 153 -12.97 12.72 13.20
CG MSE A 153 -12.00 12.49 12.03
SE MSE A 153 -12.66 13.08 10.28
CE MSE A 153 -11.77 14.85 10.15
N ALA A 154 -14.51 14.09 15.54
CA ALA A 154 -15.63 14.06 16.47
C ALA A 154 -16.35 15.41 16.46
N ASN A 155 -15.61 16.51 16.34
CA ASN A 155 -16.22 17.84 16.32
C ASN A 155 -17.07 17.98 15.07
N TRP A 156 -16.61 17.36 13.98
CA TRP A 156 -17.32 17.46 12.71
C TRP A 156 -18.66 16.72 12.82
N ARG A 157 -18.64 15.56 13.46
CA ARG A 157 -19.88 14.82 13.70
C ARG A 157 -20.88 15.70 14.46
N ARG A 158 -20.40 16.38 15.51
CA ARG A 158 -21.29 17.20 16.34
C ARG A 158 -21.84 18.35 15.55
N GLU A 159 -21.01 19.01 14.75
CA GLU A 159 -21.47 20.07 13.88
C GLU A 159 -22.54 19.57 12.92
N ASN A 160 -22.42 18.31 12.48
CA ASN A 160 -23.39 17.72 11.56
C ASN A 160 -24.63 17.15 12.26
N GLY A 161 -24.69 17.31 13.59
CA GLY A 161 -25.93 17.09 14.31
C GLY A 161 -26.01 15.89 15.22
N ARG A 162 -24.91 15.17 15.38
CA ARG A 162 -24.92 14.03 16.28
C ARG A 162 -23.94 14.29 17.42
N GLU A 163 -24.49 14.63 18.57
CA GLU A 163 -23.71 15.09 19.71
C GLU A 163 -22.95 13.94 20.37
N LYS A 164 -23.69 12.95 20.85
CA LYS A 164 -23.06 11.78 21.44
C LYS A 164 -22.49 10.87 20.36
N PRO A 165 -21.48 10.08 20.71
CA PRO A 165 -20.96 9.15 19.71
C PRO A 165 -22.00 8.06 19.46
N TRP A 166 -21.96 7.47 18.28
CA TRP A 166 -22.74 6.25 18.04
C TRP A 166 -21.98 5.03 18.53
N ARG A 167 -22.70 3.96 18.82
CA ARG A 167 -22.09 2.65 19.00
C ARG A 167 -22.14 1.94 17.65
N ILE A 168 -21.09 1.18 17.34
CA ILE A 168 -21.15 0.27 16.22
C ILE A 168 -20.24 -0.91 16.52
N LYS A 169 -20.75 -2.11 16.31
CA LYS A 169 -19.92 -3.30 16.47
C LYS A 169 -19.35 -3.71 15.12
N TYR A 170 -20.22 -4.02 14.17
CA TYR A 170 -19.79 -4.69 12.94
C TYR A 170 -19.11 -3.76 11.93
N TRP A 171 -17.85 -4.09 11.64
CA TRP A 171 -17.04 -3.29 10.75
C TRP A 171 -16.27 -4.17 9.73
N GLY A 172 -16.64 -4.06 8.45
CA GLY A 172 -16.02 -4.84 7.39
C GLY A 172 -14.79 -4.11 6.89
N VAL A 173 -13.66 -4.81 6.87
CA VAL A 173 -12.43 -4.19 6.39
C VAL A 173 -12.19 -4.57 4.93
N GLY A 174 -12.92 -3.92 4.02
CA GLY A 174 -12.86 -4.26 2.60
C GLY A 174 -13.91 -5.30 2.20
N ASN A 175 -14.40 -5.21 0.96
CA ASN A 175 -15.39 -6.14 0.40
C ASN A 175 -14.87 -6.73 -0.91
N GLU A 176 -15.09 -8.02 -1.12
CA GLU A 176 -14.76 -8.69 -2.39
C GLU A 176 -13.39 -8.26 -2.93
N ASN A 177 -12.40 -8.25 -2.06
CA ASN A 177 -11.09 -7.77 -2.46
C ASN A 177 -10.36 -8.67 -3.47
N TRP A 178 -10.76 -9.93 -3.56
CA TRP A 178 -10.29 -10.83 -4.61
C TRP A 178 -10.79 -10.40 -5.99
N GLY A 179 -11.76 -9.51 -6.04
CA GLY A 179 -12.38 -9.13 -7.29
C GLY A 179 -12.51 -7.62 -7.46
N CYS A 180 -13.74 -7.13 -7.42
CA CYS A 180 -13.99 -5.71 -7.67
C CYS A 180 -13.34 -4.79 -6.61
N GLY A 181 -12.95 -5.35 -5.47
CA GLY A 181 -12.27 -4.60 -4.44
C GLY A 181 -10.75 -4.51 -4.56
N GLY A 182 -10.22 -4.78 -5.76
CA GLY A 182 -8.79 -4.63 -6.00
C GLY A 182 -8.08 -5.82 -6.66
N ASN A 183 -8.84 -6.87 -6.99
CA ASN A 183 -8.27 -8.05 -7.64
C ASN A 183 -7.03 -8.58 -6.94
N MSE A 184 -7.14 -8.74 -5.63
CA MSE A 184 -6.00 -9.05 -4.79
C MSE A 184 -5.78 -10.54 -4.58
O MSE A 184 -6.74 -11.29 -4.46
CB MSE A 184 -6.17 -8.41 -3.42
CG MSE A 184 -6.34 -6.90 -3.46
SE MSE A 184 -6.45 -6.15 -1.66
CE MSE A 184 -6.67 -4.24 -2.15
N ARG A 185 -4.52 -10.92 -4.47
CA ARG A 185 -4.17 -12.23 -3.93
C ARG A 185 -4.54 -12.24 -2.46
N ALA A 186 -4.95 -13.41 -1.94
CA ALA A 186 -5.24 -13.56 -0.52
C ALA A 186 -4.07 -13.06 0.33
N GLU A 187 -2.86 -13.39 -0.11
CA GLU A 187 -1.64 -13.07 0.62
C GLU A 187 -1.44 -11.56 0.75
N TYR A 188 -1.82 -10.83 -0.28
CA TYR A 188 -1.69 -9.39 -0.31
C TYR A 188 -2.81 -8.73 0.52
N TYR A 189 -4.04 -9.16 0.30
CA TYR A 189 -5.14 -8.67 1.12
C TYR A 189 -4.85 -8.89 2.60
N ALA A 190 -4.32 -10.05 2.95
CA ALA A 190 -4.06 -10.32 4.37
C ALA A 190 -3.12 -9.27 4.99
N ASP A 191 -2.08 -8.88 4.26
CA ASP A 191 -1.17 -7.82 4.73
C ASP A 191 -1.92 -6.48 4.90
N LEU A 192 -2.72 -6.09 3.91
CA LEU A 192 -3.51 -4.85 4.02
C LEU A 192 -4.51 -4.93 5.17
N TYR A 193 -5.20 -6.06 5.29
CA TYR A 193 -6.16 -6.23 6.36
C TYR A 193 -5.50 -5.96 7.72
N ARG A 194 -4.35 -6.61 7.94
CA ARG A 194 -3.64 -6.46 9.21
C ARG A 194 -3.27 -5.01 9.48
N GLN A 195 -2.82 -4.30 8.45
CA GLN A 195 -2.45 -2.90 8.61
C GLN A 195 -3.69 -2.01 8.88
N PHE A 196 -4.68 -2.05 7.99
CA PHE A 196 -5.90 -1.26 8.18
C PHE A 196 -6.54 -1.46 9.56
N GLN A 197 -6.70 -2.71 9.98
CA GLN A 197 -7.48 -2.99 11.19
C GLN A 197 -6.75 -2.45 12.42
N THR A 198 -5.43 -2.37 12.32
CA THR A 198 -4.63 -1.84 13.42
C THR A 198 -5.16 -0.48 13.87
N TYR A 199 -5.56 0.36 12.92
CA TYR A 199 -5.87 1.75 13.23
C TYR A 199 -7.36 2.01 13.43
N LEU A 200 -8.14 0.94 13.55
CA LEU A 200 -9.57 1.08 13.84
C LEU A 200 -9.72 0.89 15.33
N ARG A 201 -9.92 1.99 16.06
CA ARG A 201 -9.84 1.93 17.53
C ARG A 201 -11.17 1.70 18.18
N ASN A 202 -11.12 1.14 19.39
CA ASN A 202 -12.26 1.15 20.31
C ASN A 202 -12.25 2.44 21.12
N TYR A 203 -13.13 3.38 20.80
CA TYR A 203 -13.19 4.62 21.58
C TYR A 203 -14.28 4.51 22.63
N GLY A 204 -14.03 5.11 23.79
CA GLY A 204 -15.00 5.10 24.88
C GLY A 204 -15.46 3.70 25.24
N ASP A 205 -16.77 3.49 25.25
CA ASP A 205 -17.34 2.18 25.54
C ASP A 205 -17.53 1.32 24.29
N ASN A 206 -17.16 1.84 23.12
CA ASN A 206 -17.39 1.09 21.89
C ASN A 206 -16.44 -0.08 21.73
N LYS A 207 -16.96 -1.23 21.26
CA LYS A 207 -16.12 -2.41 20.95
C LYS A 207 -16.33 -2.85 19.51
N LEU A 208 -15.30 -2.71 18.69
CA LEU A 208 -15.40 -3.10 17.29
C LEU A 208 -15.39 -4.62 17.11
N HIS A 209 -16.20 -5.09 16.16
CA HIS A 209 -16.17 -6.49 15.76
C HIS A 209 -15.66 -6.52 14.32
N LYS A 210 -14.36 -6.71 14.17
CA LYS A 210 -13.68 -6.54 12.89
C LYS A 210 -13.86 -7.75 12.00
N ILE A 211 -14.28 -7.50 10.77
CA ILE A 211 -14.61 -8.58 9.86
C ILE A 211 -13.74 -8.48 8.62
N ALA A 212 -12.94 -9.52 8.40
CA ALA A 212 -12.10 -9.63 7.22
C ALA A 212 -12.90 -10.19 6.05
N CYS A 213 -12.57 -9.69 4.86
CA CYS A 213 -13.10 -10.22 3.63
C CYS A 213 -12.66 -11.67 3.43
N GLY A 214 -13.64 -12.56 3.33
CA GLY A 214 -13.41 -13.97 3.12
C GLY A 214 -13.61 -14.42 1.68
N ALA A 215 -13.72 -15.73 1.48
CA ALA A 215 -13.71 -16.34 0.15
C ALA A 215 -14.95 -16.07 -0.71
N ASN A 216 -14.73 -16.05 -2.01
CA ASN A 216 -15.81 -16.19 -2.99
C ASN A 216 -16.07 -17.69 -3.22
N THR A 217 -17.29 -18.15 -2.96
CA THR A 217 -17.69 -19.53 -3.27
C THR A 217 -16.68 -20.60 -2.78
N ALA A 218 -16.05 -21.37 -3.68
CA ALA A 218 -15.15 -22.44 -3.22
C ALA A 218 -13.65 -22.11 -3.26
N ASP A 219 -13.32 -20.85 -3.04
CA ASP A 219 -11.90 -20.48 -2.97
C ASP A 219 -11.35 -20.82 -1.57
N TYR A 220 -11.10 -22.10 -1.32
CA TYR A 220 -10.59 -22.55 -0.02
C TYR A 220 -9.20 -22.02 0.33
N HIS A 221 -8.38 -21.81 -0.69
CA HIS A 221 -7.05 -21.22 -0.48
C HIS A 221 -7.16 -19.84 0.19
N TRP A 222 -8.19 -19.08 -0.14
CA TRP A 222 -8.38 -17.76 0.48
C TRP A 222 -8.58 -17.90 1.99
N THR A 223 -9.51 -18.77 2.36
CA THR A 223 -9.77 -19.04 3.77
C THR A 223 -8.52 -19.49 4.52
N GLU A 224 -7.75 -20.39 3.91
CA GLU A 224 -6.54 -20.90 4.54
C GLU A 224 -5.53 -19.78 4.80
N VAL A 225 -5.28 -18.96 3.78
CA VAL A 225 -4.33 -17.86 3.91
C VAL A 225 -4.77 -16.83 4.95
N LEU A 226 -6.04 -16.43 4.91
CA LEU A 226 -6.54 -15.44 5.84
C LEU A 226 -6.50 -15.94 7.27
N MSE A 227 -6.86 -17.20 7.48
CA MSE A 227 -6.80 -17.77 8.81
C MSE A 227 -5.36 -17.92 9.30
O MSE A 227 -5.03 -17.57 10.44
CB MSE A 227 -7.53 -19.12 8.86
CG MSE A 227 -9.05 -19.00 8.66
SE MSE A 227 -9.96 -17.93 10.07
CE MSE A 227 -9.65 -19.10 11.59
N LYS A 228 -4.47 -18.42 8.44
CA LYS A 228 -3.10 -18.66 8.86
C LYS A 228 -2.38 -17.33 9.13
N GLN A 229 -2.60 -16.35 8.28
CA GLN A 229 -1.88 -15.09 8.37
C GLN A 229 -2.52 -14.07 9.31
N ALA A 230 -3.83 -14.13 9.47
CA ALA A 230 -4.48 -12.98 10.08
C ALA A 230 -5.54 -13.25 11.15
N ALA A 231 -5.73 -14.51 11.51
CA ALA A 231 -6.77 -14.89 12.48
C ALA A 231 -6.75 -14.08 13.78
N PRO A 232 -5.56 -13.86 14.37
CA PRO A 232 -5.53 -13.13 15.66
C PRO A 232 -5.98 -11.69 15.54
N PHE A 233 -6.10 -11.16 14.32
CA PHE A 233 -6.47 -9.76 14.15
C PHE A 233 -7.89 -9.55 13.65
N MSE A 234 -8.71 -10.59 13.74
CA MSE A 234 -10.08 -10.47 13.26
C MSE A 234 -11.06 -11.10 14.22
O MSE A 234 -10.69 -11.98 14.98
CB MSE A 234 -10.24 -11.14 11.89
CG MSE A 234 -10.20 -12.68 11.97
SE MSE A 234 -10.33 -13.50 10.17
CE MSE A 234 -8.58 -12.96 9.48
N HIS A 235 -12.32 -10.66 14.17
CA HIS A 235 -13.36 -11.33 14.95
C HIS A 235 -14.32 -12.11 14.03
N GLY A 236 -14.28 -11.81 12.74
CA GLY A 236 -15.08 -12.55 11.79
C GLY A 236 -14.44 -12.62 10.42
N LEU A 237 -14.88 -13.60 9.64
CA LEU A 237 -14.40 -13.78 8.28
C LEU A 237 -15.61 -14.08 7.41
N SER A 238 -15.71 -13.42 6.27
CA SER A 238 -16.93 -13.52 5.51
C SER A 238 -16.86 -14.65 4.48
N LEU A 239 -17.97 -14.83 3.77
CA LEU A 239 -18.06 -15.81 2.70
C LEU A 239 -19.19 -15.32 1.79
N HIS A 240 -19.00 -15.43 0.48
CA HIS A 240 -20.01 -15.00 -0.49
C HIS A 240 -20.38 -16.16 -1.38
N TYR A 241 -21.68 -16.40 -1.55
CA TYR A 241 -22.14 -17.43 -2.49
C TYR A 241 -23.54 -17.12 -3.00
N TYR A 242 -23.64 -16.85 -4.29
CA TYR A 242 -24.90 -16.62 -4.95
C TYR A 242 -25.40 -17.87 -5.64
N THR A 243 -26.71 -18.07 -5.63
CA THR A 243 -27.37 -19.15 -6.34
C THR A 243 -27.74 -18.69 -7.75
N VAL A 244 -27.00 -19.19 -8.75
CA VAL A 244 -27.10 -18.76 -10.14
C VAL A 244 -27.44 -19.98 -11.00
N PRO A 245 -28.70 -20.09 -11.46
CA PRO A 245 -29.13 -21.33 -12.15
C PRO A 245 -28.32 -21.62 -13.40
N GLY A 246 -28.29 -20.69 -14.34
CA GLY A 246 -27.55 -20.91 -15.56
C GLY A 246 -26.13 -20.37 -15.47
N PRO A 247 -25.39 -20.46 -16.59
CA PRO A 247 -24.07 -19.84 -16.70
C PRO A 247 -24.15 -18.33 -16.44
N TRP A 248 -23.04 -17.72 -16.07
CA TRP A 248 -23.04 -16.29 -15.76
C TRP A 248 -23.57 -15.46 -16.91
N GLU A 249 -23.24 -15.86 -18.14
CA GLU A 249 -23.64 -15.11 -19.33
C GLU A 249 -25.15 -15.17 -19.59
N LYS A 250 -25.79 -16.20 -19.06
CA LYS A 250 -27.22 -16.36 -19.21
C LYS A 250 -27.78 -17.07 -17.99
N LYS A 251 -28.05 -16.30 -16.95
CA LYS A 251 -28.38 -16.87 -15.66
C LYS A 251 -29.75 -17.56 -15.63
N GLY A 252 -30.66 -17.14 -16.49
CA GLY A 252 -32.02 -17.66 -16.46
C GLY A 252 -32.95 -16.64 -15.83
N PRO A 253 -34.25 -16.76 -16.11
CA PRO A 253 -35.21 -15.73 -15.65
C PRO A 253 -35.77 -16.02 -14.25
N ALA A 254 -36.30 -14.98 -13.60
CA ALA A 254 -36.89 -15.12 -12.27
C ALA A 254 -38.28 -15.75 -12.32
N THR A 255 -38.98 -15.54 -13.43
CA THR A 255 -40.28 -16.18 -13.67
C THR A 255 -40.37 -16.84 -15.06
N GLY A 256 -41.39 -17.66 -15.27
CA GLY A 256 -41.56 -18.34 -16.54
C GLY A 256 -40.47 -19.34 -16.86
N PHE A 257 -39.80 -19.86 -15.84
CA PHE A 257 -38.69 -20.79 -16.02
C PHE A 257 -39.20 -22.24 -16.11
N THR A 258 -38.32 -23.17 -16.48
CA THR A 258 -38.68 -24.57 -16.66
C THR A 258 -38.58 -25.36 -15.37
N THR A 259 -39.14 -26.58 -15.37
CA THR A 259 -38.97 -27.46 -14.23
C THR A 259 -37.51 -27.83 -13.96
N ASP A 260 -36.70 -27.90 -15.02
CA ASP A 260 -35.27 -28.17 -14.86
C ASP A 260 -34.59 -27.04 -14.08
N GLU A 261 -34.98 -25.82 -14.40
CA GLU A 261 -34.46 -24.65 -13.69
C GLU A 261 -34.86 -24.63 -12.22
N TRP A 262 -36.05 -25.16 -11.90
CA TRP A 262 -36.46 -25.30 -10.52
C TRP A 262 -35.44 -26.18 -9.77
N TRP A 263 -35.21 -27.39 -10.28
CA TRP A 263 -34.36 -28.35 -9.59
C TRP A 263 -32.92 -27.85 -9.49
N VAL A 264 -32.43 -27.26 -10.58
CA VAL A 264 -31.06 -26.71 -10.61
C VAL A 264 -30.87 -25.59 -9.59
N THR A 265 -31.84 -24.68 -9.51
CA THR A 265 -31.77 -23.59 -8.55
C THR A 265 -31.67 -24.12 -7.13
N LEU A 266 -32.53 -25.08 -6.79
CA LEU A 266 -32.55 -25.60 -5.42
C LEU A 266 -31.29 -26.42 -5.13
N LYS A 267 -30.79 -27.13 -6.13
CA LYS A 267 -29.57 -27.91 -5.95
C LYS A 267 -28.40 -26.96 -5.70
N LYS A 268 -28.32 -25.89 -6.47
CA LYS A 268 -27.26 -24.91 -6.26
C LYS A 268 -27.41 -24.18 -4.93
N ALA A 269 -28.63 -23.94 -4.48
CA ALA A 269 -28.83 -23.32 -3.17
C ALA A 269 -28.28 -24.19 -2.05
N LEU A 270 -28.56 -25.50 -2.13
CA LEU A 270 -28.15 -26.44 -1.09
C LEU A 270 -26.65 -26.66 -1.05
N PHE A 271 -25.98 -26.23 -2.12
CA PHE A 271 -24.53 -26.29 -2.18
C PHE A 271 -23.92 -25.43 -1.07
N MSE A 272 -24.69 -24.48 -0.54
CA MSE A 272 -24.22 -23.66 0.58
C MSE A 272 -23.72 -24.55 1.73
O MSE A 272 -22.78 -24.20 2.42
CB MSE A 272 -25.32 -22.73 1.10
CG MSE A 272 -24.92 -21.89 2.31
SE MSE A 272 -23.67 -20.43 1.82
CE MSE A 272 -25.02 -19.21 1.02
N ASP A 273 -24.37 -25.68 1.94
CA ASP A 273 -24.00 -26.55 3.06
C ASP A 273 -22.56 -27.08 2.91
N ARG A 274 -22.22 -27.54 1.72
CA ARG A 274 -20.85 -27.97 1.43
C ARG A 274 -19.83 -26.85 1.61
N LEU A 275 -20.14 -25.67 1.10
CA LEU A 275 -19.27 -24.51 1.20
C LEU A 275 -19.00 -24.16 2.68
N VAL A 276 -20.07 -23.98 3.43
CA VAL A 276 -19.96 -23.65 4.84
C VAL A 276 -19.20 -24.75 5.59
N THR A 277 -19.52 -26.00 5.28
CA THR A 277 -18.85 -27.13 5.92
C THR A 277 -17.35 -27.12 5.66
N LYS A 278 -16.98 -26.99 4.39
CA LYS A 278 -15.58 -27.03 4.04
C LYS A 278 -14.78 -25.79 4.46
N HIS A 279 -15.38 -24.61 4.34
CA HIS A 279 -14.68 -23.43 4.85
C HIS A 279 -14.50 -23.48 6.37
N SER A 280 -15.53 -23.97 7.09
CA SER A 280 -15.45 -24.13 8.54
C SER A 280 -14.38 -25.15 8.94
N ALA A 281 -14.23 -26.20 8.14
CA ALA A 281 -13.22 -27.21 8.47
C ALA A 281 -11.83 -26.58 8.43
N ILE A 282 -11.60 -25.68 7.49
CA ILE A 282 -10.32 -24.98 7.41
C ILE A 282 -10.17 -24.03 8.60
N MSE A 283 -11.24 -23.33 8.96
CA MSE A 283 -11.23 -22.47 10.14
C MSE A 283 -10.93 -23.24 11.43
O MSE A 283 -10.22 -22.75 12.30
CB MSE A 283 -12.53 -21.67 10.25
CG MSE A 283 -12.72 -20.72 9.06
SE MSE A 283 -14.49 -19.83 9.04
CE MSE A 283 -14.18 -18.44 10.39
N ASP A 284 -11.49 -24.45 11.57
CA ASP A 284 -11.22 -25.28 12.74
C ASP A 284 -9.74 -25.60 12.92
N VAL A 285 -9.00 -25.72 11.83
CA VAL A 285 -7.59 -26.02 11.93
C VAL A 285 -6.84 -24.91 12.64
N TYR A 286 -7.19 -23.65 12.34
CA TYR A 286 -6.48 -22.51 12.92
C TYR A 286 -7.19 -21.92 14.13
N ASP A 287 -8.44 -22.31 14.35
CA ASP A 287 -9.27 -21.69 15.39
C ASP A 287 -10.23 -22.74 15.90
N PRO A 288 -9.69 -23.77 16.57
CA PRO A 288 -10.49 -24.89 17.06
C PRO A 288 -11.53 -24.48 18.09
N ASP A 289 -11.32 -23.40 18.82
CA ASP A 289 -12.31 -22.96 19.80
C ASP A 289 -13.46 -22.21 19.15
N LYS A 290 -13.35 -21.96 17.85
CA LYS A 290 -14.41 -21.24 17.10
C LYS A 290 -14.64 -19.82 17.60
N ARG A 291 -13.56 -19.12 17.94
CA ARG A 291 -13.66 -17.72 18.34
C ARG A 291 -14.16 -16.87 17.18
N ILE A 292 -13.66 -17.14 15.98
CA ILE A 292 -13.91 -16.30 14.83
C ILE A 292 -15.23 -16.68 14.13
N ASP A 293 -16.12 -15.70 13.96
CA ASP A 293 -17.39 -15.89 13.28
C ASP A 293 -17.18 -16.21 11.81
N LEU A 294 -17.97 -17.13 11.28
CA LEU A 294 -18.16 -17.19 9.83
C LEU A 294 -19.36 -16.31 9.47
N ILE A 295 -19.17 -15.40 8.53
CA ILE A 295 -20.20 -14.44 8.19
C ILE A 295 -20.53 -14.52 6.71
N VAL A 296 -21.72 -15.00 6.39
CA VAL A 296 -22.12 -15.14 4.99
C VAL A 296 -22.82 -13.88 4.54
N ASP A 297 -22.03 -12.86 4.22
CA ASP A 297 -22.62 -11.52 4.08
C ASP A 297 -23.04 -11.15 2.68
N GLU A 298 -22.91 -12.09 1.74
CA GLU A 298 -23.67 -12.05 0.50
C GLU A 298 -24.13 -13.44 0.11
N TRP A 299 -25.44 -13.60 0.02
CA TRP A 299 -26.06 -14.80 -0.52
C TRP A 299 -27.41 -14.47 -1.14
N GLY A 300 -27.96 -15.46 -1.85
CA GLY A 300 -29.28 -15.36 -2.46
C GLY A 300 -29.23 -15.68 -3.95
N THR A 301 -30.39 -15.64 -4.61
CA THR A 301 -30.44 -15.91 -6.04
C THR A 301 -30.04 -14.71 -6.89
N TRP A 302 -29.45 -15.02 -8.04
CA TRP A 302 -29.08 -13.99 -8.99
C TRP A 302 -29.49 -14.45 -10.38
N TYR A 303 -30.48 -13.76 -10.94
CA TYR A 303 -31.06 -14.09 -12.24
C TYR A 303 -30.69 -13.01 -13.25
N ASP A 304 -31.02 -13.23 -14.52
CA ASP A 304 -31.01 -12.15 -15.49
C ASP A 304 -32.06 -11.16 -15.01
N VAL A 305 -31.85 -9.87 -15.27
CA VAL A 305 -32.82 -8.85 -14.84
C VAL A 305 -34.14 -8.99 -15.61
N GLU A 306 -35.20 -8.42 -15.07
CA GLU A 306 -36.48 -8.44 -15.76
C GLU A 306 -36.32 -7.80 -17.13
N PRO A 307 -36.97 -8.39 -18.15
CA PRO A 307 -36.85 -7.96 -19.56
C PRO A 307 -37.02 -6.45 -19.75
N GLY A 308 -36.11 -5.85 -20.49
CA GLY A 308 -36.21 -4.43 -20.80
C GLY A 308 -35.65 -3.50 -19.74
N THR A 309 -35.23 -4.05 -18.60
CA THR A 309 -34.65 -3.22 -17.55
C THR A 309 -33.12 -3.14 -17.66
N ASN A 310 -32.55 -2.15 -17.00
CA ASN A 310 -31.12 -1.94 -16.99
C ASN A 310 -30.40 -3.07 -16.25
N PRO A 311 -29.55 -3.81 -16.95
CA PRO A 311 -28.84 -4.94 -16.34
C PRO A 311 -27.96 -4.53 -15.16
N GLY A 312 -27.47 -3.28 -15.17
CA GLY A 312 -26.65 -2.77 -14.09
C GLY A 312 -27.44 -2.54 -12.79
N PHE A 313 -28.76 -2.53 -12.88
CA PHE A 313 -29.61 -2.28 -11.72
C PHE A 313 -30.02 -3.56 -10.96
N LEU A 314 -29.85 -4.71 -11.60
CA LEU A 314 -30.04 -6.00 -10.92
C LEU A 314 -31.47 -6.26 -10.41
N TYR A 315 -32.46 -5.64 -11.04
CA TYR A 315 -33.85 -5.83 -10.67
C TYR A 315 -34.39 -7.15 -11.20
N GLN A 316 -34.83 -8.04 -10.31
CA GLN A 316 -35.42 -9.32 -10.71
C GLN A 316 -36.67 -9.61 -9.88
N GLN A 317 -37.62 -10.35 -10.46
CA GLN A 317 -38.77 -10.79 -9.69
C GLN A 317 -38.39 -11.86 -8.64
N ASN A 318 -39.39 -12.28 -7.87
CA ASN A 318 -39.18 -13.05 -6.66
C ASN A 318 -40.35 -14.00 -6.47
N SER A 319 -40.10 -15.31 -6.59
CA SER A 319 -41.21 -16.26 -6.63
C SER A 319 -41.14 -17.23 -5.47
N ILE A 320 -42.09 -18.17 -5.44
CA ILE A 320 -42.07 -19.25 -4.48
C ILE A 320 -40.76 -20.06 -4.55
N ARG A 321 -40.11 -20.14 -5.71
CA ARG A 321 -38.79 -20.77 -5.81
C ARG A 321 -37.74 -20.07 -4.91
N ASP A 322 -37.76 -18.73 -4.93
CA ASP A 322 -36.90 -17.93 -4.05
C ASP A 322 -37.23 -18.13 -2.58
N ALA A 323 -38.53 -18.22 -2.28
CA ALA A 323 -38.91 -18.56 -0.91
C ALA A 323 -38.25 -19.86 -0.45
N LEU A 324 -38.26 -20.87 -1.30
CA LEU A 324 -37.62 -22.14 -0.94
C LEU A 324 -36.09 -22.06 -0.81
N VAL A 325 -35.46 -21.30 -1.70
CA VAL A 325 -34.02 -21.01 -1.55
C VAL A 325 -33.76 -20.36 -0.19
N ALA A 326 -34.54 -19.33 0.15
CA ALA A 326 -34.35 -18.65 1.43
C ALA A 326 -34.53 -19.57 2.62
N GLY A 327 -35.64 -20.32 2.64
CA GLY A 327 -35.92 -21.18 3.77
C GLY A 327 -34.91 -22.27 3.91
N ALA A 328 -34.52 -22.87 2.79
CA ALA A 328 -33.55 -23.95 2.80
C ALA A 328 -32.15 -23.45 3.22
N THR A 329 -31.77 -22.25 2.78
CA THR A 329 -30.47 -21.71 3.16
C THR A 329 -30.44 -21.32 4.66
N LEU A 330 -31.50 -20.67 5.13
CA LEU A 330 -31.59 -20.35 6.54
C LEU A 330 -31.44 -21.61 7.41
N HIS A 331 -32.08 -22.71 7.02
CA HIS A 331 -31.92 -23.99 7.73
C HIS A 331 -30.47 -24.45 7.75
N ILE A 332 -29.77 -24.25 6.63
CA ILE A 332 -28.35 -24.61 6.57
C ILE A 332 -27.56 -23.79 7.61
N PHE A 333 -27.82 -22.49 7.69
CA PHE A 333 -27.13 -21.64 8.67
C PHE A 333 -27.43 -22.07 10.11
N HIS A 334 -28.70 -22.38 10.40
CA HIS A 334 -29.07 -22.96 11.70
C HIS A 334 -28.17 -24.14 12.06
N ARG A 335 -28.07 -25.11 11.15
CA ARG A 335 -27.29 -26.32 11.40
C ARG A 335 -25.83 -26.01 11.72
N HIS A 336 -25.36 -24.86 11.22
CA HIS A 336 -23.97 -24.48 11.42
C HIS A 336 -23.85 -23.30 12.39
N CYS A 337 -24.82 -23.16 13.29
CA CYS A 337 -24.85 -21.98 14.17
C CYS A 337 -23.76 -21.98 15.25
N ASP A 338 -22.95 -23.03 15.31
CA ASP A 338 -21.77 -23.03 16.18
C ASP A 338 -20.63 -22.20 15.59
N ARG A 339 -20.70 -21.90 14.31
CA ARG A 339 -19.66 -21.11 13.66
C ARG A 339 -20.24 -19.94 12.87
N VAL A 340 -21.35 -20.19 12.15
CA VAL A 340 -22.01 -19.14 11.39
C VAL A 340 -22.87 -18.33 12.34
N ARG A 341 -22.60 -17.03 12.42
CA ARG A 341 -23.24 -16.16 13.39
C ARG A 341 -23.84 -14.93 12.74
N MSE A 342 -23.68 -14.83 11.42
CA MSE A 342 -24.35 -13.77 10.68
C MSE A 342 -24.46 -14.13 9.20
O MSE A 342 -23.57 -14.76 8.64
CB MSE A 342 -23.63 -12.41 10.85
CG MSE A 342 -24.25 -11.29 10.01
SE MSE A 342 -23.33 -9.53 10.19
CE MSE A 342 -23.60 -9.19 12.09
N ALA A 343 -25.56 -13.72 8.58
CA ALA A 343 -25.67 -13.79 7.14
C ALA A 343 -26.48 -12.59 6.67
N ASN A 344 -26.28 -12.20 5.42
CA ASN A 344 -26.88 -11.00 4.88
C ASN A 344 -27.33 -11.30 3.47
N ILE A 345 -28.64 -11.48 3.27
CA ILE A 345 -29.12 -11.82 1.95
C ILE A 345 -28.99 -10.61 1.02
N ALA A 346 -28.64 -10.87 -0.24
CA ALA A 346 -28.22 -9.81 -1.11
C ALA A 346 -29.43 -9.16 -1.71
N GLN A 347 -29.74 -8.12 -0.95
CA GLN A 347 -30.25 -6.81 -1.30
C GLN A 347 -31.70 -6.53 -0.95
N LEU A 348 -31.80 -5.63 0.00
CA LEU A 348 -33.00 -5.37 0.74
C LEU A 348 -34.19 -5.02 -0.16
N VAL A 349 -33.97 -4.12 -1.11
CA VAL A 349 -35.07 -3.57 -1.92
C VAL A 349 -34.68 -3.40 -3.37
N ASN A 350 -35.54 -3.86 -4.29
CA ASN A 350 -35.35 -3.66 -5.74
C ASN A 350 -34.07 -4.23 -6.35
N VAL A 351 -33.33 -5.03 -5.60
CA VAL A 351 -32.02 -5.50 -6.07
C VAL A 351 -31.81 -6.98 -5.70
N LEU A 352 -31.57 -7.82 -6.71
CA LEU A 352 -31.37 -9.24 -6.49
C LEU A 352 -32.51 -9.83 -5.66
N GLN A 353 -32.21 -10.65 -4.65
CA GLN A 353 -33.27 -11.40 -3.97
C GLN A 353 -33.90 -10.61 -2.83
N SER A 354 -34.62 -9.55 -3.19
CA SER A 354 -35.16 -8.60 -2.21
C SER A 354 -36.37 -9.07 -1.46
N VAL A 355 -36.56 -8.51 -0.27
CA VAL A 355 -37.74 -8.80 0.50
C VAL A 355 -38.84 -7.86 0.06
N ILE A 356 -38.45 -6.76 -0.58
CA ILE A 356 -39.41 -5.73 -0.98
C ILE A 356 -39.10 -5.18 -2.34
N LEU A 357 -40.13 -4.93 -3.14
CA LEU A 357 -39.93 -4.25 -4.42
C LEU A 357 -40.82 -3.04 -4.35
N THR A 358 -40.42 -1.96 -5.01
CA THR A 358 -41.24 -0.74 -5.02
C THR A 358 -41.41 -0.25 -6.44
N GLU A 359 -42.46 0.53 -6.64
CA GLU A 359 -42.66 1.22 -7.90
C GLU A 359 -43.32 2.55 -7.57
N GLY A 360 -42.51 3.60 -7.49
CA GLY A 360 -42.98 4.86 -6.94
C GLY A 360 -43.56 4.65 -5.55
N GLU A 361 -44.78 5.16 -5.34
CA GLU A 361 -45.45 5.07 -4.05
C GLU A 361 -45.90 3.65 -3.72
N ARG A 362 -46.00 2.80 -4.74
CA ARG A 362 -46.42 1.42 -4.53
C ARG A 362 -45.27 0.52 -4.08
N MSE A 363 -45.58 -0.47 -3.25
CA MSE A 363 -44.59 -1.48 -2.88
C MSE A 363 -45.27 -2.85 -2.77
O MSE A 363 -46.49 -2.96 -2.69
CB MSE A 363 -43.90 -1.12 -1.55
CG MSE A 363 -44.70 -1.46 -0.31
SE MSE A 363 -43.61 -1.65 1.34
CE MSE A 363 -44.86 -2.80 2.32
N LEU A 364 -44.46 -3.91 -2.75
CA LEU A 364 -44.99 -5.24 -2.49
C LEU A 364 -44.04 -6.03 -1.59
N LEU A 365 -44.58 -7.02 -0.91
CA LEU A 365 -43.79 -7.95 -0.12
C LEU A 365 -43.60 -9.21 -0.97
N THR A 366 -42.34 -9.63 -1.14
CA THR A 366 -42.06 -10.82 -1.93
C THR A 366 -42.22 -12.07 -1.10
N PRO A 367 -42.25 -13.23 -1.76
CA PRO A 367 -42.29 -14.48 -1.00
C PRO A 367 -41.04 -14.63 -0.12
N THR A 368 -39.91 -14.05 -0.54
CA THR A 368 -38.72 -14.05 0.33
C THR A 368 -39.01 -13.27 1.63
N TYR A 369 -39.66 -12.11 1.53
CA TYR A 369 -40.08 -11.39 2.73
C TYR A 369 -40.83 -12.30 3.69
N HIS A 370 -41.79 -13.05 3.17
CA HIS A 370 -42.66 -13.89 3.98
C HIS A 370 -41.88 -14.98 4.71
N VAL A 371 -40.89 -15.56 4.04
CA VAL A 371 -40.02 -16.51 4.73
C VAL A 371 -39.30 -15.86 5.91
N PHE A 372 -38.67 -14.70 5.69
CA PHE A 372 -37.95 -14.02 6.78
C PHE A 372 -38.88 -13.62 7.93
N ASN A 373 -40.10 -13.17 7.59
CA ASN A 373 -41.09 -12.78 8.59
C ASN A 373 -41.57 -13.99 9.39
N MSE A 374 -41.86 -15.09 8.71
CA MSE A 374 -42.26 -16.31 9.41
C MSE A 374 -41.15 -16.91 10.28
O MSE A 374 -41.42 -17.44 11.35
CB MSE A 374 -42.70 -17.38 8.40
CG MSE A 374 -43.99 -17.03 7.65
SE MSE A 374 -44.29 -18.32 6.15
CE MSE A 374 -44.82 -19.86 7.17
N PHE A 375 -39.91 -16.86 9.77
CA PHE A 375 -38.77 -17.49 10.44
C PHE A 375 -38.17 -16.61 11.54
N LYS A 376 -38.68 -15.39 11.68
CA LYS A 376 -38.14 -14.49 12.70
C LYS A 376 -38.20 -15.11 14.09
N VAL A 377 -39.09 -16.09 14.25
CA VAL A 377 -39.24 -16.78 15.53
C VAL A 377 -37.97 -17.57 15.90
N HIS A 378 -37.12 -17.81 14.91
CA HIS A 378 -35.85 -18.50 15.13
C HIS A 378 -34.73 -17.55 15.60
N GLN A 379 -34.92 -16.24 15.49
CA GLN A 379 -33.86 -15.30 15.92
C GLN A 379 -33.48 -15.49 17.39
N ASP A 380 -32.21 -15.80 17.65
CA ASP A 380 -31.71 -15.93 19.03
C ASP A 380 -32.39 -17.07 19.78
N ALA A 381 -32.96 -18.00 19.04
CA ALA A 381 -33.62 -19.15 19.65
C ALA A 381 -32.59 -20.25 19.90
N GLU A 382 -32.92 -21.19 20.79
CA GLU A 382 -32.07 -22.33 21.00
C GLU A 382 -32.38 -23.41 19.97
N LEU A 383 -31.36 -23.83 19.23
CA LEU A 383 -31.50 -24.90 18.25
C LEU A 383 -31.69 -26.23 18.99
N LEU A 384 -32.71 -26.99 18.61
CA LEU A 384 -32.98 -28.27 19.24
C LEU A 384 -32.40 -29.43 18.45
N ASP A 385 -31.92 -30.43 19.17
CA ASP A 385 -31.39 -31.63 18.55
C ASP A 385 -32.51 -32.32 17.77
N THR A 386 -32.28 -32.57 16.49
CA THR A 386 -33.24 -33.32 15.69
C THR A 386 -32.53 -34.37 14.85
N TRP A 387 -33.15 -35.55 14.76
CA TRP A 387 -32.68 -36.61 13.88
C TRP A 387 -33.68 -36.73 12.76
N GLU A 388 -33.23 -36.99 11.55
CA GLU A 388 -34.16 -37.07 10.45
C GLU A 388 -33.83 -38.13 9.43
N SER A 389 -34.87 -38.63 8.78
CA SER A 389 -34.72 -39.53 7.66
C SER A 389 -35.77 -39.09 6.67
N VAL A 390 -35.38 -38.35 5.64
CA VAL A 390 -36.36 -37.74 4.77
C VAL A 390 -36.33 -38.35 3.38
N GLU A 391 -37.49 -38.40 2.74
CA GLU A 391 -37.52 -38.91 1.38
C GLU A 391 -36.82 -37.97 0.41
N ARG A 392 -36.54 -38.50 -0.77
CA ARG A 392 -35.83 -37.77 -1.82
C ARG A 392 -36.84 -37.23 -2.80
N THR A 393 -36.42 -36.27 -3.61
CA THR A 393 -37.26 -35.70 -4.65
C THR A 393 -36.34 -35.21 -5.77
N GLY A 394 -36.91 -34.79 -6.88
CA GLY A 394 -36.13 -34.31 -8.00
C GLY A 394 -35.49 -35.43 -8.80
N PRO A 395 -34.85 -35.08 -9.93
CA PRO A 395 -34.20 -36.06 -10.80
C PRO A 395 -33.23 -36.95 -10.02
N GLU A 396 -33.44 -38.26 -10.10
CA GLU A 396 -32.55 -39.21 -9.43
C GLU A 396 -32.49 -38.97 -7.92
N GLY A 397 -33.57 -38.42 -7.36
CA GLY A 397 -33.61 -38.13 -5.94
C GLY A 397 -32.46 -37.27 -5.45
N GLU A 398 -32.03 -36.31 -6.28
CA GLU A 398 -30.86 -35.48 -5.97
C GLU A 398 -31.11 -34.48 -4.84
N LEU A 399 -32.37 -34.27 -4.48
CA LEU A 399 -32.69 -33.30 -3.41
C LEU A 399 -33.42 -33.97 -2.27
N PRO A 400 -33.30 -33.42 -1.06
CA PRO A 400 -34.17 -33.96 0.00
C PRO A 400 -35.55 -33.41 -0.28
N LYS A 401 -36.61 -34.18 -0.02
CA LYS A 401 -37.94 -33.65 -0.31
C LYS A 401 -38.27 -32.53 0.67
N VAL A 402 -37.80 -32.71 1.89
CA VAL A 402 -38.11 -31.85 3.01
C VAL A 402 -36.84 -31.35 3.72
N SER A 403 -36.89 -30.11 4.19
CA SER A 403 -35.84 -29.55 5.03
C SER A 403 -36.51 -29.01 6.30
N VAL A 404 -36.01 -29.45 7.45
CA VAL A 404 -36.68 -29.16 8.73
C VAL A 404 -35.71 -28.58 9.75
N SER A 405 -36.21 -27.69 10.60
CA SER A 405 -35.37 -27.16 11.66
C SER A 405 -36.26 -26.87 12.87
N ALA A 406 -35.76 -27.14 14.07
CA ALA A 406 -36.54 -26.94 15.28
C ALA A 406 -35.76 -26.11 16.29
N SER A 407 -36.42 -25.12 16.89
CA SER A 407 -35.79 -24.30 17.91
C SER A 407 -36.78 -23.94 19.00
N ARG A 408 -36.26 -23.53 20.16
CA ARG A 408 -37.12 -23.05 21.23
C ARG A 408 -36.83 -21.59 21.55
N ALA A 409 -37.88 -20.78 21.54
CA ALA A 409 -37.78 -19.36 21.85
C ALA A 409 -37.64 -19.11 23.36
N ALA A 410 -37.26 -17.88 23.71
CA ALA A 410 -37.06 -17.50 25.10
C ALA A 410 -38.33 -17.69 25.95
N ASP A 411 -39.49 -17.49 25.33
CA ASP A 411 -40.77 -17.64 26.03
C ASP A 411 -41.21 -19.09 26.16
N GLY A 412 -40.35 -20.01 25.73
CA GLY A 412 -40.60 -21.42 25.90
C GLY A 412 -41.33 -22.10 24.75
N LYS A 413 -41.88 -21.33 23.82
CA LYS A 413 -42.52 -21.92 22.66
C LYS A 413 -41.52 -22.58 21.70
N ILE A 414 -41.91 -23.72 21.15
CA ILE A 414 -41.09 -24.43 20.18
C ILE A 414 -41.59 -24.15 18.76
N HIS A 415 -40.65 -23.89 17.86
CA HIS A 415 -41.01 -23.67 16.47
C HIS A 415 -40.32 -24.68 15.57
N ILE A 416 -41.10 -25.28 14.68
CA ILE A 416 -40.57 -26.22 13.72
C ILE A 416 -40.90 -25.68 12.34
N SER A 417 -39.86 -25.36 11.56
CA SER A 417 -40.08 -24.91 10.19
C SER A 417 -39.73 -26.02 9.22
N LEU A 418 -40.51 -26.12 8.14
CA LEU A 418 -40.36 -27.19 7.15
C LEU A 418 -40.56 -26.65 5.75
N CYS A 419 -39.64 -27.02 4.86
CA CYS A 419 -39.75 -26.66 3.47
C CYS A 419 -40.03 -27.93 2.69
N ASN A 420 -40.97 -27.86 1.75
CA ASN A 420 -41.19 -28.93 0.81
C ASN A 420 -40.66 -28.51 -0.54
N LEU A 421 -39.56 -29.12 -0.94
CA LEU A 421 -38.87 -28.74 -2.16
C LEU A 421 -39.52 -29.25 -3.44
N ASP A 422 -40.48 -30.16 -3.31
CA ASP A 422 -41.16 -30.73 -4.48
C ASP A 422 -42.36 -29.87 -4.84
N PHE A 423 -42.40 -29.38 -6.07
CA PHE A 423 -43.53 -28.58 -6.53
C PHE A 423 -44.75 -29.41 -6.97
N GLU A 424 -44.57 -30.73 -7.12
CA GLU A 424 -45.62 -31.58 -7.71
C GLU A 424 -46.53 -32.28 -6.71
N THR A 425 -45.98 -32.66 -5.55
CA THR A 425 -46.79 -33.34 -4.56
C THR A 425 -46.49 -32.83 -3.15
N GLY A 426 -47.44 -33.03 -2.26
CA GLY A 426 -47.27 -32.68 -0.86
C GLY A 426 -46.27 -33.61 -0.23
N ALA A 427 -45.87 -33.31 1.00
CA ALA A 427 -44.89 -34.13 1.69
C ALA A 427 -45.40 -34.54 3.06
N SER A 428 -45.46 -35.83 3.31
CA SER A 428 -45.85 -36.34 4.62
C SER A 428 -44.66 -36.35 5.56
N VAL A 429 -44.83 -35.71 6.71
CA VAL A 429 -43.77 -35.69 7.70
C VAL A 429 -44.32 -36.18 9.04
N ASP A 430 -43.68 -37.20 9.58
CA ASP A 430 -44.03 -37.70 10.91
C ASP A 430 -43.00 -37.20 11.91
N ILE A 431 -43.45 -36.33 12.81
CA ILE A 431 -42.57 -35.69 13.76
C ILE A 431 -42.79 -36.27 15.16
N GLU A 432 -41.78 -36.90 15.71
CA GLU A 432 -41.86 -37.42 17.06
C GLU A 432 -41.24 -36.42 18.04
N LEU A 433 -42.04 -35.95 19.00
CA LEU A 433 -41.57 -35.00 20.00
C LEU A 433 -41.18 -35.69 21.32
N ARG A 434 -39.91 -35.57 21.70
CA ARG A 434 -39.40 -36.17 22.92
C ARG A 434 -38.82 -35.12 23.88
N GLY A 435 -38.61 -35.53 25.14
CA GLY A 435 -37.98 -34.68 26.12
C GLY A 435 -38.81 -33.45 26.44
N LEU A 436 -40.13 -33.62 26.42
CA LEU A 436 -41.05 -32.51 26.54
C LEU A 436 -41.40 -32.17 27.99
N ASN A 437 -41.65 -33.21 28.80
CA ASN A 437 -42.07 -33.05 30.20
C ASN A 437 -43.58 -32.89 30.39
N GLY A 438 -44.21 -32.12 29.52
CA GLY A 438 -45.65 -31.96 29.56
C GLY A 438 -46.30 -32.35 28.25
N GLY A 439 -47.31 -31.59 27.87
CA GLY A 439 -47.93 -31.75 26.56
C GLY A 439 -47.95 -30.40 25.88
N VAL A 440 -48.16 -30.40 24.57
CA VAL A 440 -48.24 -29.15 23.83
C VAL A 440 -49.44 -29.15 22.90
N SER A 441 -49.88 -27.96 22.53
CA SER A 441 -50.81 -27.80 21.43
C SER A 441 -50.03 -27.11 20.31
N ALA A 442 -50.56 -27.18 19.09
CA ALA A 442 -49.86 -26.60 17.96
C ALA A 442 -50.77 -25.82 17.04
N THR A 443 -50.21 -24.77 16.44
CA THR A 443 -50.85 -24.06 15.34
C THR A 443 -49.84 -24.02 14.22
N GLY A 444 -50.26 -23.60 13.04
CA GLY A 444 -49.36 -23.57 11.91
C GLY A 444 -49.72 -22.52 10.88
N THR A 445 -48.72 -22.12 10.11
CA THR A 445 -48.89 -21.19 9.01
C THR A 445 -48.06 -21.69 7.83
N THR A 446 -48.54 -21.48 6.62
CA THR A 446 -47.84 -22.02 5.46
C THR A 446 -47.84 -21.01 4.31
N LEU A 447 -46.74 -21.01 3.57
CA LEU A 447 -46.57 -20.18 2.40
C LEU A 447 -46.38 -21.12 1.21
N THR A 448 -47.30 -21.04 0.26
CA THR A 448 -47.26 -21.94 -0.88
C THR A 448 -47.85 -21.23 -2.09
N SER A 449 -47.96 -21.95 -3.20
CA SER A 449 -48.39 -21.34 -4.45
C SER A 449 -48.96 -22.44 -5.36
N GLY A 450 -49.77 -22.05 -6.34
CA GLY A 450 -50.31 -22.98 -7.32
C GLY A 450 -49.50 -23.05 -8.61
N ARG A 451 -48.49 -22.17 -8.73
CA ARG A 451 -47.61 -22.09 -9.89
C ARG A 451 -46.14 -22.09 -9.43
N ILE A 452 -45.25 -22.76 -10.15
CA ILE A 452 -43.86 -22.86 -9.68
C ILE A 452 -43.14 -21.53 -9.69
N ASP A 453 -43.64 -20.58 -10.47
CA ASP A 453 -43.08 -19.23 -10.50
C ASP A 453 -44.03 -18.21 -9.86
N GLY A 454 -44.93 -18.70 -8.99
CA GLY A 454 -45.90 -17.86 -8.31
C GLY A 454 -45.22 -16.70 -7.62
N HIS A 455 -45.69 -15.49 -7.92
CA HIS A 455 -45.08 -14.28 -7.38
C HIS A 455 -46.11 -13.16 -7.19
N ASN A 456 -45.65 -12.09 -6.55
CA ASN A 456 -46.45 -10.91 -6.30
C ASN A 456 -46.07 -9.80 -7.23
N THR A 457 -47.06 -9.00 -7.62
CA THR A 457 -46.82 -7.83 -8.44
C THR A 457 -47.48 -6.64 -7.79
N PHE A 458 -47.26 -5.47 -8.34
CA PHE A 458 -47.85 -4.27 -7.75
C PHE A 458 -49.37 -4.25 -7.90
N ASP A 459 -49.88 -4.77 -9.02
CA ASP A 459 -51.34 -4.87 -9.23
C ASP A 459 -51.92 -6.05 -8.43
N GLU A 460 -51.14 -7.10 -8.23
CA GLU A 460 -51.59 -8.23 -7.41
C GLU A 460 -50.53 -8.55 -6.35
N PRO A 461 -50.47 -7.71 -5.30
CA PRO A 461 -49.39 -7.75 -4.30
C PRO A 461 -49.55 -8.89 -3.29
N GLU A 462 -50.68 -9.59 -3.31
CA GLU A 462 -50.91 -10.63 -2.29
C GLU A 462 -51.23 -12.00 -2.87
N ARG A 463 -50.74 -12.23 -4.08
CA ARG A 463 -50.97 -13.50 -4.76
C ARG A 463 -50.29 -14.62 -3.98
N VAL A 464 -49.09 -14.35 -3.45
CA VAL A 464 -48.39 -15.35 -2.66
C VAL A 464 -48.10 -14.81 -1.25
N LYS A 465 -48.77 -15.40 -0.26
CA LYS A 465 -48.64 -14.93 1.10
C LYS A 465 -49.00 -16.02 2.09
N PRO A 466 -48.56 -15.88 3.34
CA PRO A 466 -48.82 -16.91 4.34
C PRO A 466 -50.31 -17.10 4.63
N ALA A 467 -50.70 -18.32 4.96
CA ALA A 467 -52.08 -18.66 5.30
C ALA A 467 -52.08 -19.68 6.42
N PRO A 468 -53.24 -19.84 7.09
CA PRO A 468 -53.31 -20.83 8.17
C PRO A 468 -52.99 -22.22 7.67
N PHE A 469 -52.32 -23.01 8.49
CA PHE A 469 -52.00 -24.37 8.12
C PHE A 469 -52.63 -25.29 9.14
N ARG A 470 -53.51 -26.17 8.67
CA ARG A 470 -54.29 -27.02 9.59
C ARG A 470 -54.24 -28.48 9.19
N ASP A 471 -53.42 -28.81 8.19
CA ASP A 471 -53.38 -30.16 7.63
C ASP A 471 -52.38 -31.03 8.38
N PHE A 472 -52.55 -31.13 9.68
CA PHE A 472 -51.70 -31.97 10.50
C PHE A 472 -52.53 -32.51 11.64
N LYS A 473 -52.00 -33.51 12.31
CA LYS A 473 -52.69 -34.15 13.40
C LYS A 473 -51.70 -34.28 14.52
N LEU A 474 -52.06 -33.79 15.70
CA LEU A 474 -51.19 -33.88 16.85
C LEU A 474 -51.80 -34.82 17.89
N GLU A 475 -51.15 -35.95 18.10
CA GLU A 475 -51.67 -36.95 19.03
C GLU A 475 -50.54 -37.56 19.83
N GLY A 476 -50.62 -37.43 21.14
CA GLY A 476 -49.64 -38.02 22.04
C GLY A 476 -48.22 -37.99 21.51
N GLY A 477 -47.63 -36.80 21.52
CA GLY A 477 -46.23 -36.64 21.17
C GLY A 477 -45.85 -37.07 19.77
N HIS A 478 -46.85 -37.18 18.89
CA HIS A 478 -46.61 -37.41 17.48
C HIS A 478 -47.32 -36.35 16.66
N LEU A 479 -46.57 -35.60 15.85
CA LEU A 479 -47.18 -34.61 14.98
C LEU A 479 -47.00 -35.05 13.53
N ASN A 480 -48.11 -35.46 12.92
CA ASN A 480 -48.08 -35.89 11.53
C ASN A 480 -48.63 -34.79 10.65
N ALA A 481 -47.81 -34.34 9.71
CA ALA A 481 -48.16 -33.18 8.90
C ALA A 481 -48.18 -33.51 7.41
N SER A 482 -49.13 -32.92 6.69
CA SER A 482 -49.16 -33.05 5.24
C SER A 482 -48.83 -31.70 4.63
N LEU A 483 -47.56 -31.49 4.31
CA LEU A 483 -47.13 -30.21 3.79
C LEU A 483 -47.61 -30.06 2.37
N PRO A 484 -48.06 -28.85 2.01
CA PRO A 484 -48.47 -28.61 0.63
C PRO A 484 -47.26 -28.65 -0.29
N PRO A 485 -47.50 -28.84 -1.59
CA PRO A 485 -46.41 -28.76 -2.57
C PRO A 485 -45.71 -27.39 -2.48
N MSE A 486 -44.42 -27.35 -2.83
CA MSE A 486 -43.64 -26.11 -2.89
C MSE A 486 -44.04 -25.14 -1.79
O MSE A 486 -44.66 -24.11 -2.05
CB MSE A 486 -43.76 -25.44 -4.25
CG MSE A 486 -45.17 -25.38 -4.84
SE MSE A 486 -45.20 -24.39 -6.52
CE MSE A 486 -46.70 -25.32 -7.43
N SER A 487 -43.67 -25.46 -0.57
CA SER A 487 -44.14 -24.67 0.54
C SER A 487 -43.08 -24.50 1.61
N VAL A 488 -43.22 -23.41 2.35
CA VAL A 488 -42.50 -23.19 3.60
C VAL A 488 -43.53 -23.07 4.72
N THR A 489 -43.36 -23.87 5.77
CA THR A 489 -44.35 -23.92 6.82
C THR A 489 -43.68 -23.76 8.17
N VAL A 490 -44.37 -23.11 9.09
CA VAL A 490 -43.90 -23.02 10.47
C VAL A 490 -44.97 -23.48 11.44
N LEU A 491 -44.59 -24.42 12.31
CA LEU A 491 -45.47 -24.92 13.36
C LEU A 491 -45.04 -24.32 14.69
N GLU A 492 -45.97 -23.71 15.40
CA GLU A 492 -45.67 -23.20 16.72
C GLU A 492 -46.30 -24.10 17.78
N LEU A 493 -45.47 -24.67 18.66
CA LEU A 493 -45.95 -25.54 19.72
C LEU A 493 -45.90 -24.84 21.07
N THR A 494 -47.03 -24.83 21.77
CA THR A 494 -47.14 -24.19 23.08
C THR A 494 -47.34 -25.26 24.14
N ALA A 495 -46.58 -25.16 25.23
CA ALA A 495 -46.71 -26.09 26.35
C ALA A 495 -48.11 -25.95 26.94
N GLY A 496 -48.74 -27.09 27.23
CA GLY A 496 -50.12 -27.11 27.66
C GLY A 496 -51.05 -27.33 26.47
N ALA B 4 29.02 -10.13 -51.67
CA ALA B 4 27.76 -9.38 -51.61
C ALA B 4 26.73 -10.07 -50.72
N SER B 5 26.00 -9.28 -49.95
CA SER B 5 24.93 -9.82 -49.13
C SER B 5 23.77 -10.22 -50.04
N ARG B 6 23.05 -11.28 -49.68
CA ARG B 6 21.98 -11.77 -50.52
C ARG B 6 20.65 -11.74 -49.81
N VAL B 7 19.66 -11.13 -50.45
CA VAL B 7 18.34 -11.04 -49.87
C VAL B 7 17.28 -11.49 -50.85
N VAL B 8 16.40 -12.37 -50.39
CA VAL B 8 15.23 -12.76 -51.14
C VAL B 8 14.01 -12.15 -50.48
N VAL B 9 13.26 -11.37 -51.26
CA VAL B 9 12.02 -10.79 -50.77
C VAL B 9 10.86 -11.51 -51.41
N ASN B 10 10.06 -12.19 -50.61
CA ASN B 10 8.88 -12.88 -51.11
C ASN B 10 7.65 -12.02 -50.93
N ALA B 11 7.35 -11.23 -51.95
CA ALA B 11 6.29 -10.23 -51.91
C ALA B 11 4.91 -10.80 -51.77
N ASP B 12 4.77 -12.10 -52.02
CA ASP B 12 3.45 -12.74 -51.97
C ASP B 12 3.22 -13.43 -50.64
N ARG B 13 4.07 -13.14 -49.66
CA ARG B 13 4.03 -13.82 -48.37
C ARG B 13 4.18 -12.82 -47.23
N VAL B 14 3.07 -12.53 -46.57
CA VAL B 14 3.00 -11.56 -45.49
C VAL B 14 3.22 -12.22 -44.14
N LYS B 15 4.15 -11.65 -43.35
CA LYS B 15 4.50 -12.19 -42.05
C LYS B 15 3.79 -11.46 -40.92
N GLY B 16 3.05 -10.40 -41.26
CA GLY B 16 2.25 -9.71 -40.27
C GLY B 16 2.25 -8.21 -40.49
N THR B 17 1.65 -7.48 -39.56
CA THR B 17 1.53 -6.04 -39.69
C THR B 17 2.44 -5.31 -38.72
N ILE B 18 3.18 -4.33 -39.22
CA ILE B 18 4.03 -3.50 -38.39
C ILE B 18 3.22 -2.38 -37.74
N ASN B 19 2.82 -2.56 -36.48
CA ASN B 19 1.99 -1.56 -35.83
C ASN B 19 2.64 -0.18 -35.95
N ARG B 20 1.86 0.82 -36.33
CA ARG B 20 2.44 2.15 -36.47
C ARG B 20 3.06 2.65 -35.17
N ASN B 21 2.57 2.14 -34.03
CA ASN B 21 3.06 2.59 -32.73
C ASN B 21 4.47 2.14 -32.43
N ILE B 22 5.02 1.28 -33.28
CA ILE B 22 6.42 0.92 -33.17
C ILE B 22 7.30 2.17 -33.35
N TYR B 23 6.73 3.18 -34.01
CA TYR B 23 7.44 4.42 -34.33
C TYR B 23 7.13 5.50 -33.32
N GLY B 24 6.85 5.11 -32.09
CA GLY B 24 6.41 6.05 -31.07
C GLY B 24 7.51 6.83 -30.36
N HIS B 25 7.08 7.80 -29.56
CA HIS B 25 8.00 8.71 -28.91
C HIS B 25 7.65 8.93 -27.45
N PHE B 26 8.53 9.65 -26.77
CA PHE B 26 8.48 9.72 -25.32
C PHE B 26 9.07 11.04 -24.85
N SER B 27 8.31 11.78 -24.05
CA SER B 27 8.78 13.07 -23.54
C SER B 27 8.47 13.22 -22.06
N GLU B 28 9.52 13.45 -21.28
CA GLU B 28 9.44 13.60 -19.85
C GLU B 28 9.58 15.08 -19.51
N HIS B 29 9.02 15.51 -18.39
CA HIS B 29 9.43 16.80 -17.81
C HIS B 29 10.85 16.76 -17.29
N LEU B 30 11.79 16.94 -18.21
CA LEU B 30 13.21 16.83 -17.91
C LEU B 30 14.01 17.76 -18.82
N GLY B 31 15.01 18.44 -18.28
CA GLY B 31 15.83 19.33 -19.09
C GLY B 31 14.98 20.28 -19.92
N ARG B 32 15.25 20.33 -21.22
CA ARG B 32 14.46 21.19 -22.13
C ARG B 32 13.58 20.37 -23.09
N CYS B 33 13.18 19.17 -22.68
CA CYS B 33 12.31 18.38 -23.55
C CYS B 33 10.92 19.05 -23.65
N ILE B 34 10.36 19.38 -22.50
CA ILE B 34 9.03 19.98 -22.49
C ILE B 34 9.13 21.50 -22.65
N TYR B 35 9.82 22.16 -21.72
CA TYR B 35 10.01 23.60 -21.74
C TYR B 35 11.12 24.03 -22.71
N GLU B 36 10.71 24.91 -23.63
CA GLU B 36 11.48 25.30 -24.82
C GLU B 36 11.32 24.32 -25.97
N GLY B 37 11.53 23.04 -25.71
CA GLY B 37 11.51 22.05 -26.77
C GLY B 37 10.17 21.99 -27.49
N LEU B 38 9.08 22.20 -26.76
CA LEU B 38 7.75 22.10 -27.31
C LEU B 38 6.92 23.27 -26.84
N TRP B 39 6.88 23.43 -25.53
CA TRP B 39 6.06 24.44 -24.89
C TRP B 39 6.85 25.72 -24.74
N VAL B 40 6.40 26.77 -25.42
CA VAL B 40 7.07 28.07 -25.33
C VAL B 40 6.22 29.09 -24.57
N GLY B 41 4.92 28.80 -24.46
CA GLY B 41 3.99 29.70 -23.80
C GLY B 41 3.23 30.54 -24.81
N GLU B 42 2.02 30.94 -24.47
CA GLU B 42 1.18 31.65 -25.44
C GLU B 42 1.69 33.07 -25.75
N ASP B 43 2.43 33.66 -24.84
CA ASP B 43 2.97 35.00 -25.05
C ASP B 43 4.38 34.99 -25.63
N SER B 44 4.82 33.83 -26.11
CA SER B 44 6.17 33.74 -26.65
C SER B 44 6.32 34.43 -28.02
N PRO B 45 7.46 35.09 -28.24
CA PRO B 45 7.78 35.66 -29.55
C PRO B 45 8.00 34.55 -30.58
N ILE B 46 8.29 33.34 -30.11
CA ILE B 46 8.41 32.17 -30.99
C ILE B 46 7.04 31.78 -31.53
N PRO B 47 6.89 31.77 -32.86
CA PRO B 47 5.60 31.48 -33.47
C PRO B 47 5.06 30.16 -32.94
N ASN B 48 3.84 30.16 -32.46
CA ASN B 48 3.31 29.01 -31.74
C ASN B 48 1.80 28.89 -31.87
N THR B 49 1.29 27.67 -31.70
CA THR B 49 -0.13 27.40 -31.68
C THR B 49 -0.53 27.03 -30.25
N ASN B 50 -1.28 27.91 -29.60
CA ASN B 50 -1.72 27.72 -28.22
C ASN B 50 -0.59 27.37 -27.25
N GLY B 51 0.59 27.93 -27.49
CA GLY B 51 1.71 27.76 -26.59
C GLY B 51 2.74 26.74 -27.03
N ILE B 52 2.47 26.04 -28.13
CA ILE B 52 3.37 25.03 -28.65
C ILE B 52 4.01 25.52 -29.94
N ARG B 53 5.33 25.44 -30.03
CA ARG B 53 6.02 26.07 -31.15
C ARG B 53 5.68 25.42 -32.49
N ASN B 54 5.46 26.25 -33.50
CA ASN B 54 5.01 25.78 -34.80
C ASN B 54 6.06 24.97 -35.55
N ASP B 55 7.32 25.33 -35.39
CA ASP B 55 8.36 24.65 -36.13
C ASP B 55 8.46 23.17 -35.73
N VAL B 56 8.45 22.91 -34.43
CA VAL B 56 8.46 21.53 -33.95
C VAL B 56 7.19 20.78 -34.39
N LEU B 57 6.04 21.42 -34.24
CA LEU B 57 4.77 20.81 -34.64
C LEU B 57 4.83 20.31 -36.06
N GLU B 58 5.26 21.17 -36.97
CA GLU B 58 5.25 20.83 -38.39
C GLU B 58 6.23 19.72 -38.71
N ALA B 59 7.41 19.77 -38.11
CA ALA B 59 8.38 18.70 -38.34
C ALA B 59 7.86 17.36 -37.83
N LEU B 60 7.22 17.37 -36.66
CA LEU B 60 6.72 16.12 -36.08
C LEU B 60 5.53 15.55 -36.85
N LYS B 61 4.66 16.42 -37.37
CA LYS B 61 3.54 15.96 -38.20
C LYS B 61 4.03 15.37 -39.51
N GLN B 62 5.06 15.99 -40.08
CA GLN B 62 5.68 15.45 -41.29
C GLN B 62 6.19 14.04 -41.05
N MSE B 63 6.80 13.84 -39.88
CA MSE B 63 7.40 12.57 -39.50
C MSE B 63 6.30 11.52 -39.23
O MSE B 63 6.54 10.32 -39.27
CB MSE B 63 8.29 12.79 -38.26
CG MSE B 63 9.03 11.57 -37.72
SE MSE B 63 9.85 12.03 -35.98
CE MSE B 63 8.21 12.16 -34.94
N LYS B 64 5.09 12.00 -38.97
CA LYS B 64 3.95 11.12 -38.68
C LYS B 64 4.07 10.42 -37.31
N ILE B 65 4.45 11.18 -36.29
CA ILE B 65 4.43 10.68 -34.93
C ILE B 65 3.10 10.01 -34.65
N PRO B 66 3.13 8.72 -34.24
CA PRO B 66 1.89 7.96 -34.03
C PRO B 66 1.41 7.98 -32.57
N VAL B 67 2.33 8.09 -31.65
CA VAL B 67 1.99 8.05 -30.24
C VAL B 67 3.06 8.77 -29.42
N LEU B 68 2.66 9.38 -28.31
CA LEU B 68 3.60 10.14 -27.48
C LEU B 68 3.36 9.83 -26.00
N ARG B 69 4.41 9.39 -25.32
CA ARG B 69 4.32 9.02 -23.91
C ARG B 69 4.74 10.19 -23.01
N TRP B 70 4.01 10.40 -21.92
CA TRP B 70 4.21 11.54 -21.03
C TRP B 70 3.51 11.18 -19.73
N PRO B 71 3.95 11.71 -18.59
CA PRO B 71 4.94 12.76 -18.32
C PRO B 71 6.32 12.22 -18.13
N GLY B 72 6.52 10.94 -18.40
CA GLY B 72 7.87 10.45 -18.38
C GLY B 72 8.05 9.04 -17.87
N GLY B 73 9.31 8.78 -17.54
CA GLY B 73 9.76 7.67 -16.75
C GLY B 73 9.84 8.19 -15.33
N CYS B 74 11.04 8.41 -14.80
CA CYS B 74 11.17 8.76 -13.38
C CYS B 74 10.22 9.87 -12.86
N PHE B 75 10.06 10.94 -13.62
CA PHE B 75 9.15 12.01 -13.21
C PHE B 75 7.74 11.50 -12.98
N ALA B 76 7.32 10.51 -13.77
CA ALA B 76 5.93 10.04 -13.72
C ALA B 76 5.51 9.49 -12.35
N ASP B 77 6.43 8.82 -11.66
CA ASP B 77 6.11 8.29 -10.32
C ASP B 77 6.47 9.27 -9.21
N GLU B 78 6.78 10.51 -9.59
CA GLU B 78 6.83 11.60 -8.63
C GLU B 78 5.69 12.59 -8.89
N TYR B 79 5.08 12.51 -10.07
CA TYR B 79 4.12 13.51 -10.52
C TYR B 79 2.77 13.40 -9.84
N HIS B 80 2.19 14.54 -9.47
CA HIS B 80 0.81 14.56 -9.02
C HIS B 80 -0.01 15.43 -9.97
N TRP B 81 -0.79 14.77 -10.81
CA TRP B 81 -1.37 15.42 -11.99
C TRP B 81 -2.21 16.66 -11.67
N LYS B 82 -2.76 16.71 -10.47
CA LYS B 82 -3.59 17.85 -10.09
C LYS B 82 -2.78 19.14 -10.03
N ASP B 83 -1.47 19.01 -9.82
CA ASP B 83 -0.57 20.17 -9.82
C ASP B 83 -0.50 20.83 -11.19
N GLY B 84 -0.90 20.09 -12.22
CA GLY B 84 -0.76 20.59 -13.58
C GLY B 84 -2.06 20.97 -14.27
N VAL B 85 -3.13 21.15 -13.52
CA VAL B 85 -4.38 21.66 -14.11
C VAL B 85 -4.84 22.91 -13.37
N GLY B 86 -5.77 23.65 -13.97
CA GLY B 86 -6.27 24.88 -13.37
C GLY B 86 -5.59 26.10 -13.98
N PRO B 87 -6.01 27.31 -13.54
CA PRO B 87 -5.44 28.58 -14.03
C PRO B 87 -3.91 28.50 -14.10
N ARG B 88 -3.37 28.63 -15.30
CA ARG B 88 -1.97 28.28 -15.54
C ARG B 88 -0.98 28.99 -14.62
N GLU B 89 -1.12 30.30 -14.48
CA GLU B 89 -0.12 31.06 -13.74
C GLU B 89 -0.19 30.83 -12.24
N LYS B 90 -1.25 30.19 -11.77
CA LYS B 90 -1.36 29.90 -10.35
C LYS B 90 -1.14 28.42 -10.01
N ARG B 91 -0.48 27.69 -10.90
CA ARG B 91 -0.14 26.28 -10.65
C ARG B 91 1.07 26.13 -9.72
N LYS B 92 1.19 24.96 -9.10
CA LYS B 92 2.32 24.73 -8.20
C LYS B 92 3.65 24.86 -8.93
N ARG B 93 4.63 25.37 -8.21
CA ARG B 93 5.87 25.79 -8.83
C ARG B 93 7.04 25.35 -7.96
N MSE B 94 8.02 24.69 -8.57
CA MSE B 94 9.25 24.35 -7.86
C MSE B 94 10.46 24.91 -8.59
O MSE B 94 10.58 24.79 -9.81
CB MSE B 94 9.38 22.83 -7.68
CG MSE B 94 10.77 22.39 -7.13
SE MSE B 94 11.01 20.45 -6.76
CE MSE B 94 10.73 20.42 -4.82
N VAL B 95 11.36 25.53 -7.83
CA VAL B 95 12.59 26.08 -8.39
C VAL B 95 13.78 25.59 -7.58
N ASN B 96 14.52 24.65 -8.15
CA ASN B 96 15.75 24.17 -7.51
C ASN B 96 16.89 25.14 -7.76
N THR B 97 17.16 25.97 -6.76
CA THR B 97 18.22 26.98 -6.81
C THR B 97 19.60 26.44 -7.21
N HIS B 98 19.88 25.20 -6.83
CA HIS B 98 21.19 24.58 -7.08
C HIS B 98 21.50 24.40 -8.57
N TRP B 99 22.32 23.39 -8.86
CA TRP B 99 22.71 23.05 -10.23
C TRP B 99 21.64 22.14 -10.82
N GLY B 100 20.54 22.01 -10.09
CA GLY B 100 19.41 21.21 -10.53
C GLY B 100 18.52 21.96 -11.49
N GLY B 101 18.48 23.29 -11.34
CA GLY B 101 17.70 24.15 -12.20
C GLY B 101 16.32 23.60 -12.53
N VAL B 102 15.75 22.84 -11.60
CA VAL B 102 14.42 22.30 -11.78
C VAL B 102 13.41 23.41 -11.51
N ILE B 103 13.31 24.35 -12.45
CA ILE B 103 12.26 25.37 -12.43
C ILE B 103 10.95 24.83 -12.98
N GLU B 104 10.42 23.76 -12.39
CA GLU B 104 9.15 23.18 -12.85
C GLU B 104 7.94 24.03 -12.45
N ASN B 105 7.36 24.73 -13.41
CA ASN B 105 6.19 25.56 -13.12
C ASN B 105 4.84 24.92 -13.47
N ASN B 106 4.87 23.70 -13.99
CA ASN B 106 3.64 22.99 -14.32
C ASN B 106 2.75 23.73 -15.29
N HIS B 107 3.35 24.59 -16.12
CA HIS B 107 2.60 25.30 -17.14
C HIS B 107 2.15 24.33 -18.21
N PHE B 108 2.93 23.26 -18.39
CA PHE B 108 2.56 22.18 -19.28
C PHE B 108 2.02 21.02 -18.45
N GLY B 109 0.69 20.87 -18.46
CA GLY B 109 0.02 19.84 -17.70
C GLY B 109 -0.95 19.06 -18.58
N THR B 110 -1.97 18.46 -17.97
CA THR B 110 -2.89 17.58 -18.70
C THR B 110 -3.53 18.25 -19.93
N HIS B 111 -4.06 19.45 -19.77
CA HIS B 111 -4.74 20.10 -20.90
C HIS B 111 -3.82 20.38 -22.07
N GLU B 112 -2.63 20.87 -21.76
CA GLU B 112 -1.61 21.15 -22.76
C GLU B 112 -1.13 19.89 -23.48
N PHE B 113 -0.97 18.79 -22.73
CA PHE B 113 -0.56 17.53 -23.35
C PHE B 113 -1.62 16.98 -24.31
N MSE B 114 -2.88 17.00 -23.90
CA MSE B 114 -3.95 16.51 -24.78
C MSE B 114 -4.06 17.39 -26.01
O MSE B 114 -4.29 16.89 -27.11
CB MSE B 114 -5.30 16.45 -24.03
CG MSE B 114 -5.30 15.51 -22.81
SE MSE B 114 -4.75 13.63 -23.20
CE MSE B 114 -6.35 13.03 -24.14
N MSE B 115 -3.86 18.69 -25.84
CA MSE B 115 -3.85 19.65 -26.96
C MSE B 115 -2.71 19.31 -27.91
O MSE B 115 -2.92 19.25 -29.13
CB MSE B 115 -3.74 21.09 -26.44
CG MSE B 115 -3.64 22.20 -27.53
SE MSE B 115 -5.06 22.12 -28.90
CE MSE B 115 -6.58 22.86 -27.84
N LEU B 116 -1.52 19.10 -27.37
CA LEU B 116 -0.36 18.74 -28.18
C LEU B 116 -0.63 17.49 -29.04
N CYS B 117 -1.24 16.48 -28.44
CA CYS B 117 -1.51 15.24 -29.18
C CYS B 117 -2.57 15.44 -30.28
N GLU B 118 -3.57 16.28 -29.99
CA GLU B 118 -4.55 16.67 -31.00
C GLU B 118 -3.89 17.40 -32.17
N LEU B 119 -3.03 18.37 -31.88
CA LEU B 119 -2.35 19.11 -32.96
C LEU B 119 -1.44 18.21 -33.78
N LEU B 120 -0.78 17.25 -33.11
CA LEU B 120 0.13 16.34 -33.79
C LEU B 120 -0.62 15.24 -34.53
N GLY B 121 -1.84 14.95 -34.07
CA GLY B 121 -2.61 13.88 -34.65
C GLY B 121 -2.13 12.51 -34.15
N CYS B 122 -1.52 12.49 -32.97
CA CYS B 122 -0.97 11.25 -32.43
C CYS B 122 -1.78 10.79 -31.22
N GLU B 123 -1.58 9.54 -30.82
CA GLU B 123 -2.25 9.03 -29.63
C GLU B 123 -1.52 9.49 -28.37
N PRO B 124 -2.29 9.88 -27.35
CA PRO B 124 -1.69 10.15 -26.05
C PRO B 124 -1.42 8.82 -25.33
N TYR B 125 -0.32 8.79 -24.58
CA TYR B 125 0.01 7.65 -23.74
C TYR B 125 0.46 8.23 -22.39
N ILE B 126 -0.42 8.12 -21.40
CA ILE B 126 -0.15 8.73 -20.10
C ILE B 126 0.39 7.71 -19.11
N SER B 127 1.44 8.08 -18.38
CA SER B 127 2.02 7.24 -17.34
C SER B 127 1.59 7.72 -15.98
N GLY B 128 0.88 6.87 -15.24
CA GLY B 128 0.31 7.25 -13.97
C GLY B 128 1.27 6.93 -12.84
N ASN B 129 1.06 7.57 -11.70
CA ASN B 129 1.98 7.45 -10.57
C ASN B 129 1.56 6.35 -9.59
N VAL B 130 2.32 5.25 -9.58
CA VAL B 130 2.18 4.22 -8.56
C VAL B 130 3.12 4.44 -7.38
N GLY B 131 4.37 4.77 -7.67
CA GLY B 131 5.41 4.90 -6.65
C GLY B 131 5.09 5.81 -5.49
N SER B 132 4.58 7.01 -5.76
CA SER B 132 4.26 7.95 -4.68
C SER B 132 2.82 8.46 -4.76
N GLY B 133 2.02 7.85 -5.63
CA GLY B 133 0.65 8.28 -5.83
C GLY B 133 -0.33 7.34 -5.13
N THR B 134 -1.62 7.65 -5.22
CA THR B 134 -2.62 6.79 -4.60
C THR B 134 -3.57 6.24 -5.65
N VAL B 135 -4.33 5.23 -5.26
CA VAL B 135 -5.28 4.59 -6.16
C VAL B 135 -6.37 5.60 -6.54
N GLN B 136 -6.91 6.33 -5.56
CA GLN B 136 -7.92 7.35 -5.84
C GLN B 136 -7.37 8.41 -6.81
N GLU B 137 -6.16 8.89 -6.56
CA GLU B 137 -5.54 9.89 -7.42
C GLU B 137 -5.48 9.46 -8.89
N MSE B 138 -5.01 8.23 -9.16
CA MSE B 138 -4.94 7.77 -10.55
C MSE B 138 -6.32 7.55 -11.17
O MSE B 138 -6.56 7.93 -12.31
CB MSE B 138 -4.11 6.50 -10.68
CG MSE B 138 -3.74 6.21 -12.12
SE MSE B 138 -2.66 4.58 -12.41
CE MSE B 138 -1.06 5.09 -11.37
N SER B 139 -7.21 6.94 -10.41
CA SER B 139 -8.58 6.74 -10.86
C SER B 139 -9.23 8.08 -11.24
N GLU B 140 -8.98 9.10 -10.44
CA GLU B 140 -9.54 10.43 -10.70
C GLU B 140 -8.93 11.09 -11.95
N TRP B 141 -7.69 10.76 -12.26
CA TRP B 141 -7.07 11.31 -13.46
C TRP B 141 -7.84 10.79 -14.68
N VAL B 142 -8.09 9.49 -14.71
CA VAL B 142 -8.83 8.89 -15.82
C VAL B 142 -10.24 9.50 -15.93
N GLU B 143 -10.89 9.71 -14.78
CA GLU B 143 -12.22 10.29 -14.72
C GLU B 143 -12.21 11.73 -15.24
N TYR B 144 -11.29 12.54 -14.70
CA TYR B 144 -11.08 13.91 -15.14
C TYR B 144 -11.00 14.01 -16.66
N ILE B 145 -10.22 13.11 -17.26
CA ILE B 145 -9.97 13.16 -18.68
C ILE B 145 -11.13 12.66 -19.54
N THR B 146 -11.78 11.58 -19.12
CA THR B 146 -12.66 10.81 -19.99
C THR B 146 -14.15 10.78 -19.65
N PHE B 147 -14.54 11.28 -18.47
CA PHE B 147 -15.95 11.19 -18.04
C PHE B 147 -16.83 12.27 -18.66
N ASP B 148 -17.97 11.88 -19.23
CA ASP B 148 -18.87 12.83 -19.88
C ASP B 148 -20.04 13.31 -19.03
N GLY B 149 -20.15 12.81 -17.80
CA GLY B 149 -21.26 13.21 -16.94
C GLY B 149 -20.94 14.33 -15.97
N GLU B 150 -21.67 14.35 -14.86
CA GLU B 150 -21.42 15.34 -13.83
C GLU B 150 -20.73 14.66 -12.67
N SER B 151 -19.58 15.21 -12.29
CA SER B 151 -18.86 14.73 -11.12
C SER B 151 -17.87 15.83 -10.83
N PRO B 152 -17.35 15.88 -9.60
CA PRO B 152 -16.31 16.84 -9.24
C PRO B 152 -15.17 16.86 -10.24
N MSE B 153 -14.67 15.70 -10.67
CA MSE B 153 -13.56 15.66 -11.62
C MSE B 153 -13.94 16.18 -13.00
O MSE B 153 -13.22 17.01 -13.57
CB MSE B 153 -12.94 14.26 -11.72
CG MSE B 153 -12.18 13.81 -10.47
SE MSE B 153 -10.75 15.04 -9.90
CE MSE B 153 -11.67 16.03 -8.46
N ALA B 154 -15.04 15.67 -13.57
CA ALA B 154 -15.50 16.14 -14.88
C ALA B 154 -15.88 17.62 -14.87
N ASN B 155 -16.60 18.07 -13.85
CA ASN B 155 -16.94 19.49 -13.72
C ASN B 155 -15.68 20.35 -13.68
N TRP B 156 -14.66 19.85 -13.00
CA TRP B 156 -13.38 20.56 -12.90
C TRP B 156 -12.74 20.70 -14.28
N ARG B 157 -12.74 19.62 -15.06
CA ARG B 157 -12.23 19.70 -16.42
C ARG B 157 -12.97 20.78 -17.22
N ARG B 158 -14.29 20.83 -17.09
CA ARG B 158 -15.10 21.81 -17.85
C ARG B 158 -14.75 23.21 -17.41
N GLU B 159 -14.70 23.39 -16.11
CA GLU B 159 -14.23 24.60 -15.46
C GLU B 159 -12.90 25.05 -16.07
N ASN B 160 -12.02 24.07 -16.36
CA ASN B 160 -10.69 24.37 -16.86
C ASN B 160 -10.64 24.49 -18.39
N GLY B 161 -11.80 24.49 -19.03
CA GLY B 161 -11.86 24.85 -20.44
C GLY B 161 -12.01 23.73 -21.46
N ARG B 162 -12.19 22.50 -20.99
CA ARG B 162 -12.46 21.38 -21.89
C ARG B 162 -13.83 20.77 -21.56
N GLU B 163 -14.79 21.08 -22.42
CA GLU B 163 -16.20 20.76 -22.19
C GLU B 163 -16.47 19.28 -22.38
N LYS B 164 -16.20 18.77 -23.57
CA LYS B 164 -16.35 17.35 -23.82
C LYS B 164 -15.17 16.58 -23.22
N PRO B 165 -15.37 15.29 -22.93
CA PRO B 165 -14.23 14.49 -22.45
C PRO B 165 -13.25 14.29 -23.61
N TRP B 166 -12.04 13.88 -23.31
CA TRP B 166 -11.13 13.44 -24.35
C TRP B 166 -11.19 11.92 -24.39
N ARG B 167 -10.72 11.33 -25.49
CA ARG B 167 -10.48 9.90 -25.55
C ARG B 167 -9.01 9.64 -25.20
N ILE B 168 -8.75 8.50 -24.57
CA ILE B 168 -7.38 8.02 -24.43
C ILE B 168 -7.38 6.50 -24.31
N LYS B 169 -6.43 5.86 -24.98
CA LYS B 169 -6.28 4.42 -24.88
C LYS B 169 -5.13 4.06 -23.94
N TYR B 170 -3.92 4.48 -24.30
CA TYR B 170 -2.74 3.95 -23.64
C TYR B 170 -2.50 4.57 -22.27
N TRP B 171 -2.50 3.70 -21.26
CA TRP B 171 -2.36 4.15 -19.88
C TRP B 171 -1.33 3.27 -19.17
N GLY B 172 -0.22 3.87 -18.77
CA GLY B 172 0.81 3.14 -18.05
C GLY B 172 0.54 3.19 -16.56
N VAL B 173 0.56 2.03 -15.91
CA VAL B 173 0.33 1.97 -14.48
C VAL B 173 1.67 1.88 -13.73
N GLY B 174 2.33 3.03 -13.56
CA GLY B 174 3.65 3.09 -12.96
C GLY B 174 4.79 2.94 -13.96
N ASN B 175 5.90 3.59 -13.68
CA ASN B 175 7.07 3.54 -14.53
C ASN B 175 8.32 3.16 -13.73
N GLU B 176 9.16 2.30 -14.29
CA GLU B 176 10.42 1.90 -13.67
C GLU B 176 10.28 1.62 -12.19
N ASN B 177 9.26 0.84 -11.85
CA ASN B 177 8.97 0.57 -10.46
C ASN B 177 10.01 -0.30 -9.77
N TRP B 178 10.83 -1.02 -10.55
CA TRP B 178 11.98 -1.73 -9.99
C TRP B 178 13.09 -0.79 -9.51
N GLY B 179 12.99 0.49 -9.88
CA GLY B 179 14.06 1.44 -9.58
C GLY B 179 13.51 2.73 -9.01
N CYS B 180 13.61 3.80 -9.78
CA CYS B 180 13.23 5.12 -9.27
C CYS B 180 11.73 5.20 -8.95
N GLY B 181 10.95 4.24 -9.42
CA GLY B 181 9.52 4.20 -9.12
C GLY B 181 9.18 3.41 -7.87
N GLY B 182 10.14 3.25 -6.96
CA GLY B 182 9.85 2.66 -5.66
C GLY B 182 10.72 1.48 -5.24
N ASN B 183 11.72 1.15 -6.06
CA ASN B 183 12.65 0.07 -5.73
C ASN B 183 11.92 -1.21 -5.36
N MSE B 184 10.94 -1.59 -6.17
CA MSE B 184 10.03 -2.67 -5.82
C MSE B 184 10.49 -4.00 -6.35
O MSE B 184 11.03 -4.09 -7.44
CB MSE B 184 8.63 -2.40 -6.37
CG MSE B 184 8.09 -1.03 -6.00
SE MSE B 184 6.21 -0.83 -6.56
CE MSE B 184 5.81 0.88 -5.63
N ARG B 185 10.25 -5.03 -5.56
CA ARG B 185 10.30 -6.39 -6.05
C ARG B 185 9.16 -6.53 -7.07
N ALA B 186 9.38 -7.37 -8.07
CA ALA B 186 8.32 -7.69 -9.05
C ALA B 186 7.07 -8.21 -8.37
N GLU B 187 7.25 -9.04 -7.35
CA GLU B 187 6.11 -9.64 -6.66
C GLU B 187 5.26 -8.56 -5.97
N TYR B 188 5.92 -7.53 -5.44
CA TYR B 188 5.23 -6.42 -4.79
C TYR B 188 4.57 -5.50 -5.82
N TYR B 189 5.30 -5.11 -6.85
CA TYR B 189 4.69 -4.31 -7.91
C TYR B 189 3.47 -4.99 -8.54
N ALA B 190 3.54 -6.30 -8.75
CA ALA B 190 2.40 -7.00 -9.36
C ALA B 190 1.12 -6.85 -8.52
N ASP B 191 1.26 -6.90 -7.20
CA ASP B 191 0.12 -6.67 -6.31
C ASP B 191 -0.44 -5.26 -6.47
N LEU B 192 0.44 -4.26 -6.48
CA LEU B 192 0.01 -2.87 -6.64
C LEU B 192 -0.60 -2.65 -8.01
N TYR B 193 0.00 -3.22 -9.05
CA TYR B 193 -0.54 -3.15 -10.41
C TYR B 193 -1.99 -3.67 -10.45
N ARG B 194 -2.20 -4.87 -9.94
CA ARG B 194 -3.56 -5.44 -9.94
C ARG B 194 -4.57 -4.55 -9.23
N GLN B 195 -4.17 -3.95 -8.11
CA GLN B 195 -5.05 -3.06 -7.34
C GLN B 195 -5.33 -1.75 -8.07
N PHE B 196 -4.27 -1.02 -8.43
CA PHE B 196 -4.42 0.26 -9.13
C PHE B 196 -5.24 0.15 -10.43
N GLN B 197 -4.91 -0.82 -11.29
CA GLN B 197 -5.61 -0.99 -12.57
C GLN B 197 -7.13 -1.25 -12.39
N THR B 198 -7.49 -1.85 -11.27
CA THR B 198 -8.90 -2.15 -10.98
C THR B 198 -9.76 -0.90 -11.09
N TYR B 199 -9.25 0.22 -10.58
CA TYR B 199 -10.05 1.44 -10.47
C TYR B 199 -9.91 2.40 -11.64
N LEU B 200 -9.27 1.95 -12.72
CA LEU B 200 -9.17 2.75 -13.93
C LEU B 200 -10.31 2.36 -14.85
N ARG B 201 -11.34 3.20 -14.91
CA ARG B 201 -12.58 2.83 -15.57
C ARG B 201 -12.66 3.21 -17.04
N ASN B 202 -13.47 2.46 -17.78
CA ASN B 202 -13.89 2.85 -19.11
C ASN B 202 -15.15 3.73 -19.01
N TYR B 203 -14.99 5.04 -19.22
CA TYR B 203 -16.16 5.92 -19.17
C TYR B 203 -16.70 6.17 -20.57
N GLY B 204 -18.03 6.15 -20.70
CA GLY B 204 -18.66 6.42 -21.98
C GLY B 204 -18.21 5.46 -23.07
N ASP B 205 -17.73 6.01 -24.18
CA ASP B 205 -17.17 5.19 -25.26
C ASP B 205 -15.68 4.91 -25.12
N ASN B 206 -15.06 5.44 -24.08
CA ASN B 206 -13.61 5.28 -23.93
C ASN B 206 -13.21 3.86 -23.51
N LYS B 207 -12.11 3.37 -24.09
CA LYS B 207 -11.56 2.04 -23.77
C LYS B 207 -10.06 2.12 -23.44
N LEU B 208 -9.71 1.90 -22.17
CA LEU B 208 -8.31 1.96 -21.77
C LEU B 208 -7.56 0.74 -22.25
N HIS B 209 -6.28 0.95 -22.58
CA HIS B 209 -5.36 -0.12 -22.91
C HIS B 209 -4.28 -0.08 -21.82
N LYS B 210 -4.44 -0.91 -20.79
CA LYS B 210 -3.61 -0.82 -19.60
C LYS B 210 -2.25 -1.50 -19.79
N ILE B 211 -1.21 -0.78 -19.38
CA ILE B 211 0.15 -1.23 -19.60
C ILE B 211 0.86 -1.33 -18.27
N ALA B 212 1.37 -2.52 -17.98
CA ALA B 212 2.10 -2.74 -16.75
C ALA B 212 3.58 -2.48 -16.96
N CYS B 213 4.24 -1.98 -15.93
CA CYS B 213 5.68 -1.75 -15.96
C CYS B 213 6.39 -3.09 -16.09
N GLY B 214 7.14 -3.26 -17.18
CA GLY B 214 7.92 -4.46 -17.42
C GLY B 214 9.38 -4.30 -17.00
N ALA B 215 10.21 -5.21 -17.51
CA ALA B 215 11.60 -5.36 -17.09
C ALA B 215 12.58 -4.29 -17.59
N ASN B 216 13.61 -4.09 -16.80
CA ASN B 216 14.81 -3.38 -17.19
C ASN B 216 15.76 -4.39 -17.83
N THR B 217 16.12 -4.15 -19.09
CA THR B 217 17.14 -4.93 -19.78
C THR B 217 16.88 -6.45 -19.64
N ALA B 218 17.80 -7.20 -19.03
CA ALA B 218 17.69 -8.66 -18.98
C ALA B 218 17.09 -9.20 -17.68
N ASP B 219 16.22 -8.43 -17.03
CA ASP B 219 15.57 -8.92 -15.81
C ASP B 219 14.42 -9.85 -16.21
N TYR B 220 14.77 -11.07 -16.59
CA TYR B 220 13.78 -12.06 -17.02
C TYR B 220 12.84 -12.47 -15.89
N HIS B 221 13.33 -12.41 -14.66
CA HIS B 221 12.51 -12.76 -13.51
C HIS B 221 11.32 -11.82 -13.38
N TRP B 222 11.52 -10.53 -13.64
CA TRP B 222 10.42 -9.56 -13.58
C TRP B 222 9.30 -9.96 -14.56
N THR B 223 9.67 -10.24 -15.80
CA THR B 223 8.71 -10.60 -16.83
C THR B 223 7.94 -11.84 -16.39
N GLU B 224 8.66 -12.82 -15.86
CA GLU B 224 8.03 -14.05 -15.41
C GLU B 224 7.00 -13.83 -14.31
N VAL B 225 7.36 -13.04 -13.31
CA VAL B 225 6.44 -12.72 -12.22
C VAL B 225 5.24 -11.92 -12.72
N LEU B 226 5.49 -10.89 -13.54
CA LEU B 226 4.35 -10.09 -14.00
C LEU B 226 3.37 -10.93 -14.84
N MSE B 227 3.92 -11.78 -15.71
CA MSE B 227 3.06 -12.61 -16.57
C MSE B 227 2.28 -13.62 -15.72
O MSE B 227 1.07 -13.75 -15.85
CB MSE B 227 3.89 -13.31 -17.66
CG MSE B 227 4.43 -12.35 -18.72
SE MSE B 227 2.99 -11.32 -19.63
CE MSE B 227 2.16 -12.78 -20.66
N LYS B 228 2.99 -14.29 -14.80
CA LYS B 228 2.40 -15.34 -14.00
C LYS B 228 1.34 -14.79 -13.04
N GLN B 229 1.60 -13.63 -12.45
CA GLN B 229 0.69 -13.04 -11.47
C GLN B 229 -0.35 -12.08 -12.02
N ALA B 230 -0.05 -11.37 -13.11
CA ALA B 230 -0.91 -10.25 -13.51
C ALA B 230 -1.41 -10.21 -14.96
N ALA B 231 -1.04 -11.20 -15.74
CA ALA B 231 -1.38 -11.21 -17.16
C ALA B 231 -2.85 -10.95 -17.49
N PRO B 232 -3.78 -11.53 -16.71
CA PRO B 232 -5.21 -11.30 -17.03
C PRO B 232 -5.64 -9.85 -16.84
N PHE B 233 -4.83 -9.06 -16.13
CA PHE B 233 -5.26 -7.70 -15.79
C PHE B 233 -4.53 -6.62 -16.57
N MSE B 234 -3.84 -6.98 -17.65
CA MSE B 234 -3.15 -5.98 -18.47
C MSE B 234 -3.39 -6.24 -19.95
O MSE B 234 -3.76 -7.34 -20.33
CB MSE B 234 -1.63 -6.04 -18.19
CG MSE B 234 -1.00 -7.35 -18.66
SE MSE B 234 0.93 -7.55 -18.31
CE MSE B 234 0.84 -7.86 -16.37
N HIS B 235 -3.15 -5.23 -20.79
CA HIS B 235 -3.15 -5.44 -22.23
C HIS B 235 -1.76 -5.28 -22.80
N GLY B 236 -0.84 -4.75 -22.00
CA GLY B 236 0.53 -4.61 -22.46
C GLY B 236 1.52 -4.69 -21.31
N LEU B 237 2.76 -5.04 -21.63
CA LEU B 237 3.84 -5.10 -20.66
C LEU B 237 5.05 -4.43 -21.29
N SER B 238 5.74 -3.58 -20.54
CA SER B 238 6.80 -2.80 -21.15
C SER B 238 8.17 -3.47 -21.03
N LEU B 239 9.17 -2.84 -21.62
CA LEU B 239 10.55 -3.27 -21.54
C LEU B 239 11.40 -2.02 -21.77
N HIS B 240 12.49 -1.86 -21.03
CA HIS B 240 13.37 -0.70 -21.16
C HIS B 240 14.79 -1.16 -21.46
N TYR B 241 15.39 -0.63 -22.51
CA TYR B 241 16.78 -0.94 -22.80
C TYR B 241 17.47 0.21 -23.52
N TYR B 242 18.48 0.79 -22.86
CA TYR B 242 19.29 1.83 -23.47
C TYR B 242 20.61 1.27 -23.99
N THR B 243 21.04 1.81 -25.14
CA THR B 243 22.35 1.54 -25.69
C THR B 243 23.35 2.50 -25.04
N VAL B 244 24.23 1.96 -24.20
CA VAL B 244 25.20 2.76 -23.44
C VAL B 244 26.61 2.25 -23.75
N PRO B 245 27.39 3.00 -24.55
CA PRO B 245 28.68 2.49 -25.04
C PRO B 245 29.66 2.09 -23.94
N GLY B 246 29.97 3.01 -23.02
CA GLY B 246 30.90 2.72 -21.95
C GLY B 246 30.18 2.35 -20.65
N PRO B 247 30.95 2.24 -19.55
CA PRO B 247 30.32 1.99 -18.25
C PRO B 247 29.43 3.17 -17.86
N TRP B 248 28.47 2.92 -16.98
CA TRP B 248 27.53 3.95 -16.60
C TRP B 248 28.20 5.25 -16.17
N GLU B 249 29.34 5.12 -15.50
CA GLU B 249 29.99 6.27 -14.91
C GLU B 249 30.77 7.10 -15.94
N LYS B 250 31.06 6.51 -17.09
CA LYS B 250 31.70 7.24 -18.19
C LYS B 250 31.25 6.62 -19.50
N LYS B 251 30.10 7.06 -19.99
CA LYS B 251 29.40 6.38 -21.06
C LYS B 251 30.05 6.60 -22.42
N GLY B 252 30.83 7.67 -22.55
CA GLY B 252 31.38 8.07 -23.83
C GLY B 252 30.62 9.25 -24.42
N PRO B 253 31.25 10.00 -25.33
CA PRO B 253 30.64 11.21 -25.92
C PRO B 253 29.77 10.93 -27.15
N ALA B 254 28.83 11.81 -27.45
CA ALA B 254 28.01 11.71 -28.68
C ALA B 254 28.80 11.94 -29.97
N THR B 255 29.85 12.74 -29.89
CA THR B 255 30.70 13.04 -31.04
C THR B 255 32.14 12.98 -30.60
N GLY B 256 33.06 12.87 -31.57
CA GLY B 256 34.47 12.80 -31.27
C GLY B 256 34.88 11.48 -30.62
N PHE B 257 34.11 10.44 -30.91
CA PHE B 257 34.36 9.12 -30.32
C PHE B 257 35.26 8.30 -31.22
N THR B 258 35.82 7.22 -30.69
CA THR B 258 36.74 6.36 -31.42
C THR B 258 36.01 5.37 -32.32
N THR B 259 36.76 4.72 -33.19
CA THR B 259 36.21 3.68 -34.04
C THR B 259 35.75 2.47 -33.22
N ASP B 260 36.47 2.16 -32.14
CA ASP B 260 36.04 1.08 -31.24
C ASP B 260 34.69 1.40 -30.63
N GLU B 261 34.44 2.68 -30.36
CA GLU B 261 33.17 3.09 -29.77
C GLU B 261 32.04 2.94 -30.78
N TRP B 262 32.36 3.10 -32.07
CA TRP B 262 31.38 2.87 -33.12
C TRP B 262 30.88 1.43 -33.03
N TRP B 263 31.81 0.48 -33.09
CA TRP B 263 31.47 -0.94 -33.06
C TRP B 263 30.70 -1.34 -31.79
N VAL B 264 31.18 -0.90 -30.64
CA VAL B 264 30.56 -1.24 -29.36
C VAL B 264 29.14 -0.69 -29.27
N THR B 265 28.94 0.51 -29.80
CA THR B 265 27.61 1.11 -29.76
C THR B 265 26.64 0.27 -30.58
N LEU B 266 27.04 -0.15 -31.77
CA LEU B 266 26.13 -0.88 -32.64
C LEU B 266 25.92 -2.31 -32.11
N LYS B 267 26.96 -2.91 -31.55
CA LYS B 267 26.85 -4.22 -30.94
C LYS B 267 25.81 -4.21 -29.81
N LYS B 268 25.96 -3.25 -28.89
CA LYS B 268 25.00 -3.11 -27.80
C LYS B 268 23.58 -2.80 -28.26
N ALA B 269 23.42 -2.01 -29.33
CA ALA B 269 22.08 -1.74 -29.85
C ALA B 269 21.41 -3.02 -30.33
N LEU B 270 22.17 -3.84 -31.06
CA LEU B 270 21.64 -5.10 -31.61
C LEU B 270 21.26 -6.10 -30.50
N PHE B 271 21.80 -5.88 -29.32
CA PHE B 271 21.42 -6.70 -28.17
C PHE B 271 19.89 -6.65 -27.95
N MSE B 272 19.22 -5.62 -28.47
CA MSE B 272 17.77 -5.54 -28.35
C MSE B 272 17.06 -6.81 -28.87
O MSE B 272 16.02 -7.21 -28.35
CB MSE B 272 17.21 -4.31 -29.07
CG MSE B 272 15.69 -4.22 -29.03
SE MSE B 272 15.03 -3.61 -27.26
CE MSE B 272 15.45 -1.69 -27.43
N ASP B 273 17.61 -7.44 -29.90
CA ASP B 273 16.96 -8.62 -30.46
C ASP B 273 16.94 -9.77 -29.46
N ARG B 274 18.08 -10.03 -28.85
CA ARG B 274 18.15 -11.05 -27.81
C ARG B 274 17.18 -10.75 -26.67
N LEU B 275 17.16 -9.50 -26.19
CA LEU B 275 16.25 -9.09 -25.11
C LEU B 275 14.80 -9.34 -25.47
N VAL B 276 14.39 -8.86 -26.63
CA VAL B 276 13.02 -9.02 -27.09
C VAL B 276 12.66 -10.50 -27.28
N THR B 277 13.57 -11.26 -27.87
CA THR B 277 13.36 -12.69 -28.12
C THR B 277 13.10 -13.43 -26.82
N LYS B 278 13.97 -13.21 -25.82
CA LYS B 278 13.90 -13.92 -24.55
C LYS B 278 12.76 -13.47 -23.63
N HIS B 279 12.48 -12.18 -23.59
CA HIS B 279 11.31 -11.71 -22.84
C HIS B 279 10.05 -12.26 -23.52
N SER B 280 10.04 -12.28 -24.86
CA SER B 280 8.86 -12.82 -25.59
C SER B 280 8.66 -14.31 -25.35
N ALA B 281 9.76 -15.04 -25.27
CA ALA B 281 9.69 -16.48 -24.99
C ALA B 281 9.00 -16.74 -23.66
N ILE B 282 9.33 -15.93 -22.66
CA ILE B 282 8.68 -16.04 -21.36
C ILE B 282 7.20 -15.70 -21.47
N MSE B 283 6.88 -14.62 -22.18
CA MSE B 283 5.48 -14.25 -22.38
C MSE B 283 4.70 -15.35 -23.12
O MSE B 283 3.53 -15.55 -22.83
CB MSE B 283 5.38 -12.91 -23.13
CG MSE B 283 6.05 -11.75 -22.37
SE MSE B 283 6.07 -10.08 -23.41
CE MSE B 283 4.20 -9.57 -23.22
N ASP B 284 5.33 -16.03 -24.06
CA ASP B 284 4.69 -17.13 -24.79
C ASP B 284 4.21 -18.26 -23.86
N VAL B 285 4.95 -18.51 -22.78
CA VAL B 285 4.59 -19.58 -21.84
C VAL B 285 3.25 -19.29 -21.13
N TYR B 286 3.03 -18.03 -20.80
CA TYR B 286 1.80 -17.64 -20.10
C TYR B 286 0.72 -17.10 -21.04
N ASP B 287 1.12 -16.69 -22.23
CA ASP B 287 0.21 -16.03 -23.15
C ASP B 287 0.54 -16.49 -24.56
N PRO B 288 0.29 -17.77 -24.88
CA PRO B 288 0.69 -18.34 -26.17
C PRO B 288 -0.03 -17.72 -27.37
N ASP B 289 -1.21 -17.15 -27.14
CA ASP B 289 -1.95 -16.50 -28.24
C ASP B 289 -1.46 -15.07 -28.46
N LYS B 290 -0.51 -14.63 -27.63
CA LYS B 290 0.06 -13.29 -27.79
C LYS B 290 -0.96 -12.16 -27.67
N ARG B 291 -1.90 -12.31 -26.75
CA ARG B 291 -2.86 -11.25 -26.51
C ARG B 291 -2.15 -9.98 -26.00
N ILE B 292 -1.16 -10.18 -25.12
CA ILE B 292 -0.54 -9.04 -24.43
C ILE B 292 0.59 -8.44 -25.27
N ASP B 293 0.50 -7.15 -25.56
CA ASP B 293 1.53 -6.44 -26.33
C ASP B 293 2.83 -6.39 -25.56
N LEU B 294 3.95 -6.54 -26.26
CA LEU B 294 5.21 -6.12 -25.69
C LEU B 294 5.44 -4.66 -26.12
N ILE B 295 5.71 -3.79 -25.15
CA ILE B 295 5.83 -2.35 -25.37
C ILE B 295 7.22 -1.86 -24.93
N VAL B 296 8.06 -1.50 -25.89
CA VAL B 296 9.40 -1.08 -25.57
C VAL B 296 9.42 0.44 -25.40
N ASP B 297 8.92 0.90 -24.26
CA ASP B 297 8.59 2.32 -24.13
C ASP B 297 9.74 3.20 -23.63
N GLU B 298 10.94 2.64 -23.55
CA GLU B 298 12.17 3.44 -23.47
C GLU B 298 13.29 2.70 -24.16
N TRP B 299 13.83 3.32 -25.20
CA TRP B 299 15.02 2.80 -25.88
C TRP B 299 15.79 3.95 -26.51
N GLY B 300 17.02 3.63 -26.94
CA GLY B 300 17.85 4.58 -27.63
C GLY B 300 19.21 4.72 -26.97
N THR B 301 20.07 5.56 -27.55
CA THR B 301 21.41 5.74 -27.02
C THR B 301 21.44 6.70 -25.82
N TRP B 302 22.34 6.44 -24.89
CA TRP B 302 22.53 7.30 -23.74
C TRP B 302 24.03 7.53 -23.57
N TYR B 303 24.47 8.75 -23.84
CA TYR B 303 25.88 9.10 -23.72
C TYR B 303 26.10 10.06 -22.56
N ASP B 304 27.36 10.37 -22.26
CA ASP B 304 27.65 11.47 -21.35
C ASP B 304 27.02 12.71 -21.98
N VAL B 305 26.54 13.65 -21.18
CA VAL B 305 26.00 14.88 -21.75
C VAL B 305 27.11 15.70 -22.44
N GLU B 306 26.71 16.59 -23.35
CA GLU B 306 27.67 17.52 -23.95
C GLU B 306 28.49 18.19 -22.86
N PRO B 307 29.81 18.28 -23.08
CA PRO B 307 30.71 18.78 -22.05
C PRO B 307 30.28 20.15 -21.52
N GLY B 308 30.32 20.30 -20.21
CA GLY B 308 29.99 21.57 -19.60
C GLY B 308 28.51 21.76 -19.33
N THR B 309 27.67 20.90 -19.91
CA THR B 309 26.23 21.02 -19.69
C THR B 309 25.77 20.26 -18.45
N ASN B 310 24.59 20.62 -17.96
CA ASN B 310 24.03 20.04 -16.76
C ASN B 310 23.76 18.55 -16.97
N PRO B 311 24.47 17.70 -16.23
CA PRO B 311 24.30 16.24 -16.34
C PRO B 311 22.85 15.79 -16.09
N GLY B 312 22.07 16.55 -15.33
CA GLY B 312 20.67 16.22 -15.08
C GLY B 312 19.72 16.53 -16.24
N PHE B 313 20.20 17.27 -17.24
CA PHE B 313 19.37 17.64 -18.38
C PHE B 313 19.48 16.66 -19.56
N LEU B 314 20.46 15.76 -19.50
CA LEU B 314 20.59 14.67 -20.47
C LEU B 314 20.74 15.11 -21.94
N TYR B 315 21.29 16.29 -22.16
CA TYR B 315 21.45 16.82 -23.51
C TYR B 315 22.70 16.24 -24.17
N GLN B 316 22.52 15.57 -25.30
CA GLN B 316 23.61 14.99 -26.05
C GLN B 316 23.37 15.23 -27.53
N GLN B 317 24.45 15.23 -28.31
CA GLN B 317 24.34 15.36 -29.76
C GLN B 317 23.90 14.04 -30.40
N ASN B 318 23.73 14.09 -31.70
CA ASN B 318 23.03 13.04 -32.43
C ASN B 318 23.72 12.91 -33.79
N SER B 319 24.40 11.78 -34.02
CA SER B 319 25.18 11.59 -35.24
C SER B 319 24.64 10.50 -36.16
N ILE B 320 25.38 10.24 -37.23
CA ILE B 320 25.06 9.14 -38.14
C ILE B 320 25.12 7.78 -37.40
N ARG B 321 25.89 7.73 -36.32
CA ARG B 321 25.92 6.54 -35.46
C ARG B 321 24.56 6.30 -34.82
N ASP B 322 23.89 7.38 -34.44
CA ASP B 322 22.58 7.28 -33.81
C ASP B 322 21.52 6.92 -34.84
N ALA B 323 21.69 7.40 -36.07
CA ALA B 323 20.77 7.04 -37.15
C ALA B 323 20.78 5.53 -37.39
N LEU B 324 21.98 4.94 -37.29
CA LEU B 324 22.13 3.51 -37.51
C LEU B 324 21.57 2.71 -36.34
N VAL B 325 21.80 3.18 -35.13
CA VAL B 325 21.16 2.58 -33.96
C VAL B 325 19.64 2.57 -34.14
N ALA B 326 19.09 3.70 -34.58
CA ALA B 326 17.65 3.79 -34.74
C ALA B 326 17.17 2.86 -35.85
N GLY B 327 17.85 2.88 -36.98
CA GLY B 327 17.43 2.08 -38.12
C GLY B 327 17.53 0.60 -37.79
N ALA B 328 18.64 0.20 -37.18
CA ALA B 328 18.84 -1.22 -36.86
C ALA B 328 17.83 -1.71 -35.82
N THR B 329 17.47 -0.84 -34.88
CA THR B 329 16.55 -1.20 -33.81
C THR B 329 15.14 -1.30 -34.33
N LEU B 330 14.74 -0.36 -35.18
CA LEU B 330 13.40 -0.43 -35.75
C LEU B 330 13.26 -1.71 -36.57
N HIS B 331 14.33 -2.12 -37.25
CA HIS B 331 14.29 -3.37 -38.00
C HIS B 331 14.05 -4.57 -37.08
N ILE B 332 14.68 -4.55 -35.92
CA ILE B 332 14.47 -5.59 -34.92
C ILE B 332 13.02 -5.61 -34.46
N PHE B 333 12.44 -4.44 -34.18
CA PHE B 333 11.02 -4.39 -33.82
C PHE B 333 10.15 -4.95 -34.94
N HIS B 334 10.45 -4.61 -36.20
CA HIS B 334 9.70 -5.19 -37.34
C HIS B 334 9.67 -6.72 -37.27
N ARG B 335 10.84 -7.32 -37.06
CA ARG B 335 10.93 -8.79 -37.07
C ARG B 335 10.12 -9.41 -35.96
N HIS B 336 9.82 -8.62 -34.93
CA HIS B 336 9.09 -9.12 -33.77
C HIS B 336 7.71 -8.51 -33.71
N CYS B 337 7.17 -8.13 -34.87
CA CYS B 337 5.90 -7.39 -34.89
C CYS B 337 4.69 -8.25 -34.53
N ASP B 338 4.91 -9.54 -34.32
CA ASP B 338 3.82 -10.40 -33.86
C ASP B 338 3.54 -10.20 -32.35
N ARG B 339 4.48 -9.57 -31.66
CA ARG B 339 4.40 -9.37 -30.21
C ARG B 339 4.70 -7.92 -29.84
N VAL B 340 5.77 -7.36 -30.40
CA VAL B 340 6.09 -5.97 -30.18
C VAL B 340 5.13 -5.08 -30.97
N ARG B 341 4.35 -4.25 -30.27
CA ARG B 341 3.31 -3.46 -30.92
C ARG B 341 3.44 -1.98 -30.66
N MSE B 342 4.39 -1.62 -29.81
CA MSE B 342 4.72 -0.22 -29.59
C MSE B 342 6.15 -0.08 -29.10
O MSE B 342 6.67 -0.97 -28.40
CB MSE B 342 3.76 0.42 -28.59
CG MSE B 342 4.08 1.85 -28.25
SE MSE B 342 2.84 2.65 -26.93
CE MSE B 342 1.18 2.47 -27.95
N ALA B 343 6.80 1.02 -29.46
CA ALA B 343 8.10 1.36 -28.94
C ALA B 343 8.14 2.88 -28.85
N ASN B 344 8.94 3.39 -27.94
CA ASN B 344 9.02 4.83 -27.73
C ASN B 344 10.45 5.21 -27.46
N ILE B 345 11.08 5.86 -28.43
CA ILE B 345 12.48 6.20 -28.31
C ILE B 345 12.62 7.32 -27.29
N ALA B 346 13.67 7.23 -26.48
CA ALA B 346 13.79 8.09 -25.34
C ALA B 346 14.25 9.46 -25.76
N GLN B 347 13.20 10.25 -25.84
CA GLN B 347 13.06 11.66 -25.69
C GLN B 347 13.10 12.52 -26.93
N LEU B 348 11.92 13.07 -27.13
CA LEU B 348 11.52 13.80 -28.32
C LEU B 348 12.44 14.96 -28.63
N VAL B 349 12.65 15.84 -27.65
CA VAL B 349 13.41 17.07 -27.90
C VAL B 349 14.47 17.35 -26.85
N ASN B 350 15.69 17.65 -27.29
CA ASN B 350 16.79 18.09 -26.41
C ASN B 350 17.17 17.13 -25.28
N VAL B 351 16.70 15.90 -25.36
CA VAL B 351 16.98 14.93 -24.30
C VAL B 351 17.30 13.56 -24.88
N LEU B 352 18.45 13.02 -24.48
CA LEU B 352 18.87 11.72 -25.00
C LEU B 352 18.83 11.70 -26.55
N GLN B 353 18.34 10.60 -27.13
CA GLN B 353 18.42 10.41 -28.57
C GLN B 353 17.24 11.08 -29.28
N SER B 354 17.26 12.41 -29.32
CA SER B 354 16.12 13.21 -29.79
C SER B 354 16.03 13.30 -31.30
N VAL B 355 14.82 13.48 -31.82
CA VAL B 355 14.70 13.77 -33.25
C VAL B 355 14.91 15.26 -33.51
N ILE B 356 14.70 16.08 -32.48
CA ILE B 356 14.84 17.53 -32.66
C ILE B 356 15.68 18.17 -31.57
N LEU B 357 16.58 19.07 -31.95
CA LEU B 357 17.27 19.89 -30.97
C LEU B 357 16.86 21.34 -31.17
N THR B 358 16.79 22.12 -30.10
CA THR B 358 16.46 23.52 -30.23
C THR B 358 17.45 24.41 -29.50
N GLU B 359 17.48 25.67 -29.92
CA GLU B 359 18.32 26.69 -29.33
C GLU B 359 17.49 27.95 -29.40
N GLY B 360 16.79 28.26 -28.32
CA GLY B 360 15.77 29.30 -28.38
C GLY B 360 14.90 29.13 -29.60
N GLU B 361 14.80 30.17 -30.43
CA GLU B 361 13.90 30.14 -31.58
C GLU B 361 14.39 29.24 -32.70
N ARG B 362 15.65 28.82 -32.62
CA ARG B 362 16.20 27.95 -33.66
C ARG B 362 15.93 26.47 -33.35
N MSE B 363 15.82 25.66 -34.40
CA MSE B 363 15.73 24.22 -34.24
C MSE B 363 16.42 23.49 -35.37
O MSE B 363 16.59 24.05 -36.46
CB MSE B 363 14.28 23.75 -34.15
CG MSE B 363 13.48 23.86 -35.46
SE MSE B 363 12.00 22.54 -35.57
CE MSE B 363 12.86 21.29 -36.79
N LEU B 364 16.81 22.24 -35.12
CA LEU B 364 17.39 21.41 -36.17
C LEU B 364 16.85 19.99 -36.10
N LEU B 365 16.91 19.30 -37.24
CA LEU B 365 16.52 17.91 -37.35
C LEU B 365 17.76 17.03 -37.23
N THR B 366 17.74 16.08 -36.30
CA THR B 366 18.91 15.21 -36.13
C THR B 366 18.88 14.08 -37.16
N PRO B 367 20.01 13.38 -37.32
CA PRO B 367 19.98 12.20 -38.20
C PRO B 367 18.96 11.14 -37.73
N THR B 368 18.61 11.13 -36.45
CA THR B 368 17.57 10.23 -35.94
C THR B 368 16.22 10.65 -36.48
N TYR B 369 15.98 11.96 -36.55
CA TYR B 369 14.75 12.46 -37.16
C TYR B 369 14.59 11.91 -38.57
N HIS B 370 15.68 11.94 -39.34
CA HIS B 370 15.60 11.52 -40.73
C HIS B 370 15.32 10.01 -40.89
N VAL B 371 15.89 9.19 -40.02
CA VAL B 371 15.54 7.78 -40.03
C VAL B 371 14.04 7.59 -39.79
N PHE B 372 13.52 8.24 -38.76
CA PHE B 372 12.09 8.12 -38.46
C PHE B 372 11.23 8.62 -39.61
N ASN B 373 11.63 9.73 -40.22
CA ASN B 373 10.89 10.32 -41.33
C ASN B 373 10.92 9.39 -42.55
N MSE B 374 12.09 8.83 -42.83
CA MSE B 374 12.24 7.92 -43.95
C MSE B 374 11.48 6.61 -43.71
O MSE B 374 10.88 6.06 -44.64
CB MSE B 374 13.71 7.61 -44.22
CG MSE B 374 14.55 8.77 -44.77
SE MSE B 374 16.47 8.34 -44.76
CE MSE B 374 16.55 7.17 -46.29
N PHE B 375 11.51 6.10 -42.48
CA PHE B 375 10.88 4.82 -42.16
C PHE B 375 9.38 4.90 -41.94
N LYS B 376 8.81 6.11 -41.96
CA LYS B 376 7.39 6.24 -41.68
C LYS B 376 6.58 5.41 -42.67
N VAL B 377 7.19 5.07 -43.81
CA VAL B 377 6.52 4.25 -44.82
C VAL B 377 6.22 2.84 -44.30
N HIS B 378 6.92 2.43 -43.23
CA HIS B 378 6.69 1.12 -42.64
C HIS B 378 5.52 1.11 -41.66
N GLN B 379 5.04 2.29 -41.26
CA GLN B 379 3.93 2.35 -40.29
C GLN B 379 2.67 1.67 -40.78
N ASP B 380 2.20 0.69 -40.02
CA ASP B 380 0.98 -0.06 -40.34
C ASP B 380 1.09 -0.84 -41.66
N ALA B 381 2.32 -1.02 -42.14
CA ALA B 381 2.56 -1.77 -43.37
C ALA B 381 2.63 -3.26 -43.12
N GLU B 382 2.44 -4.05 -44.19
CA GLU B 382 2.55 -5.50 -44.12
C GLU B 382 4.00 -5.95 -44.24
N LEU B 383 4.49 -6.65 -43.23
CA LEU B 383 5.85 -7.16 -43.25
C LEU B 383 5.96 -8.32 -44.24
N LEU B 384 6.95 -8.26 -45.11
CA LEU B 384 7.14 -9.27 -46.14
C LEU B 384 8.19 -10.30 -45.71
N ASP B 385 7.93 -11.55 -46.05
CA ASP B 385 8.88 -12.64 -45.82
C ASP B 385 10.18 -12.38 -46.58
N THR B 386 11.28 -12.30 -45.86
CA THR B 386 12.58 -12.11 -46.50
C THR B 386 13.56 -13.17 -46.00
N TRP B 387 14.39 -13.68 -46.89
CA TRP B 387 15.48 -14.57 -46.51
C TRP B 387 16.77 -13.84 -46.79
N GLU B 388 17.73 -13.94 -45.88
CA GLU B 388 18.96 -13.21 -46.07
C GLU B 388 20.18 -13.99 -45.68
N SER B 389 21.27 -13.70 -46.37
CA SER B 389 22.57 -14.22 -46.03
C SER B 389 23.51 -13.04 -46.19
N VAL B 390 23.89 -12.42 -45.08
CA VAL B 390 24.57 -11.13 -45.15
C VAL B 390 26.02 -11.27 -44.74
N GLU B 391 26.89 -10.52 -45.37
CA GLU B 391 28.29 -10.52 -44.95
C GLU B 391 28.44 -9.88 -43.58
N ARG B 392 29.60 -10.11 -42.97
CA ARG B 392 29.89 -9.65 -41.63
C ARG B 392 30.78 -8.42 -41.69
N THR B 393 30.86 -7.70 -40.59
CA THR B 393 31.73 -6.53 -40.50
C THR B 393 32.15 -6.33 -39.05
N GLY B 394 33.07 -5.41 -38.82
CA GLY B 394 33.51 -5.10 -37.47
C GLY B 394 34.50 -6.11 -36.94
N PRO B 395 34.99 -5.87 -35.71
CA PRO B 395 35.99 -6.75 -35.09
C PRO B 395 35.53 -8.21 -35.02
N GLU B 396 36.31 -9.10 -35.65
CA GLU B 396 35.99 -10.53 -35.72
C GLU B 396 34.61 -10.79 -36.32
N GLY B 397 34.15 -9.88 -37.18
CA GLY B 397 32.87 -10.04 -37.84
C GLY B 397 31.70 -10.16 -36.86
N GLU B 398 31.81 -9.46 -35.74
CA GLU B 398 30.79 -9.52 -34.68
C GLU B 398 29.47 -8.87 -35.10
N LEU B 399 29.48 -8.12 -36.19
CA LEU B 399 28.26 -7.44 -36.64
C LEU B 399 27.83 -7.88 -38.03
N PRO B 400 26.52 -7.86 -38.28
CA PRO B 400 26.08 -8.02 -39.68
C PRO B 400 26.42 -6.73 -40.41
N LYS B 401 26.95 -6.83 -41.62
CA LYS B 401 27.30 -5.63 -42.36
C LYS B 401 26.03 -4.84 -42.74
N VAL B 402 24.95 -5.56 -43.01
CA VAL B 402 23.74 -4.93 -43.48
C VAL B 402 22.53 -5.42 -42.69
N SER B 403 21.60 -4.50 -42.41
CA SER B 403 20.32 -4.87 -41.81
C SER B 403 19.22 -4.44 -42.79
N VAL B 404 18.31 -5.36 -43.10
CA VAL B 404 17.33 -5.16 -44.16
C VAL B 404 15.93 -5.51 -43.71
N SER B 405 14.95 -4.72 -44.15
CA SER B 405 13.56 -4.99 -43.85
C SER B 405 12.66 -4.57 -45.02
N ALA B 406 11.67 -5.40 -45.34
CA ALA B 406 10.76 -5.10 -46.45
C ALA B 406 9.31 -5.17 -46.02
N SER B 407 8.53 -4.20 -46.49
CA SER B 407 7.10 -4.17 -46.20
C SER B 407 6.33 -3.60 -47.39
N ARG B 408 5.02 -3.84 -47.37
CA ARG B 408 4.13 -3.28 -48.38
C ARG B 408 3.08 -2.35 -47.76
N ALA B 409 3.06 -1.10 -48.22
CA ALA B 409 2.08 -0.14 -47.75
C ALA B 409 0.70 -0.45 -48.32
N ALA B 410 -0.30 0.25 -47.82
CA ALA B 410 -1.68 -0.02 -48.20
C ALA B 410 -1.96 0.39 -49.65
N ASP B 411 -1.16 1.31 -50.18
CA ASP B 411 -1.31 1.75 -51.56
C ASP B 411 -0.55 0.83 -52.50
N GLY B 412 -0.10 -0.31 -51.99
CA GLY B 412 0.54 -1.32 -52.81
C GLY B 412 2.03 -1.17 -53.02
N LYS B 413 2.58 0.01 -52.74
CA LYS B 413 4.01 0.19 -52.91
C LYS B 413 4.80 -0.63 -51.91
N ILE B 414 5.99 -1.05 -52.30
CA ILE B 414 6.82 -1.87 -51.46
C ILE B 414 8.06 -1.07 -51.04
N HIS B 415 8.38 -1.12 -49.76
CA HIS B 415 9.54 -0.39 -49.27
C HIS B 415 10.54 -1.33 -48.65
N ILE B 416 11.81 -1.11 -48.99
CA ILE B 416 12.88 -1.92 -48.47
C ILE B 416 13.90 -0.97 -47.86
N SER B 417 14.07 -1.04 -46.54
CA SER B 417 15.08 -0.21 -45.90
C SER B 417 16.32 -1.04 -45.61
N LEU B 418 17.50 -0.42 -45.73
CA LEU B 418 18.75 -1.13 -45.56
C LEU B 418 19.73 -0.28 -44.79
N CYS B 419 20.34 -0.85 -43.76
CA CYS B 419 21.37 -0.14 -43.02
C CYS B 419 22.71 -0.77 -43.33
N ASN B 420 23.70 0.07 -43.61
CA ASN B 420 25.08 -0.37 -43.72
C ASN B 420 25.83 0.01 -42.46
N LEU B 421 26.12 -0.98 -41.61
CA LEU B 421 26.75 -0.73 -40.30
C LEU B 421 28.24 -0.45 -40.40
N ASP B 422 28.83 -0.75 -41.54
CA ASP B 422 30.27 -0.53 -41.73
C ASP B 422 30.53 0.91 -42.16
N PHE B 423 31.37 1.62 -41.39
CA PHE B 423 31.68 3.00 -41.71
C PHE B 423 32.82 3.10 -42.72
N GLU B 424 33.45 1.97 -43.02
CA GLU B 424 34.69 1.96 -43.80
C GLU B 424 34.46 1.80 -45.30
N THR B 425 33.56 0.91 -45.68
CA THR B 425 33.33 0.67 -47.09
C THR B 425 31.83 0.54 -47.35
N GLY B 426 31.44 0.64 -48.61
CA GLY B 426 30.06 0.44 -48.99
C GLY B 426 29.69 -1.03 -48.86
N ALA B 427 28.41 -1.31 -49.06
CA ALA B 427 27.92 -2.68 -48.94
C ALA B 427 27.17 -3.04 -50.20
N SER B 428 27.57 -4.12 -50.84
CA SER B 428 26.85 -4.61 -52.01
C SER B 428 25.74 -5.52 -51.54
N VAL B 429 24.55 -5.29 -52.07
CA VAL B 429 23.41 -6.11 -51.69
C VAL B 429 22.67 -6.57 -52.94
N ASP B 430 22.54 -7.88 -53.09
CA ASP B 430 21.78 -8.43 -54.20
C ASP B 430 20.41 -8.80 -53.71
N ILE B 431 19.41 -8.03 -54.14
CA ILE B 431 18.04 -8.29 -53.73
C ILE B 431 17.28 -8.98 -54.84
N GLU B 432 16.71 -10.13 -54.50
CA GLU B 432 15.95 -10.90 -55.45
C GLU B 432 14.48 -10.78 -55.10
N LEU B 433 13.69 -10.28 -56.04
CA LEU B 433 12.27 -10.05 -55.80
C LEU B 433 11.43 -11.20 -56.34
N ARG B 434 10.83 -11.98 -55.44
CA ARG B 434 10.02 -13.13 -55.82
C ARG B 434 8.55 -12.87 -55.53
N GLY B 435 7.69 -13.78 -55.99
CA GLY B 435 6.27 -13.73 -55.70
C GLY B 435 5.61 -12.43 -56.11
N LEU B 436 6.31 -11.67 -56.92
CA LEU B 436 5.78 -10.41 -57.43
C LEU B 436 4.99 -10.72 -58.69
N ASN B 437 4.05 -9.84 -59.03
CA ASN B 437 3.30 -10.02 -60.27
C ASN B 437 3.74 -9.07 -61.37
N GLY B 438 4.66 -9.53 -62.21
CA GLY B 438 5.24 -8.69 -63.24
C GLY B 438 6.45 -7.95 -62.74
N GLY B 439 6.49 -6.64 -62.99
CA GLY B 439 7.67 -5.85 -62.69
C GLY B 439 7.37 -4.57 -61.92
N VAL B 440 8.45 -3.93 -61.47
CA VAL B 440 8.33 -2.69 -60.72
C VAL B 440 9.38 -1.69 -61.17
N SER B 441 9.14 -0.42 -60.86
CA SER B 441 10.18 0.58 -60.97
C SER B 441 10.57 0.95 -59.54
N ALA B 442 11.77 1.50 -59.37
CA ALA B 442 12.26 1.80 -58.04
C ALA B 442 12.92 3.16 -57.97
N THR B 443 12.70 3.85 -56.87
CA THR B 443 13.51 5.02 -56.51
C THR B 443 14.11 4.80 -55.13
N GLY B 444 15.07 5.63 -54.76
CA GLY B 444 15.74 5.47 -53.49
C GLY B 444 16.16 6.77 -52.87
N THR B 445 16.27 6.76 -51.55
CA THR B 445 16.79 7.90 -50.81
C THR B 445 17.75 7.36 -49.76
N THR B 446 18.83 8.08 -49.50
CA THR B 446 19.84 7.57 -48.58
C THR B 446 20.34 8.64 -47.62
N LEU B 447 20.68 8.19 -46.41
CA LEU B 447 21.17 9.05 -45.35
C LEU B 447 22.54 8.58 -44.94
N THR B 448 23.56 9.42 -45.13
CA THR B 448 24.92 9.02 -44.85
C THR B 448 25.77 10.22 -44.48
N SER B 449 27.07 10.00 -44.34
CA SER B 449 27.96 11.05 -43.87
C SER B 449 29.39 10.63 -44.17
N GLY B 450 30.29 11.61 -44.23
CA GLY B 450 31.69 11.34 -44.51
C GLY B 450 32.51 11.19 -43.24
N ARG B 451 31.85 11.38 -42.10
CA ARG B 451 32.48 11.22 -40.79
C ARG B 451 31.62 10.33 -39.90
N ILE B 452 32.25 9.49 -39.07
CA ILE B 452 31.51 8.59 -38.19
C ILE B 452 30.66 9.35 -37.16
N ASP B 453 31.11 10.53 -36.74
CA ASP B 453 30.32 11.33 -35.82
C ASP B 453 29.64 12.49 -36.54
N GLY B 454 29.38 12.33 -37.83
CA GLY B 454 28.73 13.36 -38.61
C GLY B 454 27.39 13.71 -38.03
N HIS B 455 27.16 15.00 -37.80
CA HIS B 455 25.96 15.45 -37.12
C HIS B 455 25.56 16.86 -37.54
N ASN B 456 24.35 17.26 -37.15
CA ASN B 456 23.86 18.59 -37.43
C ASN B 456 24.06 19.51 -36.25
N THR B 457 24.43 20.75 -36.54
CA THR B 457 24.62 21.78 -35.53
C THR B 457 23.75 22.95 -35.90
N PHE B 458 23.60 23.92 -35.00
CA PHE B 458 22.83 25.10 -35.32
C PHE B 458 23.55 25.99 -36.35
N ASP B 459 24.88 25.89 -36.41
CA ASP B 459 25.62 26.57 -37.47
C ASP B 459 25.36 25.90 -38.83
N GLU B 460 25.29 24.57 -38.83
CA GLU B 460 25.03 23.80 -40.05
C GLU B 460 24.00 22.69 -39.80
N PRO B 461 22.72 23.06 -39.85
CA PRO B 461 21.63 22.16 -39.49
C PRO B 461 21.34 21.10 -40.56
N GLU B 462 22.04 21.15 -41.69
CA GLU B 462 21.72 20.24 -42.79
C GLU B 462 22.97 19.54 -43.31
N ARG B 463 23.96 19.42 -42.44
CA ARG B 463 25.19 18.70 -42.75
C ARG B 463 24.91 17.21 -43.05
N VAL B 464 23.92 16.63 -42.36
CA VAL B 464 23.54 15.24 -42.55
C VAL B 464 22.04 15.14 -42.80
N LYS B 465 21.65 14.77 -44.02
CA LYS B 465 20.25 14.68 -44.39
C LYS B 465 20.06 13.75 -45.57
N PRO B 466 18.82 13.30 -45.81
CA PRO B 466 18.57 12.37 -46.91
C PRO B 466 18.87 13.00 -48.27
N ALA B 467 19.35 12.16 -49.17
CA ALA B 467 19.69 12.56 -50.53
C ALA B 467 19.26 11.45 -51.49
N PRO B 468 19.03 11.79 -52.77
CA PRO B 468 18.62 10.77 -53.72
C PRO B 468 19.66 9.65 -53.78
N PHE B 469 19.18 8.42 -53.88
CA PHE B 469 20.07 7.28 -54.01
C PHE B 469 19.83 6.66 -55.37
N ARG B 470 20.88 6.58 -56.17
CA ARG B 470 20.72 6.13 -57.54
C ARG B 470 21.73 5.04 -57.87
N ASP B 471 22.54 4.67 -56.88
CA ASP B 471 23.62 3.72 -57.09
C ASP B 471 23.13 2.29 -57.06
N PHE B 472 22.12 1.98 -57.87
CA PHE B 472 21.61 0.62 -57.93
C PHE B 472 21.12 0.29 -59.33
N LYS B 473 21.00 -1.01 -59.61
CA LYS B 473 20.47 -1.48 -60.89
C LYS B 473 19.30 -2.43 -60.68
N LEU B 474 18.20 -2.11 -61.33
CA LEU B 474 17.03 -2.98 -61.28
C LEU B 474 16.82 -3.59 -62.66
N GLU B 475 17.18 -4.86 -62.79
CA GLU B 475 17.07 -5.58 -64.05
C GLU B 475 16.51 -6.97 -63.80
N GLY B 476 15.39 -7.26 -64.44
CA GLY B 476 14.70 -8.52 -64.23
C GLY B 476 14.01 -8.48 -62.88
N GLY B 477 14.23 -9.52 -62.08
CA GLY B 477 13.68 -9.58 -60.74
C GLY B 477 14.77 -9.35 -59.71
N HIS B 478 15.90 -8.82 -60.15
CA HIS B 478 17.02 -8.60 -59.27
C HIS B 478 17.37 -7.12 -59.16
N LEU B 479 17.49 -6.65 -57.93
CA LEU B 479 17.87 -5.29 -57.67
C LEU B 479 19.20 -5.36 -56.96
N ASN B 480 20.24 -4.87 -57.61
CA ASN B 480 21.57 -4.87 -57.02
C ASN B 480 21.95 -3.46 -56.60
N ALA B 481 22.33 -3.31 -55.35
CA ALA B 481 22.55 -1.98 -54.79
C ALA B 481 23.91 -1.88 -54.16
N SER B 482 24.53 -0.72 -54.31
CA SER B 482 25.79 -0.44 -53.65
C SER B 482 25.50 0.64 -52.63
N LEU B 483 25.28 0.21 -51.39
CA LEU B 483 24.99 1.14 -50.31
C LEU B 483 26.26 1.88 -49.94
N PRO B 484 26.13 3.18 -49.65
CA PRO B 484 27.31 3.93 -49.21
C PRO B 484 27.76 3.47 -47.83
N PRO B 485 29.00 3.80 -47.44
CA PRO B 485 29.43 3.52 -46.08
C PRO B 485 28.48 4.19 -45.08
N MSE B 486 28.35 3.60 -43.89
CA MSE B 486 27.57 4.17 -42.77
C MSE B 486 26.30 4.86 -43.22
O MSE B 486 26.18 6.09 -43.11
CB MSE B 486 28.43 5.10 -41.91
CG MSE B 486 29.17 6.18 -42.70
SE MSE B 486 30.28 7.26 -41.49
CE MSE B 486 31.95 7.30 -42.56
N SER B 487 25.34 4.11 -43.71
CA SER B 487 24.17 4.69 -44.31
C SER B 487 22.89 3.97 -43.95
N VAL B 488 21.79 4.71 -44.05
CA VAL B 488 20.45 4.16 -43.98
C VAL B 488 19.75 4.52 -45.29
N THR B 489 19.17 3.54 -45.96
CA THR B 489 18.59 3.74 -47.28
C THR B 489 17.21 3.16 -47.38
N VAL B 490 16.32 3.87 -48.07
CA VAL B 490 14.99 3.34 -48.33
C VAL B 490 14.71 3.31 -49.84
N LEU B 491 14.36 2.13 -50.34
CA LEU B 491 13.98 1.95 -51.74
C LEU B 491 12.48 1.79 -51.83
N GLU B 492 11.86 2.56 -52.71
CA GLU B 492 10.42 2.42 -52.94
C GLU B 492 10.17 1.74 -54.29
N LEU B 493 9.43 0.65 -54.26
CA LEU B 493 9.12 -0.13 -55.46
C LEU B 493 7.67 0.06 -55.87
N THR B 494 7.46 0.49 -57.11
CA THR B 494 6.11 0.72 -57.61
C THR B 494 5.77 -0.26 -58.72
N ALA B 495 4.64 -0.95 -58.57
CA ALA B 495 4.21 -1.95 -59.55
C ALA B 495 4.03 -1.33 -60.93
N GLY B 496 4.58 -1.99 -61.95
CA GLY B 496 4.49 -1.54 -63.31
C GLY B 496 5.85 -1.24 -63.90
N ALA C 4 38.80 -11.85 44.33
CA ALA C 4 38.82 -10.55 43.69
C ALA C 4 38.69 -10.66 42.16
N SER C 5 37.99 -9.71 41.55
CA SER C 5 37.92 -9.63 40.10
C SER C 5 39.21 -9.02 39.58
N ARG C 6 39.66 -9.48 38.42
CA ARG C 6 40.90 -8.99 37.87
C ARG C 6 40.67 -8.47 36.47
N VAL C 7 41.25 -7.32 36.16
CA VAL C 7 41.09 -6.72 34.85
C VAL C 7 42.41 -6.19 34.33
N VAL C 8 42.73 -6.52 33.09
CA VAL C 8 43.89 -5.96 32.44
C VAL C 8 43.44 -4.98 31.36
N VAL C 9 43.89 -3.73 31.48
CA VAL C 9 43.63 -2.73 30.46
C VAL C 9 44.88 -2.52 29.60
N ASN C 10 44.76 -2.80 28.31
CA ASN C 10 45.83 -2.54 27.38
C ASN C 10 45.69 -1.18 26.69
N ALA C 11 46.25 -0.16 27.31
CA ALA C 11 46.05 1.23 26.90
C ALA C 11 46.59 1.55 25.52
N ASP C 12 47.38 0.65 24.96
CA ASP C 12 47.97 0.89 23.64
C ASP C 12 47.23 0.12 22.56
N ARG C 13 46.19 -0.60 22.97
CA ARG C 13 45.40 -1.40 22.06
C ARG C 13 43.95 -0.87 21.96
N VAL C 14 43.66 -0.18 20.86
CA VAL C 14 42.33 0.41 20.64
C VAL C 14 41.42 -0.55 19.87
N LYS C 15 40.27 -0.84 20.46
CA LYS C 15 39.33 -1.80 19.88
C LYS C 15 38.23 -1.14 19.04
N GLY C 16 38.26 0.19 18.95
CA GLY C 16 37.28 0.92 18.15
C GLY C 16 36.83 2.20 18.84
N THR C 17 35.82 2.84 18.25
CA THR C 17 35.31 4.13 18.73
C THR C 17 33.88 3.97 19.23
N ILE C 18 33.65 4.40 20.46
CA ILE C 18 32.32 4.42 21.04
C ILE C 18 31.55 5.62 20.47
N ASN C 19 30.67 5.37 19.51
CA ASN C 19 29.89 6.46 18.94
C ASN C 19 29.14 7.21 20.04
N ARG C 20 29.24 8.54 20.05
CA ARG C 20 28.53 9.31 21.07
C ARG C 20 27.02 9.04 21.07
N ASN C 21 26.47 8.73 19.89
CA ASN C 21 25.04 8.46 19.77
C ASN C 21 24.58 7.23 20.55
N ILE C 22 25.53 6.46 21.06
CA ILE C 22 25.18 5.33 21.93
C ILE C 22 24.50 5.87 23.18
N TYR C 23 24.79 7.13 23.49
CA TYR C 23 24.25 7.79 24.69
C TYR C 23 22.95 8.55 24.36
N GLY C 24 22.23 8.07 23.37
CA GLY C 24 21.04 8.74 22.87
C GLY C 24 19.81 8.67 23.75
N HIS C 25 18.83 9.50 23.41
CA HIS C 25 17.57 9.53 24.15
C HIS C 25 16.36 9.54 23.22
N PHE C 26 15.17 9.46 23.80
CA PHE C 26 13.96 9.21 23.04
C PHE C 26 12.75 9.85 23.78
N SER C 27 12.00 10.67 23.07
CA SER C 27 10.83 11.32 23.67
C SER C 27 9.59 11.21 22.79
N GLU C 28 8.57 10.53 23.28
CA GLU C 28 7.32 10.37 22.54
C GLU C 28 6.29 11.34 23.09
N HIS C 29 5.34 11.76 22.26
CA HIS C 29 4.16 12.45 22.74
C HIS C 29 3.29 11.50 23.54
N LEU C 30 3.58 11.38 24.83
CA LEU C 30 2.95 10.39 25.69
C LEU C 30 3.08 10.86 27.12
N GLY C 31 2.02 10.69 27.91
CA GLY C 31 2.03 11.13 29.30
C GLY C 31 2.58 12.56 29.43
N ARG C 32 3.54 12.75 30.31
CA ARG C 32 4.15 14.08 30.49
C ARG C 32 5.58 14.16 30.00
N CYS C 33 5.94 13.38 28.98
CA CYS C 33 7.27 13.48 28.41
C CYS C 33 7.48 14.81 27.68
N ILE C 34 6.61 15.09 26.72
CA ILE C 34 6.73 16.29 25.91
C ILE C 34 6.08 17.46 26.63
N TYR C 35 4.80 17.34 26.94
CA TYR C 35 4.08 18.41 27.62
C TYR C 35 4.37 18.37 29.11
N GLU C 36 4.83 19.52 29.63
CA GLU C 36 5.39 19.68 30.97
C GLU C 36 6.85 19.24 31.11
N GLY C 37 7.16 18.02 30.73
CA GLY C 37 8.52 17.53 30.81
C GLY C 37 9.50 18.37 30.00
N LEU C 38 9.04 18.90 28.88
CA LEU C 38 9.90 19.70 28.01
C LEU C 38 9.23 21.00 27.59
N TRP C 39 8.06 20.88 26.97
CA TRP C 39 7.32 22.04 26.49
C TRP C 39 6.40 22.57 27.60
N VAL C 40 6.62 23.80 28.03
CA VAL C 40 5.74 24.39 29.02
C VAL C 40 4.92 25.55 28.45
N GLY C 41 5.34 26.07 27.30
CA GLY C 41 4.66 27.20 26.69
C GLY C 41 5.33 28.53 27.04
N GLU C 42 5.12 29.54 26.23
CA GLU C 42 5.85 30.79 26.43
C GLU C 42 5.55 31.55 27.73
N ASP C 43 4.30 31.57 28.16
CA ASP C 43 3.92 32.33 29.36
C ASP C 43 3.66 31.44 30.55
N SER C 44 4.21 30.23 30.52
CA SER C 44 4.27 29.41 31.72
C SER C 44 5.12 30.13 32.79
N PRO C 45 4.73 29.98 34.06
CA PRO C 45 5.55 30.54 35.15
C PRO C 45 6.86 29.75 35.33
N ILE C 46 6.95 28.55 34.74
CA ILE C 46 8.19 27.80 34.72
C ILE C 46 9.19 28.47 33.79
N PRO C 47 10.36 28.86 34.30
CA PRO C 47 11.31 29.63 33.48
C PRO C 47 11.64 28.83 32.24
N ASN C 48 11.61 29.48 31.08
CA ASN C 48 11.76 28.74 29.84
C ASN C 48 12.41 29.57 28.76
N THR C 49 12.81 28.90 27.70
CA THR C 49 13.35 29.54 26.51
C THR C 49 12.42 29.23 25.35
N ASN C 50 11.69 30.24 24.89
CA ASN C 50 10.72 30.06 23.83
C ASN C 50 9.74 28.91 24.08
N GLY C 51 9.45 28.64 25.36
CA GLY C 51 8.48 27.62 25.72
C GLY C 51 9.09 26.32 26.20
N ILE C 52 10.42 26.18 26.12
CA ILE C 52 11.08 24.97 26.64
C ILE C 52 11.69 25.24 28.01
N ARG C 53 11.36 24.41 28.99
CA ARG C 53 11.75 24.72 30.35
C ARG C 53 13.27 24.69 30.54
N ASN C 54 13.81 25.76 31.13
CA ASN C 54 15.24 25.96 31.26
C ASN C 54 15.96 24.94 32.15
N ASP C 55 15.31 24.51 33.22
CA ASP C 55 15.96 23.59 34.16
C ASP C 55 16.29 22.26 33.47
N VAL C 56 15.35 21.75 32.67
CA VAL C 56 15.59 20.55 31.91
C VAL C 56 16.65 20.77 30.83
N LEU C 57 16.56 21.87 30.10
CA LEU C 57 17.55 22.21 29.09
C LEU C 57 18.96 22.16 29.66
N GLU C 58 19.15 22.73 30.85
CA GLU C 58 20.50 22.84 31.42
C GLU C 58 21.02 21.49 31.91
N ALA C 59 20.16 20.70 32.53
CA ALA C 59 20.56 19.38 32.96
C ALA C 59 20.98 18.51 31.77
N LEU C 60 20.25 18.62 30.65
CA LEU C 60 20.49 17.79 29.48
C LEU C 60 21.77 18.20 28.75
N LYS C 61 22.01 19.50 28.67
CA LYS C 61 23.25 20.00 28.08
C LYS C 61 24.47 19.59 28.91
N GLN C 62 24.33 19.62 30.22
CA GLN C 62 25.39 19.18 31.13
C GLN C 62 25.71 17.71 30.86
N MSE C 63 24.65 16.92 30.65
CA MSE C 63 24.76 15.48 30.42
C MSE C 63 25.32 15.21 29.02
O MSE C 63 25.76 14.09 28.73
CB MSE C 63 23.38 14.87 30.59
CG MSE C 63 23.28 13.36 30.54
SE MSE C 63 21.37 12.83 30.37
CE MSE C 63 21.08 13.60 28.59
N LYS C 64 25.31 16.23 28.17
CA LYS C 64 25.77 16.13 26.79
C LYS C 64 24.93 15.17 25.91
N ILE C 65 23.62 15.32 25.96
CA ILE C 65 22.73 14.57 25.08
C ILE C 65 23.23 14.68 23.63
N PRO C 66 23.49 13.53 23.01
CA PRO C 66 24.04 13.53 21.65
C PRO C 66 22.97 13.49 20.55
N VAL C 67 21.84 12.85 20.85
CA VAL C 67 20.79 12.65 19.85
C VAL C 67 19.46 12.44 20.53
N LEU C 68 18.39 12.93 19.90
CA LEU C 68 17.06 12.81 20.46
C LEU C 68 16.04 12.35 19.40
N ARG C 69 15.36 11.26 19.69
CA ARG C 69 14.39 10.64 18.79
C ARG C 69 12.97 11.12 19.11
N TRP C 70 12.20 11.44 18.07
CA TRP C 70 10.87 12.04 18.21
C TRP C 70 10.13 11.83 16.88
N PRO C 71 8.79 11.74 16.89
CA PRO C 71 7.87 11.94 18.02
C PRO C 71 7.43 10.67 18.66
N GLY C 72 8.11 9.55 18.41
CA GLY C 72 7.82 8.42 19.24
C GLY C 72 8.20 7.03 18.78
N GLY C 73 7.69 6.09 19.56
CA GLY C 73 7.38 4.76 19.13
C GLY C 73 5.96 4.86 18.59
N CYS C 74 4.97 4.29 19.29
CA CYS C 74 3.64 4.11 18.72
C CYS C 74 3.03 5.38 18.14
N PHE C 75 3.23 6.49 18.81
CA PHE C 75 2.70 7.77 18.35
C PHE C 75 3.15 8.13 16.95
N ALA C 76 4.37 7.73 16.62
CA ALA C 76 4.99 8.12 15.34
C ALA C 76 4.25 7.57 14.11
N ASP C 77 3.69 6.37 14.22
CA ASP C 77 2.90 5.83 13.11
C ASP C 77 1.41 6.15 13.21
N GLU C 78 1.07 7.10 14.08
CA GLU C 78 -0.27 7.69 14.14
C GLU C 78 -0.20 9.15 13.71
N TYR C 79 0.97 9.75 13.87
CA TYR C 79 1.15 11.21 13.73
C TYR C 79 1.10 11.65 12.30
N HIS C 80 0.43 12.77 12.05
CA HIS C 80 0.51 13.43 10.76
C HIS C 80 1.19 14.79 10.95
N TRP C 81 2.45 14.86 10.53
CA TRP C 81 3.30 15.99 10.87
C TRP C 81 2.68 17.37 10.55
N LYS C 82 1.86 17.44 9.51
CA LYS C 82 1.26 18.72 9.15
C LYS C 82 0.39 19.28 10.28
N ASP C 83 -0.13 18.41 11.12
CA ASP C 83 -0.92 18.85 12.28
C ASP C 83 -0.10 19.71 13.23
N GLY C 84 1.22 19.58 13.15
CA GLY C 84 2.11 20.27 14.09
C GLY C 84 2.92 21.45 13.56
N VAL C 85 2.55 21.96 12.39
CA VAL C 85 3.14 23.19 11.85
C VAL C 85 2.05 24.23 11.54
N GLY C 86 2.46 25.48 11.34
CA GLY C 86 1.51 26.58 11.16
C GLY C 86 1.35 27.34 12.47
N PRO C 87 0.66 28.50 12.42
CA PRO C 87 0.49 29.34 13.62
C PRO C 87 0.06 28.49 14.79
N ARG C 88 0.82 28.52 15.88
CA ARG C 88 0.57 27.66 17.02
C ARG C 88 -0.86 27.74 17.56
N GLU C 89 -1.43 28.93 17.55
CA GLU C 89 -2.74 29.11 18.16
C GLU C 89 -3.85 28.41 17.37
N LYS C 90 -3.59 28.07 16.11
CA LYS C 90 -4.63 27.53 15.23
C LYS C 90 -4.45 26.05 14.90
N ARG C 91 -3.53 25.37 15.56
CA ARG C 91 -3.26 23.98 15.25
C ARG C 91 -4.38 23.08 15.78
N LYS C 92 -4.53 21.92 15.17
CA LYS C 92 -5.52 20.94 15.59
C LYS C 92 -5.30 20.46 17.01
N ARG C 93 -6.41 20.12 17.64
CA ARG C 93 -6.44 19.80 19.04
C ARG C 93 -7.16 18.47 19.20
N MSE C 94 -6.59 17.58 20.02
CA MSE C 94 -7.28 16.35 20.39
C MSE C 94 -7.27 16.14 21.89
O MSE C 94 -6.24 16.31 22.55
CB MSE C 94 -6.74 15.13 19.61
CG MSE C 94 -5.42 15.33 18.79
SE MSE C 94 -5.51 16.29 17.05
CE MSE C 94 -4.39 15.15 15.92
N VAL C 95 -8.44 15.81 22.43
CA VAL C 95 -8.58 15.56 23.86
C VAL C 95 -9.37 14.28 24.12
N ASN C 96 -8.80 13.36 24.90
CA ASN C 96 -9.53 12.19 25.38
C ASN C 96 -10.11 12.46 26.77
N THR C 97 -10.72 11.46 27.39
CA THR C 97 -11.21 11.61 28.77
C THR C 97 -10.70 10.49 29.66
N HIS C 98 -9.44 10.61 30.05
CA HIS C 98 -8.73 9.59 30.83
C HIS C 98 -8.73 8.18 30.25
N TRP C 99 -9.63 7.92 29.32
CA TRP C 99 -9.73 6.60 28.68
C TRP C 99 -8.36 6.04 28.36
N GLY C 100 -7.45 6.91 27.94
CA GLY C 100 -6.06 6.54 27.72
C GLY C 100 -5.14 7.69 28.04
N GLY C 101 -5.11 8.68 27.15
CA GLY C 101 -4.30 9.87 27.34
C GLY C 101 -5.19 11.02 27.74
N VAL C 102 -4.78 12.25 27.42
CA VAL C 102 -5.67 13.38 27.56
C VAL C 102 -5.46 14.41 26.46
N ILE C 103 -4.57 15.39 26.65
CA ILE C 103 -4.56 16.55 25.75
C ILE C 103 -3.38 16.63 24.79
N GLU C 104 -3.69 16.66 23.50
CA GLU C 104 -2.70 16.92 22.46
C GLU C 104 -3.12 18.17 21.71
N ASN C 105 -2.50 19.30 22.02
CA ASN C 105 -2.81 20.55 21.34
C ASN C 105 -1.88 20.86 20.17
N ASN C 106 -0.91 19.97 19.92
CA ASN C 106 0.03 20.17 18.82
C ASN C 106 0.88 21.44 18.92
N HIS C 107 0.98 22.00 20.12
CA HIS C 107 1.82 23.17 20.33
C HIS C 107 3.31 22.83 20.18
N PHE C 108 3.65 21.57 20.45
CA PHE C 108 4.99 21.09 20.16
C PHE C 108 4.97 20.30 18.86
N GLY C 109 5.50 20.89 17.80
CA GLY C 109 5.54 20.24 16.49
C GLY C 109 6.93 20.33 15.89
N THR C 110 7.02 20.30 14.56
CA THR C 110 8.32 20.26 13.88
C THR C 110 9.25 21.42 14.25
N HIS C 111 8.79 22.67 14.17
CA HIS C 111 9.65 23.81 14.47
C HIS C 111 10.16 23.77 15.91
N GLU C 112 9.26 23.46 16.85
CA GLU C 112 9.61 23.39 18.26
C GLU C 112 10.65 22.29 18.55
N PHE C 113 10.52 21.14 17.88
CA PHE C 113 11.47 20.04 18.06
C PHE C 113 12.85 20.41 17.52
N MSE C 114 12.89 20.95 16.31
CA MSE C 114 14.15 21.36 15.71
C MSE C 114 14.83 22.42 16.58
O MSE C 114 16.05 22.41 16.72
CB MSE C 114 13.92 21.89 14.29
CG MSE C 114 13.31 20.85 13.34
SE MSE C 114 14.41 19.20 13.24
CE MSE C 114 15.74 19.93 12.04
N MSE C 115 14.04 23.28 17.20
CA MSE C 115 14.59 24.33 18.08
C MSE C 115 15.15 23.70 19.33
O MSE C 115 16.23 24.06 19.79
CB MSE C 115 13.52 25.36 18.43
CG MSE C 115 13.98 26.38 19.48
SE MSE C 115 12.50 27.64 19.95
CE MSE C 115 11.19 26.35 20.65
N LEU C 116 14.40 22.76 19.90
CA LEU C 116 14.84 22.04 21.07
C LEU C 116 16.23 21.41 20.84
N CYS C 117 16.37 20.71 19.73
CA CYS C 117 17.64 20.05 19.43
C CYS C 117 18.74 21.07 19.28
N GLU C 118 18.43 22.19 18.64
CA GLU C 118 19.37 23.30 18.54
C GLU C 118 19.81 23.84 19.90
N LEU C 119 18.85 24.02 20.81
CA LEU C 119 19.17 24.49 22.14
C LEU C 119 20.00 23.48 22.93
N LEU C 120 19.74 22.19 22.69
CA LEU C 120 20.43 21.13 23.41
C LEU C 120 21.81 20.85 22.84
N GLY C 121 22.04 21.27 21.60
CA GLY C 121 23.24 20.89 20.89
C GLY C 121 23.24 19.43 20.42
N CYS C 122 22.07 18.82 20.33
CA CYS C 122 21.99 17.43 19.89
C CYS C 122 21.46 17.28 18.47
N GLU C 123 21.66 16.10 17.90
CA GLU C 123 21.13 15.76 16.59
C GLU C 123 19.66 15.38 16.72
N PRO C 124 18.81 15.88 15.81
CA PRO C 124 17.42 15.42 15.74
C PRO C 124 17.33 14.05 15.05
N TYR C 125 16.41 13.22 15.50
CA TYR C 125 16.16 11.91 14.90
C TYR C 125 14.65 11.76 14.78
N ILE C 126 14.14 12.03 13.59
CA ILE C 126 12.69 11.97 13.35
C ILE C 126 12.24 10.60 12.83
N SER C 127 11.17 10.11 13.41
CA SER C 127 10.55 8.85 13.01
C SER C 127 9.30 9.16 12.19
N GLY C 128 9.36 8.87 10.90
CA GLY C 128 8.23 9.07 9.99
C GLY C 128 7.11 8.04 10.14
N ASN C 129 5.92 8.40 9.67
CA ASN C 129 4.74 7.54 9.76
C ASN C 129 4.55 6.61 8.54
N VAL C 130 4.83 5.32 8.73
CA VAL C 130 4.55 4.32 7.70
C VAL C 130 3.17 3.67 7.90
N GLY C 131 2.84 3.27 9.12
CA GLY C 131 1.63 2.50 9.35
C GLY C 131 0.34 3.16 8.86
N SER C 132 0.21 4.46 9.04
CA SER C 132 -1.01 5.15 8.63
C SER C 132 -0.76 6.41 7.79
N GLY C 133 0.49 6.58 7.37
CA GLY C 133 0.87 7.71 6.54
C GLY C 133 1.02 7.34 5.09
N THR C 134 1.32 8.32 4.25
CA THR C 134 1.51 8.03 2.83
C THR C 134 2.95 8.36 2.42
N VAL C 135 3.36 7.80 1.28
CA VAL C 135 4.69 8.07 0.75
C VAL C 135 4.87 9.58 0.53
N GLN C 136 3.87 10.23 -0.08
CA GLN C 136 3.96 11.66 -0.36
C GLN C 136 4.07 12.49 0.93
N GLU C 137 3.29 12.12 1.93
CA GLU C 137 3.33 12.79 3.22
C GLU C 137 4.74 12.79 3.81
N MSE C 138 5.41 11.63 3.79
CA MSE C 138 6.73 11.54 4.42
C MSE C 138 7.79 12.27 3.59
O MSE C 138 8.71 12.90 4.14
CB MSE C 138 7.16 10.09 4.66
CG MSE C 138 8.37 9.98 5.59
SE MSE C 138 9.05 8.14 5.90
CE MSE C 138 7.49 7.32 6.76
N SER C 139 7.68 12.14 2.28
CA SER C 139 8.57 12.82 1.38
C SER C 139 8.45 14.34 1.58
N GLU C 140 7.23 14.80 1.81
CA GLU C 140 6.98 16.23 2.01
C GLU C 140 7.53 16.75 3.32
N TRP C 141 7.57 15.89 4.34
CA TRP C 141 8.15 16.26 5.61
C TRP C 141 9.64 16.58 5.44
N VAL C 142 10.35 15.69 4.76
CA VAL C 142 11.76 15.88 4.47
C VAL C 142 11.98 17.16 3.67
N GLU C 143 11.16 17.34 2.64
CA GLU C 143 11.27 18.54 1.81
C GLU C 143 11.02 19.82 2.63
N TYR C 144 9.95 19.83 3.40
CA TYR C 144 9.62 20.96 4.28
C TYR C 144 10.82 21.34 5.12
N ILE C 145 11.45 20.33 5.72
CA ILE C 145 12.53 20.55 6.66
C ILE C 145 13.83 21.00 5.98
N THR C 146 14.15 20.42 4.84
CA THR C 146 15.52 20.50 4.33
C THR C 146 15.70 21.20 2.98
N PHE C 147 14.62 21.49 2.27
CA PHE C 147 14.77 22.07 0.93
C PHE C 147 15.05 23.58 0.98
N ASP C 148 15.97 24.05 0.13
CA ASP C 148 16.37 25.45 0.17
C ASP C 148 15.81 26.30 -0.97
N GLY C 149 15.15 25.67 -1.94
CA GLY C 149 14.62 26.42 -3.06
C GLY C 149 13.17 26.82 -2.85
N GLU C 150 12.44 27.00 -3.95
CA GLU C 150 11.04 27.37 -3.86
C GLU C 150 10.17 26.16 -4.17
N SER C 151 9.23 25.90 -3.28
CA SER C 151 8.22 24.88 -3.51
C SER C 151 7.17 25.15 -2.45
N PRO C 152 5.97 24.57 -2.63
CA PRO C 152 4.95 24.72 -1.60
C PRO C 152 5.47 24.37 -0.20
N MSE C 153 6.19 23.27 -0.03
CA MSE C 153 6.66 22.87 1.30
C MSE C 153 7.69 23.86 1.85
O MSE C 153 7.56 24.34 2.96
CB MSE C 153 7.22 21.44 1.32
CG MSE C 153 6.18 20.31 1.14
SE MSE C 153 4.65 20.43 2.38
CE MSE C 153 3.36 21.43 1.25
N ALA C 154 8.73 24.14 1.06
CA ALA C 154 9.76 25.07 1.52
C ALA C 154 9.17 26.45 1.80
N ASN C 155 8.27 26.93 0.94
CA ASN C 155 7.66 28.24 1.19
C ASN C 155 6.86 28.27 2.48
N TRP C 156 6.23 27.13 2.79
CA TRP C 156 5.39 27.03 3.97
C TRP C 156 6.27 27.09 5.22
N ARG C 157 7.43 26.43 5.16
CA ARG C 157 8.38 26.47 6.27
C ARG C 157 8.79 27.93 6.53
N ARG C 158 9.19 28.64 5.47
CA ARG C 158 9.56 30.05 5.58
C ARG C 158 8.41 30.90 6.14
N GLU C 159 7.20 30.66 5.63
CA GLU C 159 6.03 31.35 6.14
C GLU C 159 5.86 31.07 7.63
N ASN C 160 6.25 29.88 8.07
CA ASN C 160 6.11 29.49 9.46
C ASN C 160 7.32 29.90 10.32
N GLY C 161 8.21 30.70 9.75
CA GLY C 161 9.25 31.33 10.55
C GLY C 161 10.66 30.78 10.44
N ARG C 162 10.89 29.79 9.57
CA ARG C 162 12.25 29.27 9.40
C ARG C 162 12.68 29.46 7.95
N GLU C 163 13.59 30.40 7.74
CA GLU C 163 13.93 30.86 6.40
C GLU C 163 14.84 29.89 5.67
N LYS C 164 15.98 29.58 6.25
CA LYS C 164 16.85 28.61 5.61
C LYS C 164 16.48 27.22 6.10
N PRO C 165 16.84 26.19 5.33
CA PRO C 165 16.43 24.85 5.73
C PRO C 165 17.17 24.41 6.99
N TRP C 166 16.65 23.38 7.66
CA TRP C 166 17.44 22.74 8.70
C TRP C 166 18.23 21.59 8.09
N ARG C 167 19.21 21.11 8.82
CA ARG C 167 19.90 19.88 8.47
C ARG C 167 19.34 18.78 9.35
N ILE C 168 19.24 17.58 8.82
CA ILE C 168 18.91 16.43 9.64
C ILE C 168 19.50 15.19 9.01
N LYS C 169 20.11 14.34 9.84
CA LYS C 169 20.62 13.07 9.37
C LYS C 169 19.66 11.92 9.65
N TYR C 170 19.36 11.70 10.91
CA TYR C 170 18.65 10.48 11.31
C TYR C 170 17.15 10.50 11.01
N TRP C 171 16.71 9.57 10.17
CA TRP C 171 15.33 9.53 9.72
C TRP C 171 14.82 8.10 9.82
N GLY C 172 13.90 7.86 10.75
CA GLY C 172 13.32 6.54 10.94
C GLY C 172 12.14 6.35 10.00
N VAL C 173 12.17 5.27 9.24
CA VAL C 173 11.08 4.98 8.31
C VAL C 173 10.09 4.00 8.94
N GLY C 174 9.25 4.51 9.84
CA GLY C 174 8.30 3.66 10.56
C GLY C 174 8.84 3.13 11.88
N ASN C 175 7.93 2.95 12.84
CA ASN C 175 8.29 2.47 14.17
C ASN C 175 7.47 1.24 14.55
N GLU C 176 8.11 0.24 15.14
CA GLU C 176 7.43 -0.96 15.64
C GLU C 176 6.35 -1.47 14.67
N ASN C 177 6.72 -1.63 13.41
CA ASN C 177 5.74 -1.95 12.38
C ASN C 177 5.20 -3.38 12.50
N TRP C 178 5.95 -4.24 13.19
CA TRP C 178 5.46 -5.57 13.55
C TRP C 178 4.31 -5.52 14.57
N GLY C 179 4.13 -4.37 15.22
CA GLY C 179 3.14 -4.28 16.28
C GLY C 179 2.22 -3.11 16.08
N CYS C 180 2.32 -2.11 16.96
CA CYS C 180 1.44 -0.94 16.89
C CYS C 180 1.62 -0.12 15.61
N GLY C 181 2.66 -0.40 14.82
CA GLY C 181 2.86 0.28 13.55
C GLY C 181 2.29 -0.45 12.33
N GLY C 182 1.32 -1.33 12.54
CA GLY C 182 0.64 -1.94 11.41
C GLY C 182 0.52 -3.46 11.48
N ASN C 183 1.08 -4.06 12.54
CA ASN C 183 1.03 -5.51 12.68
C ASN C 183 1.49 -6.23 11.41
N MSE C 184 2.63 -5.78 10.88
CA MSE C 184 3.10 -6.24 9.60
C MSE C 184 4.04 -7.42 9.72
O MSE C 184 4.83 -7.52 10.67
CB MSE C 184 3.86 -5.13 8.89
CG MSE C 184 3.07 -3.84 8.80
SE MSE C 184 4.06 -2.48 7.80
CE MSE C 184 2.66 -1.08 7.88
N ARG C 185 3.94 -8.31 8.74
CA ARG C 185 5.00 -9.28 8.50
C ARG C 185 6.26 -8.53 8.10
N ALA C 186 7.41 -9.08 8.45
CA ALA C 186 8.69 -8.52 8.02
C ALA C 186 8.71 -8.35 6.50
N GLU C 187 8.21 -9.36 5.79
CA GLU C 187 8.24 -9.35 4.34
C GLU C 187 7.42 -8.18 3.75
N TYR C 188 6.29 -7.86 4.38
CA TYR C 188 5.46 -6.76 3.92
C TYR C 188 6.11 -5.41 4.27
N TYR C 189 6.54 -5.25 5.52
CA TYR C 189 7.22 -4.01 5.90
C TYR C 189 8.44 -3.75 5.00
N ALA C 190 9.21 -4.78 4.66
CA ALA C 190 10.38 -4.57 3.81
C ALA C 190 10.02 -3.95 2.47
N ASP C 191 8.92 -4.40 1.88
CA ASP C 191 8.41 -3.80 0.66
C ASP C 191 8.01 -2.33 0.88
N LEU C 192 7.25 -2.03 1.94
CA LEU C 192 6.89 -0.64 2.24
C LEU C 192 8.13 0.20 2.48
N TYR C 193 9.08 -0.34 3.23
CA TYR C 193 10.31 0.37 3.54
C TYR C 193 11.01 0.79 2.25
N ARG C 194 11.21 -0.16 1.35
CA ARG C 194 11.90 0.13 0.10
C ARG C 194 11.19 1.24 -0.67
N GLN C 195 9.87 1.22 -0.64
CA GLN C 195 9.08 2.20 -1.38
C GLN C 195 9.16 3.58 -0.72
N PHE C 196 8.83 3.66 0.56
CA PHE C 196 8.88 4.95 1.27
C PHE C 196 10.27 5.61 1.18
N GLN C 197 11.33 4.85 1.46
CA GLN C 197 12.67 5.44 1.49
C GLN C 197 13.06 6.01 0.13
N THR C 198 12.51 5.43 -0.93
CA THR C 198 12.87 5.87 -2.27
C THR C 198 12.65 7.39 -2.43
N TYR C 199 11.59 7.90 -1.82
CA TYR C 199 11.17 9.27 -2.02
C TYR C 199 11.66 10.26 -0.95
N LEU C 200 12.52 9.81 -0.06
CA LEU C 200 13.12 10.72 0.91
C LEU C 200 14.42 11.20 0.30
N ARG C 201 14.44 12.46 -0.16
CA ARG C 201 15.56 12.96 -0.95
C ARG C 201 16.59 13.69 -0.11
N ASN C 202 17.81 13.78 -0.64
CA ASN C 202 18.83 14.64 -0.08
C ASN C 202 18.77 16.00 -0.79
N TYR C 203 18.27 17.01 -0.10
CA TYR C 203 18.18 18.34 -0.69
C TYR C 203 19.38 19.19 -0.27
N GLY C 204 19.91 19.97 -1.20
CA GLY C 204 21.06 20.83 -0.90
C GLY C 204 22.24 20.05 -0.38
N ASP C 205 22.76 20.43 0.78
CA ASP C 205 23.91 19.74 1.37
C ASP C 205 23.49 18.66 2.36
N ASN C 206 22.19 18.49 2.55
CA ASN C 206 21.71 17.53 3.53
C ASN C 206 21.85 16.08 3.07
N LYS C 207 22.27 15.22 3.97
CA LYS C 207 22.39 13.79 3.70
C LYS C 207 21.61 13.00 4.73
N LEU C 208 20.59 12.30 4.29
CA LEU C 208 19.79 11.48 5.17
C LEU C 208 20.49 10.20 5.55
N HIS C 209 20.28 9.80 6.80
CA HIS C 209 20.72 8.51 7.30
C HIS C 209 19.46 7.69 7.57
N LYS C 210 19.06 6.87 6.60
CA LYS C 210 17.78 6.17 6.66
C LYS C 210 17.84 4.95 7.57
N ILE C 211 16.92 4.87 8.50
CA ILE C 211 16.86 3.80 9.48
C ILE C 211 15.57 2.97 9.32
N ALA C 212 15.72 1.69 9.01
CA ALA C 212 14.59 0.77 8.89
C ALA C 212 14.23 0.24 10.27
N CYS C 213 12.94 0.00 10.48
CA CYS C 213 12.45 -0.65 11.69
C CYS C 213 12.97 -2.09 11.79
N GLY C 214 13.68 -2.39 12.89
CA GLY C 214 14.20 -3.72 13.14
C GLY C 214 13.37 -4.51 14.14
N ALA C 215 13.99 -5.56 14.68
CA ALA C 215 13.29 -6.56 15.47
C ALA C 215 12.83 -6.07 16.84
N ASN C 216 11.78 -6.72 17.34
CA ASN C 216 11.43 -6.70 18.74
C ASN C 216 12.18 -7.86 19.40
N THR C 217 12.98 -7.56 20.43
CA THR C 217 13.59 -8.59 21.27
C THR C 217 14.22 -9.71 20.43
N ALA C 218 13.77 -10.95 20.56
CA ALA C 218 14.45 -12.08 19.90
C ALA C 218 13.86 -12.51 18.54
N ASP C 219 13.21 -11.58 17.84
CA ASP C 219 12.66 -11.88 16.53
C ASP C 219 13.74 -11.83 15.43
N TYR C 220 14.54 -12.90 15.37
CA TYR C 220 15.66 -13.00 14.44
C TYR C 220 15.21 -13.10 13.00
N HIS C 221 14.07 -13.74 12.80
CA HIS C 221 13.48 -13.79 11.47
C HIS C 221 13.29 -12.40 10.87
N TRP C 222 12.88 -11.42 11.69
CA TRP C 222 12.67 -10.05 11.21
C TRP C 222 13.99 -9.50 10.64
N THR C 223 15.07 -9.65 11.40
CA THR C 223 16.38 -9.15 10.99
C THR C 223 16.83 -9.80 9.71
N GLU C 224 16.65 -11.11 9.63
CA GLU C 224 17.03 -11.86 8.43
C GLU C 224 16.28 -11.32 7.18
N VAL C 225 14.98 -11.11 7.30
CA VAL C 225 14.22 -10.61 6.16
C VAL C 225 14.62 -9.19 5.77
N LEU C 226 14.73 -8.30 6.74
CA LEU C 226 15.08 -6.92 6.41
C LEU C 226 16.44 -6.84 5.76
N MSE C 227 17.42 -7.58 6.28
CA MSE C 227 18.76 -7.54 5.72
C MSE C 227 18.79 -8.14 4.33
O MSE C 227 19.28 -7.53 3.38
CB MSE C 227 19.76 -8.28 6.64
CG MSE C 227 20.00 -7.58 7.97
SE MSE C 227 20.73 -5.75 7.78
CE MSE C 227 22.47 -6.22 7.05
N LYS C 228 18.21 -9.33 4.18
CA LYS C 228 18.21 -10.01 2.88
C LYS C 228 17.46 -9.22 1.79
N GLN C 229 16.32 -8.62 2.16
CA GLN C 229 15.48 -7.89 1.20
C GLN C 229 15.83 -6.41 1.08
N ALA C 230 16.30 -5.77 2.14
CA ALA C 230 16.38 -4.31 2.10
C ALA C 230 17.72 -3.66 2.48
N ALA C 231 18.70 -4.47 2.88
CA ALA C 231 20.02 -3.93 3.25
C ALA C 231 20.55 -2.78 2.37
N PRO C 232 20.49 -2.92 1.04
CA PRO C 232 21.08 -1.87 0.19
C PRO C 232 20.36 -0.52 0.29
N PHE C 233 19.16 -0.48 0.86
CA PHE C 233 18.37 0.75 0.89
C PHE C 233 18.28 1.36 2.28
N MSE C 234 19.16 0.95 3.17
CA MSE C 234 19.17 1.50 4.52
C MSE C 234 20.57 1.82 5.00
O MSE C 234 21.56 1.28 4.49
CB MSE C 234 18.52 0.53 5.51
CG MSE C 234 19.38 -0.72 5.77
SE MSE C 234 18.50 -2.00 6.98
CE MSE C 234 17.11 -2.64 5.79
N HIS C 235 20.68 2.67 6.02
CA HIS C 235 21.97 2.91 6.63
C HIS C 235 21.98 2.42 8.07
N GLY C 236 20.81 2.14 8.60
CA GLY C 236 20.67 1.61 9.95
C GLY C 236 19.48 0.68 10.09
N LEU C 237 19.54 -0.22 11.06
CA LEU C 237 18.44 -1.11 11.40
C LEU C 237 18.25 -1.07 12.91
N SER C 238 17.02 -0.86 13.37
CA SER C 238 16.81 -0.72 14.81
C SER C 238 16.66 -2.07 15.54
N LEU C 239 16.57 -2.01 16.85
CA LEU C 239 16.29 -3.18 17.68
C LEU C 239 15.65 -2.62 18.94
N HIS C 240 14.65 -3.30 19.48
CA HIS C 240 13.96 -2.85 20.68
C HIS C 240 14.00 -3.93 21.74
N TYR C 241 14.45 -3.57 22.94
CA TYR C 241 14.42 -4.50 24.07
C TYR C 241 14.23 -3.81 25.42
N TYR C 242 13.11 -4.11 26.09
CA TYR C 242 12.83 -3.56 27.42
C TYR C 242 13.10 -4.59 28.53
N THR C 243 13.65 -4.11 29.64
CA THR C 243 13.86 -4.95 30.81
C THR C 243 12.61 -4.93 31.69
N VAL C 244 11.89 -6.03 31.68
CA VAL C 244 10.61 -6.14 32.39
C VAL C 244 10.69 -7.25 33.42
N PRO C 245 10.78 -6.89 34.70
CA PRO C 245 11.05 -7.91 35.74
C PRO C 245 10.01 -9.04 35.77
N GLY C 246 8.74 -8.73 36.04
CA GLY C 246 7.70 -9.75 36.09
C GLY C 246 7.02 -9.96 34.74
N PRO C 247 5.92 -10.73 34.72
CA PRO C 247 5.16 -10.93 33.48
C PRO C 247 4.56 -9.60 33.03
N TRP C 248 4.13 -9.51 31.77
CA TRP C 248 3.66 -8.23 31.25
C TRP C 248 2.47 -7.68 32.03
N GLU C 249 1.56 -8.57 32.41
CA GLU C 249 0.35 -8.19 33.13
C GLU C 249 0.64 -7.69 34.54
N LYS C 250 1.83 -8.01 35.05
CA LYS C 250 2.21 -7.61 36.39
C LYS C 250 3.73 -7.48 36.50
N LYS C 251 4.26 -6.35 36.03
CA LYS C 251 5.71 -6.18 35.89
C LYS C 251 6.46 -6.05 37.21
N GLY C 252 5.79 -5.60 38.26
CA GLY C 252 6.45 -5.32 39.52
C GLY C 252 6.71 -3.83 39.68
N PRO C 253 6.99 -3.40 40.91
CA PRO C 253 7.13 -1.96 41.23
C PRO C 253 8.55 -1.43 41.01
N ALA C 254 8.65 -0.12 40.78
CA ALA C 254 9.92 0.57 40.65
C ALA C 254 10.66 0.68 41.98
N THR C 255 9.91 0.77 43.07
CA THR C 255 10.49 0.81 44.42
C THR C 255 9.75 -0.15 45.35
N GLY C 256 10.35 -0.47 46.50
CA GLY C 256 9.73 -1.39 47.45
C GLY C 256 9.67 -2.82 46.94
N PHE C 257 10.57 -3.16 46.02
CA PHE C 257 10.60 -4.48 45.43
C PHE C 257 11.50 -5.39 46.27
N THR C 258 11.42 -6.70 46.02
CA THR C 258 12.18 -7.69 46.77
C THR C 258 13.62 -7.86 46.25
N THR C 259 14.41 -8.64 46.99
CA THR C 259 15.75 -8.98 46.57
C THR C 259 15.75 -9.88 45.34
N ASP C 260 14.79 -10.80 45.24
CA ASP C 260 14.63 -11.61 44.03
C ASP C 260 14.44 -10.71 42.80
N GLU C 261 13.58 -9.70 42.93
CA GLU C 261 13.32 -8.77 41.83
C GLU C 261 14.56 -7.96 41.45
N TRP C 262 15.48 -7.80 42.39
CA TRP C 262 16.75 -7.15 42.06
C TRP C 262 17.53 -7.97 41.04
N TRP C 263 17.72 -9.25 41.35
CA TRP C 263 18.49 -10.14 40.49
C TRP C 263 17.80 -10.36 39.15
N VAL C 264 16.51 -10.62 39.18
CA VAL C 264 15.74 -10.84 37.96
C VAL C 264 15.89 -9.66 37.01
N THR C 265 15.78 -8.45 37.54
CA THR C 265 15.93 -7.22 36.76
C THR C 265 17.30 -7.15 36.09
N LEU C 266 18.36 -7.38 36.85
CA LEU C 266 19.71 -7.26 36.28
C LEU C 266 20.00 -8.39 35.29
N LYS C 267 19.52 -9.59 35.60
CA LYS C 267 19.64 -10.72 34.68
C LYS C 267 18.97 -10.42 33.33
N LYS C 268 17.73 -9.95 33.38
CA LYS C 268 17.03 -9.59 32.15
C LYS C 268 17.70 -8.43 31.41
N ALA C 269 18.27 -7.47 32.15
CA ALA C 269 18.98 -6.39 31.49
C ALA C 269 20.16 -6.90 30.68
N LEU C 270 20.90 -7.86 31.25
CA LEU C 270 22.09 -8.39 30.61
C LEU C 270 21.78 -9.25 29.37
N PHE C 271 20.54 -9.68 29.25
CA PHE C 271 20.07 -10.38 28.06
C PHE C 271 20.31 -9.55 26.80
N MSE C 272 20.39 -8.22 26.95
CA MSE C 272 20.75 -7.36 25.83
C MSE C 272 22.00 -7.83 25.07
O MSE C 272 22.12 -7.65 23.86
CB MSE C 272 20.96 -5.92 26.32
CG MSE C 272 21.35 -4.96 25.21
SE MSE C 272 19.84 -4.57 23.98
CE MSE C 272 18.86 -3.28 25.13
N ASP C 273 22.97 -8.41 25.80
CA ASP C 273 24.22 -8.83 25.13
C ASP C 273 23.95 -9.98 24.14
N ARG C 274 23.25 -11.00 24.58
CA ARG C 274 22.84 -12.10 23.70
C ARG C 274 22.04 -11.57 22.49
N LEU C 275 21.12 -10.64 22.72
CA LEU C 275 20.31 -10.10 21.61
C LEU C 275 21.18 -9.37 20.61
N VAL C 276 22.03 -8.49 21.11
CA VAL C 276 22.88 -7.71 20.21
C VAL C 276 23.80 -8.64 19.43
N THR C 277 24.36 -9.62 20.13
CA THR C 277 25.25 -10.60 19.51
C THR C 277 24.56 -11.38 18.41
N LYS C 278 23.36 -11.86 18.70
CA LYS C 278 22.69 -12.73 17.73
C LYS C 278 22.13 -11.97 16.55
N HIS C 279 21.55 -10.78 16.78
CA HIS C 279 21.11 -9.95 15.66
C HIS C 279 22.32 -9.50 14.84
N SER C 280 23.42 -9.17 15.50
CA SER C 280 24.62 -8.77 14.76
C SER C 280 25.15 -9.91 13.91
N ALA C 281 25.10 -11.13 14.43
CA ALA C 281 25.56 -12.30 13.68
C ALA C 281 24.80 -12.47 12.38
N ILE C 282 23.48 -12.24 12.42
CA ILE C 282 22.69 -12.32 11.19
C ILE C 282 23.07 -11.18 10.26
N MSE C 283 23.28 -9.98 10.82
CA MSE C 283 23.65 -8.85 9.96
C MSE C 283 24.99 -9.06 9.25
O MSE C 283 25.15 -8.64 8.11
CB MSE C 283 23.66 -7.53 10.77
CG MSE C 283 22.28 -7.18 11.35
SE MSE C 283 22.32 -5.61 12.53
CE MSE C 283 22.53 -4.17 11.22
N ASP C 284 25.95 -9.69 9.93
CA ASP C 284 27.25 -9.99 9.32
C ASP C 284 27.13 -10.84 8.08
N VAL C 285 26.18 -11.79 8.08
CA VAL C 285 25.97 -12.68 6.94
C VAL C 285 25.66 -11.89 5.68
N TYR C 286 24.86 -10.83 5.81
CA TYR C 286 24.44 -10.03 4.65
C TYR C 286 25.25 -8.76 4.47
N ASP C 287 25.99 -8.38 5.52
CA ASP C 287 26.70 -7.11 5.52
C ASP C 287 27.99 -7.30 6.31
N PRO C 288 28.92 -8.11 5.76
CA PRO C 288 30.16 -8.45 6.48
C PRO C 288 31.04 -7.22 6.76
N ASP C 289 31.00 -6.20 5.90
CA ASP C 289 31.80 -5.01 6.14
C ASP C 289 31.22 -4.12 7.25
N LYS C 290 30.04 -4.47 7.75
CA LYS C 290 29.35 -3.68 8.79
C LYS C 290 29.00 -2.24 8.38
N ARG C 291 28.60 -2.06 7.13
CA ARG C 291 28.17 -0.74 6.66
C ARG C 291 26.96 -0.26 7.46
N ILE C 292 26.02 -1.16 7.71
CA ILE C 292 24.74 -0.81 8.35
C ILE C 292 24.81 -0.77 9.88
N ASP C 293 24.45 0.37 10.45
CA ASP C 293 24.41 0.51 11.91
C ASP C 293 23.33 -0.37 12.53
N LEU C 294 23.64 -0.94 13.69
CA LEU C 294 22.61 -1.41 14.60
C LEU C 294 22.27 -0.29 15.60
N ILE C 295 20.98 0.00 15.71
CA ILE C 295 20.48 1.14 16.47
C ILE C 295 19.46 0.62 17.45
N VAL C 296 19.79 0.68 18.74
CA VAL C 296 18.90 0.15 19.76
C VAL C 296 18.07 1.31 20.25
N ASP C 297 17.06 1.67 19.47
CA ASP C 297 16.38 2.93 19.72
C ASP C 297 15.20 2.88 20.70
N GLU C 298 15.03 1.73 21.36
CA GLU C 298 14.24 1.70 22.59
C GLU C 298 14.82 0.64 23.51
N TRP C 299 15.18 1.05 24.71
CA TRP C 299 15.64 0.13 25.76
C TRP C 299 15.39 0.78 27.11
N GLY C 300 15.49 -0.02 28.17
CA GLY C 300 15.32 0.46 29.52
C GLY C 300 14.38 -0.43 30.30
N THR C 301 14.17 -0.09 31.56
CA THR C 301 13.27 -0.88 32.40
C THR C 301 11.85 -0.38 32.19
N TRP C 302 10.91 -1.28 32.37
CA TRP C 302 9.49 -0.96 32.27
C TRP C 302 8.82 -1.65 33.45
N TYR C 303 8.31 -0.84 34.39
CA TYR C 303 7.59 -1.38 35.55
C TYR C 303 6.12 -1.03 35.48
N ASP C 304 5.35 -1.55 36.44
CA ASP C 304 3.99 -1.03 36.68
C ASP C 304 4.11 0.45 37.07
N VAL C 305 3.12 1.27 36.75
CA VAL C 305 3.21 2.69 37.08
C VAL C 305 3.11 2.90 38.61
N GLU C 306 3.55 4.07 39.07
CA GLU C 306 3.40 4.43 40.48
C GLU C 306 1.94 4.28 40.88
N PRO C 307 1.67 3.80 42.11
CA PRO C 307 0.29 3.49 42.51
C PRO C 307 -0.63 4.70 42.37
N GLY C 308 -1.81 4.45 41.82
CA GLY C 308 -2.81 5.49 41.69
C GLY C 308 -2.62 6.41 40.50
N THR C 309 -1.56 6.20 39.72
CA THR C 309 -1.35 7.04 38.53
C THR C 309 -1.93 6.38 37.28
N ASN C 310 -2.13 7.16 36.24
CA ASN C 310 -2.71 6.67 35.00
C ASN C 310 -1.76 5.70 34.28
N PRO C 311 -2.11 4.41 34.23
CA PRO C 311 -1.25 3.40 33.59
C PRO C 311 -0.84 3.78 32.16
N GLY C 312 -1.64 4.58 31.47
CA GLY C 312 -1.31 4.98 30.12
C GLY C 312 -0.18 6.00 30.05
N PHE C 313 0.12 6.64 31.18
CA PHE C 313 1.17 7.65 31.24
C PHE C 313 2.58 7.09 31.52
N LEU C 314 2.66 5.81 31.89
CA LEU C 314 3.94 5.13 32.01
C LEU C 314 4.91 5.78 33.02
N TYR C 315 4.35 6.48 34.00
CA TYR C 315 5.16 7.15 35.03
C TYR C 315 5.66 6.13 36.06
N GLN C 316 6.98 5.99 36.17
CA GLN C 316 7.56 5.09 37.15
C GLN C 316 8.73 5.77 37.83
N GLN C 317 8.97 5.40 39.07
CA GLN C 317 10.09 5.96 39.82
C GLN C 317 11.42 5.35 39.31
N ASN C 318 12.54 5.83 39.83
CA ASN C 318 13.84 5.50 39.27
C ASN C 318 14.88 5.35 40.39
N SER C 319 15.45 4.15 40.54
CA SER C 319 16.30 3.88 41.68
C SER C 319 17.71 3.44 41.31
N ILE C 320 18.48 3.02 42.31
CA ILE C 320 19.83 2.55 42.09
C ILE C 320 19.87 1.29 41.19
N ARG C 321 18.82 0.47 41.28
CA ARG C 321 18.66 -0.68 40.37
C ARG C 321 18.66 -0.24 38.90
N ASP C 322 18.01 0.90 38.63
CA ASP C 322 17.95 1.45 37.28
C ASP C 322 19.30 2.00 36.83
N ALA C 323 20.02 2.62 37.77
CA ALA C 323 21.40 3.05 37.50
C ALA C 323 22.27 1.88 37.04
N LEU C 324 22.13 0.75 37.72
CA LEU C 324 22.87 -0.45 37.34
C LEU C 324 22.44 -1.01 35.98
N VAL C 325 21.13 -1.05 35.71
CA VAL C 325 20.67 -1.50 34.39
C VAL C 325 21.29 -0.61 33.32
N ALA C 326 21.30 0.69 33.57
CA ALA C 326 21.85 1.62 32.58
C ALA C 326 23.35 1.44 32.41
N GLY C 327 24.08 1.38 33.52
CA GLY C 327 25.53 1.25 33.44
C GLY C 327 25.93 -0.02 32.72
N ALA C 328 25.32 -1.12 33.13
CA ALA C 328 25.61 -2.45 32.56
C ALA C 328 25.25 -2.51 31.07
N THR C 329 24.10 -1.95 30.72
CA THR C 329 23.66 -1.94 29.33
C THR C 329 24.56 -1.10 28.45
N LEU C 330 24.92 0.10 28.90
CA LEU C 330 25.85 0.93 28.13
C LEU C 330 27.20 0.23 27.92
N HIS C 331 27.67 -0.49 28.93
CA HIS C 331 28.91 -1.29 28.77
C HIS C 331 28.75 -2.34 27.66
N ILE C 332 27.58 -2.97 27.62
CA ILE C 332 27.29 -3.93 26.55
C ILE C 332 27.36 -3.28 25.17
N PHE C 333 26.81 -2.06 25.03
CA PHE C 333 26.91 -1.34 23.77
C PHE C 333 28.36 -1.02 23.43
N HIS C 334 29.14 -0.56 24.42
CA HIS C 334 30.58 -0.29 24.19
C HIS C 334 31.22 -1.50 23.52
N ARG C 335 31.00 -2.66 24.12
CA ARG C 335 31.63 -3.89 23.68
C ARG C 335 31.24 -4.24 22.24
N HIS C 336 30.09 -3.76 21.79
CA HIS C 336 29.64 -4.01 20.43
C HIS C 336 29.70 -2.78 19.56
N CYS C 337 30.59 -1.87 19.88
CA CYS C 337 30.64 -0.57 19.19
C CYS C 337 31.15 -0.67 17.76
N ASP C 338 31.57 -1.87 17.36
CA ASP C 338 31.89 -2.07 15.94
C ASP C 338 30.61 -2.12 15.08
N ARG C 339 29.46 -2.29 15.70
CA ARG C 339 28.21 -2.41 14.93
C ARG C 339 27.09 -1.54 15.54
N VAL C 340 26.99 -1.53 16.86
CA VAL C 340 26.03 -0.64 17.51
C VAL C 340 26.60 0.76 17.50
N ARG C 341 25.89 1.67 16.83
CA ARG C 341 26.35 3.06 16.70
C ARG C 341 25.36 4.08 17.23
N MSE C 342 24.24 3.61 17.75
CA MSE C 342 23.31 4.49 18.43
C MSE C 342 22.42 3.67 19.33
O MSE C 342 22.12 2.50 19.03
CB MSE C 342 22.45 5.26 17.41
CG MSE C 342 21.36 6.09 18.08
SE MSE C 342 20.28 7.12 16.80
CE MSE C 342 21.65 8.14 15.88
N ALA C 343 22.04 4.25 20.47
CA ALA C 343 21.03 3.68 21.34
C ALA C 343 20.21 4.84 21.92
N ASN C 344 18.96 4.57 22.29
CA ASN C 344 18.08 5.61 22.81
C ASN C 344 17.23 5.05 23.95
N ILE C 345 17.59 5.43 25.17
CA ILE C 345 16.88 4.92 26.34
C ILE C 345 15.45 5.45 26.35
N ALA C 346 14.52 4.55 26.67
CA ALA C 346 13.10 4.86 26.54
C ALA C 346 12.67 5.79 27.63
N GLN C 347 12.79 7.04 27.22
CA GLN C 347 11.99 8.18 27.52
C GLN C 347 12.59 9.18 28.49
N LEU C 348 12.83 10.35 27.91
CA LEU C 348 13.64 11.39 28.48
C LEU C 348 13.08 11.87 29.82
N VAL C 349 11.78 12.17 29.87
CA VAL C 349 11.19 12.78 31.05
C VAL C 349 9.85 12.16 31.42
N ASN C 350 9.70 11.84 32.71
CA ASN C 350 8.41 11.43 33.27
C ASN C 350 7.81 10.16 32.65
N VAL C 351 8.59 9.43 31.86
CA VAL C 351 8.07 8.24 31.18
C VAL C 351 9.09 7.10 31.18
N LEU C 352 8.71 5.96 31.73
CA LEU C 352 9.62 4.81 31.79
C LEU C 352 10.94 5.20 32.50
N GLN C 353 12.09 4.76 31.98
CA GLN C 353 13.36 4.95 32.71
C GLN C 353 13.98 6.29 32.35
N SER C 354 13.37 7.35 32.87
CA SER C 354 13.75 8.71 32.53
C SER C 354 14.97 9.18 33.30
N VAL C 355 15.71 10.10 32.71
CA VAL C 355 16.79 10.74 33.42
C VAL C 355 16.27 11.93 34.26
N ILE C 356 15.04 12.37 33.99
CA ILE C 356 14.46 13.50 34.70
C ILE C 356 12.99 13.25 35.04
N LEU C 357 12.58 13.59 36.25
CA LEU C 357 11.16 13.62 36.61
C LEU C 357 10.79 15.06 36.98
N THR C 358 9.60 15.50 36.59
CA THR C 358 9.13 16.84 36.97
C THR C 358 7.82 16.79 37.73
N GLU C 359 7.53 17.87 38.45
CA GLU C 359 6.26 18.04 39.13
C GLU C 359 5.97 19.53 39.16
N GLY C 360 5.29 20.02 38.12
CA GLY C 360 5.16 21.46 37.97
C GLY C 360 6.55 22.03 37.75
N GLU C 361 6.89 23.09 38.48
CA GLU C 361 8.17 23.74 38.24
C GLU C 361 9.31 23.04 38.97
N ARG C 362 8.98 22.02 39.75
CA ARG C 362 10.00 21.19 40.41
C ARG C 362 10.50 20.08 39.49
N MSE C 363 11.81 19.81 39.53
CA MSE C 363 12.36 18.63 38.88
C MSE C 363 13.40 17.91 39.73
O MSE C 363 13.97 18.48 40.66
CB MSE C 363 12.95 18.95 37.49
CG MSE C 363 14.07 19.94 37.46
SE MSE C 363 15.33 19.59 35.98
CE MSE C 363 16.79 18.90 37.08
N LEU C 364 13.64 16.64 39.41
CA LEU C 364 14.75 15.93 40.01
C LEU C 364 15.57 15.18 38.96
N LEU C 365 16.83 14.92 39.28
CA LEU C 365 17.70 14.08 38.45
C LEU C 365 17.67 12.67 39.04
N THR C 366 17.32 11.69 38.22
CA THR C 366 17.25 10.31 38.67
C THR C 366 18.65 9.68 38.74
N PRO C 367 18.78 8.55 39.45
CA PRO C 367 20.04 7.81 39.40
C PRO C 367 20.45 7.52 37.95
N THR C 368 19.47 7.27 37.09
CA THR C 368 19.77 7.04 35.67
C THR C 368 20.48 8.24 35.03
N TYR C 369 19.98 9.44 35.29
CA TYR C 369 20.66 10.65 34.84
C TYR C 369 22.14 10.64 35.24
N HIS C 370 22.40 10.28 36.49
CA HIS C 370 23.76 10.33 37.01
C HIS C 370 24.68 9.36 36.28
N VAL C 371 24.17 8.18 35.94
CA VAL C 371 24.99 7.29 35.10
C VAL C 371 25.34 7.92 33.75
N PHE C 372 24.33 8.43 33.05
CA PHE C 372 24.56 9.07 31.75
C PHE C 372 25.53 10.25 31.88
N ASN C 373 25.35 11.04 32.92
CA ASN C 373 26.21 12.19 33.16
C ASN C 373 27.65 11.74 33.50
N MSE C 374 27.79 10.76 34.39
CA MSE C 374 29.12 10.19 34.68
C MSE C 374 29.76 9.56 33.45
O MSE C 374 30.96 9.73 33.23
CB MSE C 374 29.05 9.15 35.79
CG MSE C 374 28.72 9.72 37.17
SE MSE C 374 28.32 8.30 38.46
CE MSE C 374 30.15 7.77 38.88
N PHE C 375 28.97 8.86 32.64
CA PHE C 375 29.50 8.08 31.49
C PHE C 375 29.74 8.92 30.25
N LYS C 376 29.39 10.21 30.30
CA LYS C 376 29.53 11.04 29.10
C LYS C 376 30.97 11.09 28.61
N VAL C 377 31.89 10.79 29.52
CA VAL C 377 33.32 10.75 29.16
C VAL C 377 33.62 9.67 28.10
N HIS C 378 32.73 8.69 27.97
CA HIS C 378 32.90 7.63 26.98
C HIS C 378 32.45 8.04 25.57
N GLN C 379 31.73 9.14 25.47
CA GLN C 379 31.22 9.61 24.17
C GLN C 379 32.34 9.89 23.18
N ASP C 380 32.28 9.24 22.02
CA ASP C 380 33.30 9.36 20.99
C ASP C 380 34.72 8.96 21.45
N ALA C 381 34.80 8.22 22.56
CA ALA C 381 36.08 7.77 23.09
C ALA C 381 36.57 6.50 22.39
N GLU C 382 37.88 6.28 22.43
CA GLU C 382 38.44 5.06 21.88
C GLU C 382 38.33 3.94 22.90
N LEU C 383 37.68 2.85 22.50
CA LEU C 383 37.51 1.73 23.40
C LEU C 383 38.86 1.02 23.56
N LEU C 384 39.25 0.76 24.80
CA LEU C 384 40.52 0.10 25.07
C LEU C 384 40.37 -1.41 25.27
N ASP C 385 41.32 -2.18 24.73
CA ASP C 385 41.35 -3.62 24.92
C ASP C 385 41.44 -3.99 26.41
N THR C 386 40.51 -4.78 26.89
CA THR C 386 40.58 -5.24 28.27
C THR C 386 40.37 -6.74 28.35
N TRP C 387 41.09 -7.39 29.24
CA TRP C 387 40.89 -8.80 29.50
C TRP C 387 40.39 -8.85 30.90
N GLU C 388 39.41 -9.71 31.19
CA GLU C 388 38.91 -9.74 32.54
C GLU C 388 38.55 -11.13 33.02
N SER C 389 38.60 -11.28 34.34
CA SER C 389 38.15 -12.49 34.99
C SER C 389 37.41 -12.02 36.24
N VAL C 390 36.09 -12.09 36.21
CA VAL C 390 35.32 -11.47 37.29
C VAL C 390 34.61 -12.49 38.15
N GLU C 391 34.50 -12.20 39.44
CA GLU C 391 33.78 -13.10 40.32
C GLU C 391 32.31 -13.07 39.98
N ARG C 392 31.58 -14.07 40.47
CA ARG C 392 30.17 -14.16 40.19
C ARG C 392 29.37 -13.65 41.39
N THR C 393 28.09 -13.40 41.17
CA THR C 393 27.22 -12.98 42.26
C THR C 393 25.80 -13.41 41.94
N GLY C 394 24.88 -13.18 42.86
CA GLY C 394 23.51 -13.60 42.69
C GLY C 394 23.29 -15.08 42.83
N PRO C 395 22.02 -15.51 42.79
CA PRO C 395 21.65 -16.92 42.87
C PRO C 395 22.44 -17.79 41.90
N GLU C 396 23.16 -18.78 42.42
CA GLU C 396 23.92 -19.70 41.58
C GLU C 396 24.98 -19.00 40.75
N GLY C 397 25.39 -17.81 41.17
CA GLY C 397 26.39 -17.05 40.44
C GLY C 397 25.93 -16.71 39.03
N GLU C 398 24.63 -16.48 38.88
CA GLU C 398 24.02 -16.23 37.58
C GLU C 398 24.44 -14.89 36.97
N LEU C 399 24.99 -14.00 37.79
CA LEU C 399 25.44 -12.69 37.31
C LEU C 399 26.94 -12.49 37.51
N PRO C 400 27.55 -11.66 36.68
CA PRO C 400 28.91 -11.21 36.99
C PRO C 400 28.82 -10.22 38.14
N LYS C 401 29.80 -10.18 39.02
CA LYS C 401 29.69 -9.29 40.16
C LYS C 401 29.97 -7.88 39.72
N VAL C 402 30.87 -7.75 38.75
CA VAL C 402 31.31 -6.47 38.26
C VAL C 402 31.27 -6.43 36.73
N SER C 403 30.93 -5.27 36.18
CA SER C 403 30.99 -5.04 34.74
C SER C 403 31.89 -3.84 34.54
N VAL C 404 32.83 -3.93 33.62
CA VAL C 404 33.89 -2.94 33.52
C VAL C 404 34.15 -2.53 32.09
N SER C 405 34.50 -1.26 31.90
CA SER C 405 34.76 -0.80 30.54
C SER C 405 35.76 0.35 30.58
N ALA C 406 36.68 0.38 29.61
CA ALA C 406 37.71 1.40 29.58
C ALA C 406 37.86 2.02 28.20
N SER C 407 38.07 3.34 28.19
CA SER C 407 38.23 4.06 26.96
C SER C 407 39.16 5.24 27.16
N ARG C 408 39.67 5.77 26.06
CA ARG C 408 40.50 6.96 26.12
C ARG C 408 39.86 8.14 25.38
N ALA C 409 39.64 9.22 26.11
CA ALA C 409 39.06 10.44 25.56
C ALA C 409 40.07 11.13 24.63
N ALA C 410 39.59 12.08 23.85
CA ALA C 410 40.41 12.76 22.85
C ALA C 410 41.56 13.56 23.49
N ASP C 411 41.39 13.95 24.74
CA ASP C 411 42.42 14.72 25.43
C ASP C 411 43.48 13.80 26.07
N GLY C 412 43.35 12.50 25.84
CA GLY C 412 44.34 11.55 26.28
C GLY C 412 44.06 10.91 27.63
N LYS C 413 43.12 11.46 28.39
CA LYS C 413 42.73 10.86 29.66
C LYS C 413 42.00 9.52 29.45
N ILE C 414 42.15 8.62 30.42
CA ILE C 414 41.57 7.30 30.33
C ILE C 414 40.49 7.18 31.38
N HIS C 415 39.33 6.65 30.98
CA HIS C 415 38.23 6.50 31.91
C HIS C 415 37.85 5.04 32.02
N ILE C 416 37.64 4.61 33.25
CA ILE C 416 37.28 3.25 33.52
C ILE C 416 36.05 3.27 34.39
N SER C 417 34.95 2.75 33.88
CA SER C 417 33.71 2.66 34.64
C SER C 417 33.49 1.23 35.10
N LEU C 418 32.91 1.09 36.28
CA LEU C 418 32.74 -0.22 36.88
C LEU C 418 31.40 -0.26 37.57
N CYS C 419 30.63 -1.32 37.32
CA CYS C 419 29.39 -1.50 38.04
C CYS C 419 29.56 -2.67 38.99
N ASN C 420 29.09 -2.51 40.23
CA ASN C 420 29.01 -3.63 41.13
C ASN C 420 27.56 -4.05 41.27
N LEU C 421 27.23 -5.21 40.71
CA LEU C 421 25.85 -5.66 40.63
C LEU C 421 25.32 -6.25 41.93
N ASP C 422 26.20 -6.45 42.90
CA ASP C 422 25.81 -7.06 44.17
C ASP C 422 25.41 -5.99 45.16
N PHE C 423 24.22 -6.09 45.72
CA PHE C 423 23.77 -5.10 46.69
C PHE C 423 24.27 -5.40 48.10
N GLU C 424 24.73 -6.63 48.30
CA GLU C 424 25.01 -7.16 49.64
C GLU C 424 26.38 -6.76 50.15
N THR C 425 27.38 -6.75 49.27
CA THR C 425 28.74 -6.44 49.69
C THR C 425 29.51 -5.72 48.60
N GLY C 426 30.68 -5.19 48.96
CA GLY C 426 31.52 -4.47 48.03
C GLY C 426 32.22 -5.45 47.09
N ALA C 427 32.96 -4.91 46.13
CA ALA C 427 33.62 -5.75 45.16
C ALA C 427 35.04 -5.27 45.02
N SER C 428 35.98 -6.20 45.21
CA SER C 428 37.37 -5.88 45.00
C SER C 428 37.69 -6.11 43.55
N VAL C 429 38.41 -5.17 42.96
CA VAL C 429 38.81 -5.28 41.58
C VAL C 429 40.26 -4.88 41.47
N ASP C 430 41.08 -5.77 40.93
CA ASP C 430 42.48 -5.47 40.71
C ASP C 430 42.68 -5.15 39.26
N ILE C 431 43.08 -3.92 38.98
CA ILE C 431 43.24 -3.49 37.60
C ILE C 431 44.70 -3.33 37.25
N GLU C 432 45.08 -3.92 36.13
CA GLU C 432 46.46 -3.90 35.69
C GLU C 432 46.55 -3.03 34.45
N LEU C 433 47.29 -1.92 34.57
CA LEU C 433 47.42 -0.95 33.49
C LEU C 433 48.68 -1.21 32.67
N ARG C 434 48.49 -1.51 31.39
CA ARG C 434 49.61 -1.83 30.52
C ARG C 434 49.65 -0.93 29.30
N GLY C 435 50.72 -1.04 28.52
CA GLY C 435 50.89 -0.28 27.30
C GLY C 435 50.81 1.22 27.53
N LEU C 436 50.90 1.61 28.80
CA LEU C 436 50.88 3.01 29.19
C LEU C 436 52.25 3.62 28.93
N ASN C 437 52.27 4.87 28.46
CA ASN C 437 53.54 5.52 28.11
C ASN C 437 54.30 6.16 29.29
N GLY C 438 53.73 6.07 30.48
CA GLY C 438 54.36 6.60 31.67
C GLY C 438 53.58 6.23 32.93
N GLY C 439 53.52 7.16 33.88
CA GLY C 439 52.75 6.95 35.09
C GLY C 439 51.45 7.72 34.97
N VAL C 440 50.50 7.42 35.85
CA VAL C 440 49.25 8.14 35.85
C VAL C 440 48.79 8.42 37.27
N SER C 441 48.06 9.52 37.43
CA SER C 441 47.36 9.79 38.68
C SER C 441 45.88 9.53 38.44
N ALA C 442 45.14 9.27 39.52
CA ALA C 442 43.77 8.87 39.36
C ALA C 442 42.86 9.53 40.36
N THR C 443 41.69 9.95 39.90
CA THR C 443 40.60 10.39 40.77
C THR C 443 39.38 9.55 40.45
N GLY C 444 38.40 9.56 41.34
CA GLY C 444 37.23 8.73 41.18
C GLY C 444 35.95 9.32 41.73
N THR C 445 34.85 8.95 41.10
CA THR C 445 33.53 9.32 41.57
C THR C 445 32.66 8.07 41.56
N THR C 446 31.76 7.96 42.53
CA THR C 446 30.93 6.78 42.63
C THR C 446 29.47 7.17 42.88
N LEU C 447 28.56 6.33 42.39
CA LEU C 447 27.13 6.51 42.62
C LEU C 447 26.59 5.27 43.31
N THR C 448 26.08 5.42 44.51
CA THR C 448 25.63 4.28 45.27
C THR C 448 24.51 4.67 46.21
N SER C 449 23.98 3.68 46.92
CA SER C 449 22.86 3.89 47.82
C SER C 449 22.98 2.90 48.98
N GLY C 450 22.22 3.15 50.05
CA GLY C 450 22.22 2.26 51.20
C GLY C 450 20.98 1.41 51.22
N ARG C 451 20.14 1.57 50.20
CA ARG C 451 18.93 0.77 50.03
C ARG C 451 18.87 0.26 48.60
N ILE C 452 18.36 -0.96 48.39
CA ILE C 452 18.29 -1.50 47.05
C ILE C 452 17.36 -0.69 46.14
N ASP C 453 16.36 -0.04 46.73
CA ASP C 453 15.46 0.78 45.94
C ASP C 453 15.69 2.27 46.15
N GLY C 454 16.91 2.64 46.56
CA GLY C 454 17.21 4.02 46.84
C GLY C 454 16.93 4.89 45.64
N HIS C 455 16.27 6.03 45.87
CA HIS C 455 15.83 6.89 44.79
C HIS C 455 15.66 8.33 45.26
N ASN C 456 15.55 9.25 44.29
CA ASN C 456 15.34 10.66 44.59
C ASN C 456 13.86 11.01 44.49
N THR C 457 13.44 11.98 45.31
CA THR C 457 12.05 12.45 45.31
C THR C 457 12.06 13.95 45.17
N PHE C 458 10.92 14.57 44.90
CA PHE C 458 10.90 16.01 44.76
C PHE C 458 11.30 16.72 46.06
N ASP C 459 10.84 16.20 47.19
CA ASP C 459 11.22 16.74 48.50
C ASP C 459 12.70 16.52 48.80
N GLU C 460 13.22 15.37 48.39
CA GLU C 460 14.62 15.03 48.61
C GLU C 460 15.27 14.61 47.29
N PRO C 461 15.57 15.60 46.44
CA PRO C 461 16.04 15.32 45.08
C PRO C 461 17.49 14.83 45.03
N GLU C 462 18.13 14.63 46.18
CA GLU C 462 19.56 14.30 46.20
C GLU C 462 19.94 13.16 47.14
N ARG C 463 18.98 12.30 47.49
CA ARG C 463 19.27 11.10 48.25
C ARG C 463 20.32 10.22 47.57
N VAL C 464 20.30 10.21 46.24
CA VAL C 464 21.21 9.35 45.48
C VAL C 464 21.88 10.14 44.38
N LYS C 465 23.17 10.38 44.53
CA LYS C 465 23.91 11.20 43.59
C LYS C 465 25.40 10.90 43.70
N PRO C 466 26.16 11.31 42.70
CA PRO C 466 27.59 11.01 42.70
C PRO C 466 28.35 11.64 43.86
N ALA C 467 29.34 10.90 44.38
CA ALA C 467 30.21 11.40 45.44
C ALA C 467 31.64 10.98 45.14
N PRO C 468 32.62 11.68 45.73
CA PRO C 468 34.03 11.33 45.52
C PRO C 468 34.25 9.87 45.92
N PHE C 469 35.03 9.16 45.12
CA PHE C 469 35.42 7.80 45.46
C PHE C 469 36.92 7.79 45.69
N ARG C 470 37.33 7.31 46.84
CA ARG C 470 38.75 7.35 47.20
C ARG C 470 39.26 6.00 47.70
N ASP C 471 38.35 5.04 47.82
CA ASP C 471 38.65 3.73 48.35
C ASP C 471 39.42 2.85 47.34
N PHE C 472 40.57 3.33 46.90
CA PHE C 472 41.42 2.57 46.00
C PHE C 472 42.91 2.93 46.22
N LYS C 473 43.79 2.23 45.54
CA LYS C 473 45.23 2.46 45.64
C LYS C 473 45.87 2.29 44.29
N LEU C 474 46.65 3.27 43.86
CA LEU C 474 47.36 3.19 42.61
C LEU C 474 48.87 3.06 42.89
N GLU C 475 49.43 1.92 42.54
CA GLU C 475 50.84 1.64 42.77
C GLU C 475 51.53 1.24 41.46
N GLY C 476 52.15 2.21 40.81
CA GLY C 476 52.79 1.97 39.53
C GLY C 476 51.77 1.66 38.47
N GLY C 477 51.55 0.37 38.22
CA GLY C 477 50.62 -0.06 37.19
C GLY C 477 49.44 -0.83 37.73
N HIS C 478 49.32 -0.91 39.05
CA HIS C 478 48.23 -1.63 39.67
C HIS C 478 47.29 -0.68 40.40
N LEU C 479 46.01 -0.76 40.04
CA LEU C 479 44.98 0.02 40.70
C LEU C 479 44.02 -0.93 41.37
N ASN C 480 44.06 -1.00 42.70
CA ASN C 480 43.16 -1.87 43.45
C ASN C 480 42.04 -1.06 44.08
N ALA C 481 40.80 -1.42 43.75
CA ALA C 481 39.64 -0.66 44.20
C ALA C 481 38.69 -1.52 45.01
N SER C 482 38.08 -0.92 46.03
CA SER C 482 37.00 -1.57 46.77
C SER C 482 35.70 -0.84 46.43
N LEU C 483 34.93 -1.41 45.51
CA LEU C 483 33.69 -0.79 45.10
C LEU C 483 32.64 -0.99 46.16
N PRO C 484 31.87 0.06 46.45
CA PRO C 484 30.76 -0.09 47.40
C PRO C 484 29.75 -1.08 46.85
N PRO C 485 28.89 -1.61 47.70
CA PRO C 485 27.77 -2.42 47.22
C PRO C 485 26.90 -1.60 46.26
N MSE C 486 26.20 -2.27 45.34
CA MSE C 486 25.27 -1.61 44.41
C MSE C 486 25.70 -0.22 43.99
O MSE C 486 25.12 0.76 44.42
CB MSE C 486 23.86 -1.54 45.01
CG MSE C 486 23.80 -0.90 46.38
SE MSE C 486 21.97 -0.91 47.04
CE MSE C 486 22.29 -1.28 48.95
N SER C 487 26.71 -0.14 43.15
CA SER C 487 27.31 1.14 42.84
C SER C 487 27.74 1.20 41.39
N VAL C 488 27.94 2.42 40.91
CA VAL C 488 28.48 2.66 39.58
C VAL C 488 29.60 3.67 39.76
N THR C 489 30.77 3.36 39.25
CA THR C 489 31.95 4.15 39.55
C THR C 489 32.69 4.49 38.29
N VAL C 490 33.22 5.70 38.20
CA VAL C 490 34.09 6.07 37.11
C VAL C 490 35.43 6.56 37.64
N LEU C 491 36.53 5.99 37.13
CA LEU C 491 37.87 6.42 37.48
C LEU C 491 38.48 7.16 36.30
N GLU C 492 39.07 8.31 36.58
CA GLU C 492 39.74 9.08 35.53
C GLU C 492 41.25 9.06 35.76
N LEU C 493 41.99 8.62 34.74
CA LEU C 493 43.43 8.50 34.81
C LEU C 493 44.07 9.55 33.94
N THR C 494 44.96 10.34 34.54
CA THR C 494 45.61 11.44 33.85
C THR C 494 47.10 11.17 33.73
N ALA C 495 47.62 11.27 32.51
CA ALA C 495 49.04 11.01 32.27
C ALA C 495 49.89 11.84 33.22
N GLY C 496 50.90 11.20 33.81
CA GLY C 496 51.79 11.86 34.75
C GLY C 496 51.19 11.95 36.14
P PO4 D . -33.84 16.27 1.17
O1 PO4 D . -34.26 15.69 2.51
O2 PO4 D . -34.77 17.41 0.79
O3 PO4 D . -32.41 16.81 1.22
O4 PO4 D . -33.90 15.18 0.12
P PO4 E . 3.13 -7.91 -0.46
O1 PO4 E . 2.77 -7.52 -1.88
O2 PO4 E . 4.14 -6.96 0.13
O3 PO4 E . 1.88 -7.95 0.39
O4 PO4 E . 3.76 -9.29 -0.47
P PO4 F . -3.56 -5.18 -29.82
O1 PO4 F . -2.66 -4.39 -30.77
O2 PO4 F . -3.58 -6.65 -30.22
O3 PO4 F . -3.08 -5.11 -28.38
O4 PO4 F . -4.97 -4.58 -29.91
P PO4 G . 2.29 29.64 23.56
O1 PO4 G . 2.90 30.18 22.30
O2 PO4 G . 1.01 28.93 23.20
O3 PO4 G . 3.19 28.71 24.30
O4 PO4 G . 1.92 30.78 24.51
#